data_8HQU
# 
_entry.id   8HQU 
# 
_audit_conform.dict_name       mmcif_pdbx.dic 
_audit_conform.dict_version    5.383 
_audit_conform.dict_location   http://mmcif.pdb.org/dictionaries/ascii/mmcif_pdbx.dic 
# 
loop_
_database_2.database_id 
_database_2.database_code 
_database_2.pdbx_database_accession 
_database_2.pdbx_DOI 
PDB   8HQU         pdb_00008hqu 10.2210/pdb8hqu/pdb 
WWPDB D_1300033504 ?            ?                   
# 
_pdbx_audit_revision_history.ordinal             1 
_pdbx_audit_revision_history.data_content_type   'Structure model' 
_pdbx_audit_revision_history.major_revision      1 
_pdbx_audit_revision_history.minor_revision      0 
_pdbx_audit_revision_history.revision_date       2023-12-27 
# 
_pdbx_audit_revision_details.ordinal             1 
_pdbx_audit_revision_details.revision_ordinal    1 
_pdbx_audit_revision_details.data_content_type   'Structure model' 
_pdbx_audit_revision_details.provider            repository 
_pdbx_audit_revision_details.type                'Initial release' 
_pdbx_audit_revision_details.description         ? 
_pdbx_audit_revision_details.details             ? 
# 
_pdbx_database_status.status_code                     REL 
_pdbx_database_status.status_code_sf                  REL 
_pdbx_database_status.status_code_mr                  ? 
_pdbx_database_status.entry_id                        8HQU 
_pdbx_database_status.recvd_initial_deposition_date   2022-12-14 
_pdbx_database_status.SG_entry                        N 
_pdbx_database_status.deposit_site                    PDBJ 
_pdbx_database_status.process_site                    PDBJ 
_pdbx_database_status.status_code_cs                  ? 
_pdbx_database_status.status_code_nmr_data            ? 
_pdbx_database_status.methods_development_category    ? 
_pdbx_database_status.pdb_format_compatible           Y 
# 
_pdbx_contact_author.id                 2 
_pdbx_contact_author.email              ccw1124@mail.ustc.edu.cn 
_pdbx_contact_author.name_first         Chenchen 
_pdbx_contact_author.name_last          Wang 
_pdbx_contact_author.name_mi            ? 
_pdbx_contact_author.role               'principal investigator/group leader' 
_pdbx_contact_author.identifier_ORCID   0000-0002-3618-1670 
# 
_audit_author.name               'Wang, C.C.' 
_audit_author.pdbx_ordinal       1 
_audit_author.identifier_ORCID   0000-0002-3618-1670 
# 
_citation.abstract                  ? 
_citation.abstract_id_CAS           ? 
_citation.book_id_ISBN              ? 
_citation.book_publisher            ? 
_citation.book_publisher_city       ? 
_citation.book_title                ? 
_citation.coordinate_linkage        ? 
_citation.country                   ? 
_citation.database_id_Medline       ? 
_citation.details                   ? 
_citation.id                        primary 
_citation.journal_abbrev            'To Be Published' 
_citation.journal_id_ASTM           ? 
_citation.journal_id_CSD            0353 
_citation.journal_id_ISSN           ? 
_citation.journal_full              ? 
_citation.journal_issue             ? 
_citation.journal_volume            ? 
_citation.language                  ? 
_citation.page_first                ? 
_citation.page_last                 ? 
_citation.title                     'Structural insights into the major sperm protein domain of SCS2 from saccharomyces cerevisiae' 
_citation.year                      ? 
_citation.database_id_CSD           ? 
_citation.pdbx_database_id_DOI      ? 
_citation.pdbx_database_id_PubMed   ? 
_citation.pdbx_database_id_patent   ? 
_citation.unpublished_flag          ? 
# 
loop_
_citation_author.citation_id 
_citation_author.name 
_citation_author.ordinal 
_citation_author.identifier_ORCID 
primary 'Xu, T.'     1 ?                   
primary 'Wang, C.C.' 2 0000-0002-3618-1670 
# 
loop_
_entity.id 
_entity.type 
_entity.src_method 
_entity.pdbx_description 
_entity.formula_weight 
_entity.pdbx_number_of_molecules 
_entity.pdbx_ec 
_entity.pdbx_mutation 
_entity.pdbx_fragment 
_entity.details 
1 polymer man 'Vesicle-associated membrane protein-associated protein SCS2' 15124.235 1  ? ? ? ? 
2 water   nat water                                                         18.015    66 ? ? ? ? 
# 
_entity_name_com.entity_id   1 
_entity_name_com.name        'VAMP-associated protein SCS2,Choline sensitivity suppressor protein 2,VAP homolog 1' 
# 
_entity_poly.entity_id                      1 
_entity_poly.type                           'polypeptide(L)' 
_entity_poly.nstd_linkage                   no 
_entity_poly.nstd_monomer                   no 
_entity_poly.pdbx_seq_one_letter_code       
;MGSSHHHHHHMSAVEISPDVLVYKSPLTEQSTEYASISNNSDQTIAFKVKTTAPKFYCVRPNAAVVAPGETIQVQVIFLG
LTEEPAADFKCRDKFLVITLPSPYDLNGKAVADVWSDLEAEFKQQAISKKIKVKYL
;
_entity_poly.pdbx_seq_one_letter_code_can   
;MGSSHHHHHHMSAVEISPDVLVYKSPLTEQSTEYASISNNSDQTIAFKVKTTAPKFYCVRPNAAVVAPGETIQVQVIFLG
LTEEPAADFKCRDKFLVITLPSPYDLNGKAVADVWSDLEAEFKQQAISKKIKVKYL
;
_entity_poly.pdbx_strand_id                 A 
_entity_poly.pdbx_target_identifier         ? 
# 
_pdbx_entity_nonpoly.entity_id   2 
_pdbx_entity_nonpoly.name        water 
_pdbx_entity_nonpoly.comp_id     HOH 
# 
loop_
_entity_poly_seq.entity_id 
_entity_poly_seq.num 
_entity_poly_seq.mon_id 
_entity_poly_seq.hetero 
1 1   MET n 
1 2   GLY n 
1 3   SER n 
1 4   SER n 
1 5   HIS n 
1 6   HIS n 
1 7   HIS n 
1 8   HIS n 
1 9   HIS n 
1 10  HIS n 
1 11  MET n 
1 12  SER n 
1 13  ALA n 
1 14  VAL n 
1 15  GLU n 
1 16  ILE n 
1 17  SER n 
1 18  PRO n 
1 19  ASP n 
1 20  VAL n 
1 21  LEU n 
1 22  VAL n 
1 23  TYR n 
1 24  LYS n 
1 25  SER n 
1 26  PRO n 
1 27  LEU n 
1 28  THR n 
1 29  GLU n 
1 30  GLN n 
1 31  SER n 
1 32  THR n 
1 33  GLU n 
1 34  TYR n 
1 35  ALA n 
1 36  SER n 
1 37  ILE n 
1 38  SER n 
1 39  ASN n 
1 40  ASN n 
1 41  SER n 
1 42  ASP n 
1 43  GLN n 
1 44  THR n 
1 45  ILE n 
1 46  ALA n 
1 47  PHE n 
1 48  LYS n 
1 49  VAL n 
1 50  LYS n 
1 51  THR n 
1 52  THR n 
1 53  ALA n 
1 54  PRO n 
1 55  LYS n 
1 56  PHE n 
1 57  TYR n 
1 58  CYS n 
1 59  VAL n 
1 60  ARG n 
1 61  PRO n 
1 62  ASN n 
1 63  ALA n 
1 64  ALA n 
1 65  VAL n 
1 66  VAL n 
1 67  ALA n 
1 68  PRO n 
1 69  GLY n 
1 70  GLU n 
1 71  THR n 
1 72  ILE n 
1 73  GLN n 
1 74  VAL n 
1 75  GLN n 
1 76  VAL n 
1 77  ILE n 
1 78  PHE n 
1 79  LEU n 
1 80  GLY n 
1 81  LEU n 
1 82  THR n 
1 83  GLU n 
1 84  GLU n 
1 85  PRO n 
1 86  ALA n 
1 87  ALA n 
1 88  ASP n 
1 89  PHE n 
1 90  LYS n 
1 91  CYS n 
1 92  ARG n 
1 93  ASP n 
1 94  LYS n 
1 95  PHE n 
1 96  LEU n 
1 97  VAL n 
1 98  ILE n 
1 99  THR n 
1 100 LEU n 
1 101 PRO n 
1 102 SER n 
1 103 PRO n 
1 104 TYR n 
1 105 ASP n 
1 106 LEU n 
1 107 ASN n 
1 108 GLY n 
1 109 LYS n 
1 110 ALA n 
1 111 VAL n 
1 112 ALA n 
1 113 ASP n 
1 114 VAL n 
1 115 TRP n 
1 116 SER n 
1 117 ASP n 
1 118 LEU n 
1 119 GLU n 
1 120 ALA n 
1 121 GLU n 
1 122 PHE n 
1 123 LYS n 
1 124 GLN n 
1 125 GLN n 
1 126 ALA n 
1 127 ILE n 
1 128 SER n 
1 129 LYS n 
1 130 LYS n 
1 131 ILE n 
1 132 LYS n 
1 133 VAL n 
1 134 LYS n 
1 135 TYR n 
1 136 LEU n 
# 
_entity_src_gen.entity_id                          1 
_entity_src_gen.pdbx_src_id                        1 
_entity_src_gen.pdbx_alt_source_flag               sample 
_entity_src_gen.pdbx_seq_type                      'Biological sequence' 
_entity_src_gen.pdbx_beg_seq_num                   1 
_entity_src_gen.pdbx_end_seq_num                   136 
_entity_src_gen.gene_src_common_name               
;baker's yeast
;
_entity_src_gen.gene_src_genus                     ? 
_entity_src_gen.pdbx_gene_src_gene                 'SCS2, YER120W' 
_entity_src_gen.gene_src_species                   ? 
_entity_src_gen.gene_src_strain                    ? 
_entity_src_gen.gene_src_tissue                    ? 
_entity_src_gen.gene_src_tissue_fraction           ? 
_entity_src_gen.gene_src_details                   ? 
_entity_src_gen.pdbx_gene_src_fragment             ? 
_entity_src_gen.pdbx_gene_src_scientific_name      'Saccharomyces cerevisiae' 
_entity_src_gen.pdbx_gene_src_ncbi_taxonomy_id     4932 
_entity_src_gen.pdbx_gene_src_variant              ? 
_entity_src_gen.pdbx_gene_src_cell_line            ? 
_entity_src_gen.pdbx_gene_src_atcc                 ? 
_entity_src_gen.pdbx_gene_src_organ                ? 
_entity_src_gen.pdbx_gene_src_organelle            ? 
_entity_src_gen.pdbx_gene_src_cell                 ? 
_entity_src_gen.pdbx_gene_src_cellular_location    ? 
_entity_src_gen.host_org_common_name               ? 
_entity_src_gen.pdbx_host_org_scientific_name      'Escherichia coli' 
_entity_src_gen.pdbx_host_org_ncbi_taxonomy_id     562 
_entity_src_gen.host_org_genus                     ? 
_entity_src_gen.pdbx_host_org_gene                 ? 
_entity_src_gen.pdbx_host_org_organ                ? 
_entity_src_gen.host_org_species                   ? 
_entity_src_gen.pdbx_host_org_tissue               ? 
_entity_src_gen.pdbx_host_org_tissue_fraction      ? 
_entity_src_gen.pdbx_host_org_strain               ? 
_entity_src_gen.pdbx_host_org_variant              ? 
_entity_src_gen.pdbx_host_org_cell_line            ? 
_entity_src_gen.pdbx_host_org_atcc                 ? 
_entity_src_gen.pdbx_host_org_culture_collection   ? 
_entity_src_gen.pdbx_host_org_cell                 ? 
_entity_src_gen.pdbx_host_org_organelle            ? 
_entity_src_gen.pdbx_host_org_cellular_location    ? 
_entity_src_gen.pdbx_host_org_vector_type          ? 
_entity_src_gen.pdbx_host_org_vector               ? 
_entity_src_gen.host_org_details                   ? 
_entity_src_gen.expression_system_id               ? 
_entity_src_gen.plasmid_name                       ? 
_entity_src_gen.plasmid_details                    ? 
_entity_src_gen.pdbx_description                   ? 
# 
loop_
_chem_comp.id 
_chem_comp.type 
_chem_comp.mon_nstd_flag 
_chem_comp.name 
_chem_comp.pdbx_synonyms 
_chem_comp.formula 
_chem_comp.formula_weight 
ALA 'L-peptide linking' y ALANINE         ? 'C3 H7 N O2'     89.093  
ARG 'L-peptide linking' y ARGININE        ? 'C6 H15 N4 O2 1' 175.209 
ASN 'L-peptide linking' y ASPARAGINE      ? 'C4 H8 N2 O3'    132.118 
ASP 'L-peptide linking' y 'ASPARTIC ACID' ? 'C4 H7 N O4'     133.103 
CYS 'L-peptide linking' y CYSTEINE        ? 'C3 H7 N O2 S'   121.158 
GLN 'L-peptide linking' y GLUTAMINE       ? 'C5 H10 N2 O3'   146.144 
GLU 'L-peptide linking' y 'GLUTAMIC ACID' ? 'C5 H9 N O4'     147.129 
GLY 'peptide linking'   y GLYCINE         ? 'C2 H5 N O2'     75.067  
HIS 'L-peptide linking' y HISTIDINE       ? 'C6 H10 N3 O2 1' 156.162 
HOH non-polymer         . WATER           ? 'H2 O'           18.015  
ILE 'L-peptide linking' y ISOLEUCINE      ? 'C6 H13 N O2'    131.173 
LEU 'L-peptide linking' y LEUCINE         ? 'C6 H13 N O2'    131.173 
LYS 'L-peptide linking' y LYSINE          ? 'C6 H15 N2 O2 1' 147.195 
MET 'L-peptide linking' y METHIONINE      ? 'C5 H11 N O2 S'  149.211 
PHE 'L-peptide linking' y PHENYLALANINE   ? 'C9 H11 N O2'    165.189 
PRO 'L-peptide linking' y PROLINE         ? 'C5 H9 N O2'     115.130 
SER 'L-peptide linking' y SERINE          ? 'C3 H7 N O3'     105.093 
THR 'L-peptide linking' y THREONINE       ? 'C4 H9 N O3'     119.119 
TRP 'L-peptide linking' y TRYPTOPHAN      ? 'C11 H12 N2 O2'  204.225 
TYR 'L-peptide linking' y TYROSINE        ? 'C9 H11 N O3'    181.189 
VAL 'L-peptide linking' y VALINE          ? 'C5 H11 N O2'    117.146 
# 
loop_
_pdbx_poly_seq_scheme.asym_id 
_pdbx_poly_seq_scheme.entity_id 
_pdbx_poly_seq_scheme.seq_id 
_pdbx_poly_seq_scheme.mon_id 
_pdbx_poly_seq_scheme.ndb_seq_num 
_pdbx_poly_seq_scheme.pdb_seq_num 
_pdbx_poly_seq_scheme.auth_seq_num 
_pdbx_poly_seq_scheme.pdb_mon_id 
_pdbx_poly_seq_scheme.auth_mon_id 
_pdbx_poly_seq_scheme.pdb_strand_id 
_pdbx_poly_seq_scheme.pdb_ins_code 
_pdbx_poly_seq_scheme.hetero 
A 1 1   MET 1   -9  ?   ?   ?   A . n 
A 1 2   GLY 2   -8  ?   ?   ?   A . n 
A 1 3   SER 3   -7  ?   ?   ?   A . n 
A 1 4   SER 4   -6  ?   ?   ?   A . n 
A 1 5   HIS 5   -5  ?   ?   ?   A . n 
A 1 6   HIS 6   -4  ?   ?   ?   A . n 
A 1 7   HIS 7   -3  ?   ?   ?   A . n 
A 1 8   HIS 8   -2  ?   ?   ?   A . n 
A 1 9   HIS 9   -1  ?   ?   ?   A . n 
A 1 10  HIS 10  0   ?   ?   ?   A . n 
A 1 11  MET 11  1   ?   ?   ?   A . n 
A 1 12  SER 12  2   ?   ?   ?   A . n 
A 1 13  ALA 13  3   3   ALA ALA A . n 
A 1 14  VAL 14  4   4   VAL VAL A . n 
A 1 15  GLU 15  5   5   GLU GLU A . n 
A 1 16  ILE 16  6   6   ILE ILE A . n 
A 1 17  SER 17  7   7   SER SER A . n 
A 1 18  PRO 18  8   8   PRO PRO A . n 
A 1 19  ASP 19  9   9   ASP ASP A . n 
A 1 20  VAL 20  10  10  VAL VAL A . n 
A 1 21  LEU 21  11  11  LEU LEU A . n 
A 1 22  VAL 22  12  12  VAL VAL A . n 
A 1 23  TYR 23  13  13  TYR TYR A . n 
A 1 24  LYS 24  14  14  LYS LYS A . n 
A 1 25  SER 25  15  15  SER SER A . n 
A 1 26  PRO 26  16  16  PRO PRO A . n 
A 1 27  LEU 27  17  17  LEU LEU A . n 
A 1 28  THR 28  18  18  THR THR A . n 
A 1 29  GLU 29  19  19  GLU GLU A . n 
A 1 30  GLN 30  20  20  GLN GLN A . n 
A 1 31  SER 31  21  21  SER SER A . n 
A 1 32  THR 32  22  22  THR THR A . n 
A 1 33  GLU 33  23  23  GLU GLU A . n 
A 1 34  TYR 34  24  24  TYR TYR A . n 
A 1 35  ALA 35  25  25  ALA ALA A . n 
A 1 36  SER 36  26  26  SER SER A . n 
A 1 37  ILE 37  27  27  ILE ILE A . n 
A 1 38  SER 38  28  28  SER SER A . n 
A 1 39  ASN 39  29  29  ASN ASN A . n 
A 1 40  ASN 40  30  30  ASN ASN A . n 
A 1 41  SER 41  31  31  SER SER A . n 
A 1 42  ASP 42  32  32  ASP ASP A . n 
A 1 43  GLN 43  33  33  GLN GLN A . n 
A 1 44  THR 44  34  34  THR THR A . n 
A 1 45  ILE 45  35  35  ILE ILE A . n 
A 1 46  ALA 46  36  36  ALA ALA A . n 
A 1 47  PHE 47  37  37  PHE PHE A . n 
A 1 48  LYS 48  38  38  LYS LYS A . n 
A 1 49  VAL 49  39  39  VAL VAL A . n 
A 1 50  LYS 50  40  40  LYS LYS A . n 
A 1 51  THR 51  41  41  THR THR A . n 
A 1 52  THR 52  42  42  THR THR A . n 
A 1 53  ALA 53  43  43  ALA ALA A . n 
A 1 54  PRO 54  44  44  PRO PRO A . n 
A 1 55  LYS 55  45  45  LYS LYS A . n 
A 1 56  PHE 56  46  46  PHE PHE A . n 
A 1 57  TYR 57  47  47  TYR TYR A . n 
A 1 58  CYS 58  48  48  CYS CYS A . n 
A 1 59  VAL 59  49  49  VAL VAL A . n 
A 1 60  ARG 60  50  50  ARG ARG A . n 
A 1 61  PRO 61  51  51  PRO PRO A . n 
A 1 62  ASN 62  52  52  ASN ASN A . n 
A 1 63  ALA 63  53  53  ALA ALA A . n 
A 1 64  ALA 64  54  54  ALA ALA A . n 
A 1 65  VAL 65  55  55  VAL VAL A . n 
A 1 66  VAL 66  56  56  VAL VAL A . n 
A 1 67  ALA 67  57  57  ALA ALA A . n 
A 1 68  PRO 68  58  58  PRO PRO A . n 
A 1 69  GLY 69  59  59  GLY GLY A . n 
A 1 70  GLU 70  60  60  GLU GLU A . n 
A 1 71  THR 71  61  61  THR THR A . n 
A 1 72  ILE 72  62  62  ILE ILE A . n 
A 1 73  GLN 73  63  63  GLN GLN A . n 
A 1 74  VAL 74  64  64  VAL VAL A . n 
A 1 75  GLN 75  65  65  GLN GLN A . n 
A 1 76  VAL 76  66  66  VAL VAL A . n 
A 1 77  ILE 77  67  67  ILE ILE A . n 
A 1 78  PHE 78  68  68  PHE PHE A . n 
A 1 79  LEU 79  69  69  LEU LEU A . n 
A 1 80  GLY 80  70  70  GLY GLY A . n 
A 1 81  LEU 81  71  71  LEU LEU A . n 
A 1 82  THR 82  72  72  THR THR A . n 
A 1 83  GLU 83  73  73  GLU GLU A . n 
A 1 84  GLU 84  74  74  GLU GLU A . n 
A 1 85  PRO 85  75  75  PRO PRO A . n 
A 1 86  ALA 86  76  76  ALA ALA A . n 
A 1 87  ALA 87  77  77  ALA ALA A . n 
A 1 88  ASP 88  78  78  ASP ASP A . n 
A 1 89  PHE 89  79  79  PHE PHE A . n 
A 1 90  LYS 90  80  80  LYS LYS A . n 
A 1 91  CYS 91  81  81  CYS CYS A . n 
A 1 92  ARG 92  82  82  ARG ARG A . n 
A 1 93  ASP 93  83  83  ASP ASP A . n 
A 1 94  LYS 94  84  84  LYS LYS A . n 
A 1 95  PHE 95  85  85  PHE PHE A . n 
A 1 96  LEU 96  86  86  LEU LEU A . n 
A 1 97  VAL 97  87  87  VAL VAL A . n 
A 1 98  ILE 98  88  88  ILE ILE A . n 
A 1 99  THR 99  89  89  THR THR A . n 
A 1 100 LEU 100 90  90  LEU LEU A . n 
A 1 101 PRO 101 91  91  PRO PRO A . n 
A 1 102 SER 102 92  92  SER SER A . n 
A 1 103 PRO 103 93  93  PRO PRO A . n 
A 1 104 TYR 104 94  94  TYR TYR A . n 
A 1 105 ASP 105 95  95  ASP ASP A . n 
A 1 106 LEU 106 96  96  LEU LEU A . n 
A 1 107 ASN 107 97  97  ASN ASN A . n 
A 1 108 GLY 108 98  98  GLY GLY A . n 
A 1 109 LYS 109 99  99  LYS LYS A . n 
A 1 110 ALA 110 100 100 ALA ALA A . n 
A 1 111 VAL 111 101 101 VAL VAL A . n 
A 1 112 ALA 112 102 102 ALA ALA A . n 
A 1 113 ASP 113 103 103 ASP ASP A . n 
A 1 114 VAL 114 104 104 VAL VAL A . n 
A 1 115 TRP 115 105 105 TRP TRP A . n 
A 1 116 SER 116 106 106 SER SER A . n 
A 1 117 ASP 117 107 107 ASP ASP A . n 
A 1 118 LEU 118 108 108 LEU LEU A . n 
A 1 119 GLU 119 109 109 GLU GLU A . n 
A 1 120 ALA 120 110 110 ALA ALA A . n 
A 1 121 GLU 121 111 111 GLU GLU A . n 
A 1 122 PHE 122 112 112 PHE PHE A . n 
A 1 123 LYS 123 113 113 LYS LYS A . n 
A 1 124 GLN 124 114 114 GLN GLN A . n 
A 1 125 GLN 125 115 115 GLN GLN A . n 
A 1 126 ALA 126 116 116 ALA ALA A . n 
A 1 127 ILE 127 117 117 ILE ILE A . n 
A 1 128 SER 128 118 118 SER SER A . n 
A 1 129 LYS 129 119 119 LYS LYS A . n 
A 1 130 LYS 130 120 120 LYS LYS A . n 
A 1 131 ILE 131 121 121 ILE ILE A . n 
A 1 132 LYS 132 122 122 LYS LYS A . n 
A 1 133 VAL 133 123 123 VAL VAL A . n 
A 1 134 LYS 134 124 124 LYS LYS A . n 
A 1 135 TYR 135 125 125 TYR TYR A . n 
A 1 136 LEU 136 126 126 LEU LEU A . n 
# 
loop_
_pdbx_nonpoly_scheme.asym_id 
_pdbx_nonpoly_scheme.entity_id 
_pdbx_nonpoly_scheme.mon_id 
_pdbx_nonpoly_scheme.ndb_seq_num 
_pdbx_nonpoly_scheme.pdb_seq_num 
_pdbx_nonpoly_scheme.auth_seq_num 
_pdbx_nonpoly_scheme.pdb_mon_id 
_pdbx_nonpoly_scheme.auth_mon_id 
_pdbx_nonpoly_scheme.pdb_strand_id 
_pdbx_nonpoly_scheme.pdb_ins_code 
B 2 HOH 1  201 51 HOH HOH A . 
B 2 HOH 2  202 17 HOH HOH A . 
B 2 HOH 3  203 44 HOH HOH A . 
B 2 HOH 4  204 38 HOH HOH A . 
B 2 HOH 5  205 9  HOH HOH A . 
B 2 HOH 6  206 53 HOH HOH A . 
B 2 HOH 7  207 18 HOH HOH A . 
B 2 HOH 8  208 34 HOH HOH A . 
B 2 HOH 9  209 4  HOH HOH A . 
B 2 HOH 10 210 59 HOH HOH A . 
B 2 HOH 11 211 13 HOH HOH A . 
B 2 HOH 12 212 52 HOH HOH A . 
B 2 HOH 13 213 56 HOH HOH A . 
B 2 HOH 14 214 55 HOH HOH A . 
B 2 HOH 15 215 41 HOH HOH A . 
B 2 HOH 16 216 35 HOH HOH A . 
B 2 HOH 17 217 1  HOH HOH A . 
B 2 HOH 18 218 14 HOH HOH A . 
B 2 HOH 19 219 33 HOH HOH A . 
B 2 HOH 20 220 22 HOH HOH A . 
B 2 HOH 21 221 26 HOH HOH A . 
B 2 HOH 22 222 43 HOH HOH A . 
B 2 HOH 23 223 30 HOH HOH A . 
B 2 HOH 24 224 21 HOH HOH A . 
B 2 HOH 25 225 12 HOH HOH A . 
B 2 HOH 26 226 29 HOH HOH A . 
B 2 HOH 27 227 2  HOH HOH A . 
B 2 HOH 28 228 61 HOH HOH A . 
B 2 HOH 29 229 23 HOH HOH A . 
B 2 HOH 30 230 16 HOH HOH A . 
B 2 HOH 31 231 28 HOH HOH A . 
B 2 HOH 32 232 36 HOH HOH A . 
B 2 HOH 33 233 15 HOH HOH A . 
B 2 HOH 34 234 8  HOH HOH A . 
B 2 HOH 35 235 63 HOH HOH A . 
B 2 HOH 36 236 50 HOH HOH A . 
B 2 HOH 37 237 7  HOH HOH A . 
B 2 HOH 38 238 62 HOH HOH A . 
B 2 HOH 39 239 19 HOH HOH A . 
B 2 HOH 40 240 25 HOH HOH A . 
B 2 HOH 41 241 60 HOH HOH A . 
B 2 HOH 42 242 37 HOH HOH A . 
B 2 HOH 43 243 39 HOH HOH A . 
B 2 HOH 44 244 48 HOH HOH A . 
B 2 HOH 45 245 27 HOH HOH A . 
B 2 HOH 46 246 5  HOH HOH A . 
B 2 HOH 47 247 6  HOH HOH A . 
B 2 HOH 48 248 58 HOH HOH A . 
B 2 HOH 49 249 3  HOH HOH A . 
B 2 HOH 50 250 31 HOH HOH A . 
B 2 HOH 51 251 45 HOH HOH A . 
B 2 HOH 52 252 40 HOH HOH A . 
B 2 HOH 53 253 66 HOH HOH A . 
B 2 HOH 54 254 11 HOH HOH A . 
B 2 HOH 55 255 42 HOH HOH A . 
B 2 HOH 56 256 10 HOH HOH A . 
B 2 HOH 57 257 54 HOH HOH A . 
B 2 HOH 58 258 57 HOH HOH A . 
B 2 HOH 59 259 47 HOH HOH A . 
B 2 HOH 60 260 49 HOH HOH A . 
B 2 HOH 61 261 32 HOH HOH A . 
B 2 HOH 62 262 64 HOH HOH A . 
B 2 HOH 63 263 65 HOH HOH A . 
B 2 HOH 64 264 24 HOH HOH A . 
B 2 HOH 65 265 20 HOH HOH A . 
B 2 HOH 66 266 46 HOH HOH A . 
# 
loop_
_software.citation_id 
_software.classification 
_software.compiler_name 
_software.compiler_version 
_software.contact_author 
_software.contact_author_email 
_software.date 
_software.description 
_software.dependencies 
_software.hardware 
_software.language 
_software.location 
_software.mods 
_software.name 
_software.os 
_software.os_version 
_software.type 
_software.version 
_software.pdbx_ordinal 
? 'model building' ? ? ? ? ? ? ? ? ? ? ? Coot    ? ? ? .        1 
? refinement       ? ? ? ? ? ? ? ? ? ? ? PHENIX  ? ? ? dev_4778 2 
? 'data reduction' ? ? ? ? ? ? ? ? ? ? ? XDS     ? ? ? .        3 
? 'data scaling'   ? ? ? ? ? ? ? ? ? ? ? Aimless ? ? ? .        4 
? phasing          ? ? ? ? ? ? ? ? ? ? ? PHASER  ? ? ? .        5 
# 
_cell.angle_alpha                  90.000 
_cell.angle_alpha_esd              ? 
_cell.angle_beta                   90.000 
_cell.angle_beta_esd               ? 
_cell.angle_gamma                  120.000 
_cell.angle_gamma_esd              ? 
_cell.entry_id                     8HQU 
_cell.details                      ? 
_cell.formula_units_Z              ? 
_cell.length_a                     68.507 
_cell.length_a_esd                 ? 
_cell.length_b                     68.507 
_cell.length_b_esd                 ? 
_cell.length_c                     56.237 
_cell.length_c_esd                 ? 
_cell.volume                       228571.815 
_cell.volume_esd                   ? 
_cell.Z_PDB                        6 
_cell.reciprocal_angle_alpha       ? 
_cell.reciprocal_angle_beta        ? 
_cell.reciprocal_angle_gamma       ? 
_cell.reciprocal_angle_alpha_esd   ? 
_cell.reciprocal_angle_beta_esd    ? 
_cell.reciprocal_angle_gamma_esd   ? 
_cell.reciprocal_length_a          ? 
_cell.reciprocal_length_b          ? 
_cell.reciprocal_length_c          ? 
_cell.reciprocal_length_a_esd      ? 
_cell.reciprocal_length_b_esd      ? 
_cell.reciprocal_length_c_esd      ? 
_cell.pdbx_unique_axis             ? 
_cell.pdbx_esd_method              ? 
# 
_symmetry.entry_id                         8HQU 
_symmetry.cell_setting                     ? 
_symmetry.Int_Tables_number                154 
_symmetry.space_group_name_Hall            
;P 32 2"
;
_symmetry.space_group_name_H-M             'P 32 2 1' 
_symmetry.pdbx_full_space_group_name_H-M   ? 
# 
_exptl.absorpt_coefficient_mu     ? 
_exptl.absorpt_correction_T_max   ? 
_exptl.absorpt_correction_T_min   ? 
_exptl.absorpt_correction_type    ? 
_exptl.absorpt_process_details    ? 
_exptl.entry_id                   8HQU 
_exptl.crystals_number            1 
_exptl.details                    ? 
_exptl.method                     'X-RAY DIFFRACTION' 
_exptl.method_details             ? 
# 
_exptl_crystal.colour                       ? 
_exptl_crystal.density_diffrn               ? 
_exptl_crystal.density_Matthews             2.78 
_exptl_crystal.density_method               ? 
_exptl_crystal.density_percent_sol          55.72 
_exptl_crystal.description                  ? 
_exptl_crystal.F_000                        ? 
_exptl_crystal.id                           1 
_exptl_crystal.preparation                  ? 
_exptl_crystal.size_max                     ? 
_exptl_crystal.size_mid                     ? 
_exptl_crystal.size_min                     ? 
_exptl_crystal.size_rad                     ? 
_exptl_crystal.colour_lustre                ? 
_exptl_crystal.colour_modifier              ? 
_exptl_crystal.colour_primary               ? 
_exptl_crystal.density_meas                 ? 
_exptl_crystal.density_meas_esd             ? 
_exptl_crystal.density_meas_gt              ? 
_exptl_crystal.density_meas_lt              ? 
_exptl_crystal.density_meas_temp            ? 
_exptl_crystal.density_meas_temp_esd        ? 
_exptl_crystal.density_meas_temp_gt         ? 
_exptl_crystal.density_meas_temp_lt         ? 
_exptl_crystal.pdbx_crystal_image_url       ? 
_exptl_crystal.pdbx_crystal_image_format    ? 
_exptl_crystal.pdbx_mosaicity               ? 
_exptl_crystal.pdbx_mosaicity_esd           ? 
_exptl_crystal.pdbx_mosaic_method           ? 
_exptl_crystal.pdbx_mosaic_block_size       ? 
_exptl_crystal.pdbx_mosaic_block_size_esd   ? 
# 
_exptl_crystal_grow.apparatus       ? 
_exptl_crystal_grow.atmosphere      ? 
_exptl_crystal_grow.crystal_id      1 
_exptl_crystal_grow.details         ? 
_exptl_crystal_grow.method          'VAPOR DIFFUSION, SITTING DROP' 
_exptl_crystal_grow.method_ref      ? 
_exptl_crystal_grow.pH              ? 
_exptl_crystal_grow.pressure        ? 
_exptl_crystal_grow.pressure_esd    ? 
_exptl_crystal_grow.seeding         ? 
_exptl_crystal_grow.seeding_ref     ? 
_exptl_crystal_grow.temp_details    ? 
_exptl_crystal_grow.temp_esd        ? 
_exptl_crystal_grow.time            ? 
_exptl_crystal_grow.pdbx_details    '25% PEG 3350, 0.1 mM tris-bis (pH 5.5)' 
_exptl_crystal_grow.pdbx_pH_range   ? 
_exptl_crystal_grow.temp            289.15 
# 
_diffrn.ambient_environment              ? 
_diffrn.ambient_temp                     100 
_diffrn.ambient_temp_details             ? 
_diffrn.ambient_temp_esd                 ? 
_diffrn.crystal_id                       1 
_diffrn.crystal_support                  ? 
_diffrn.crystal_treatment                ? 
_diffrn.details                          ? 
_diffrn.id                               1 
_diffrn.ambient_pressure                 ? 
_diffrn.ambient_pressure_esd             ? 
_diffrn.ambient_pressure_gt              ? 
_diffrn.ambient_pressure_lt              ? 
_diffrn.ambient_temp_gt                  ? 
_diffrn.ambient_temp_lt                  ? 
_diffrn.pdbx_serial_crystal_experiment   N 
# 
_diffrn_detector.details                      ? 
_diffrn_detector.detector                     PIXEL 
_diffrn_detector.diffrn_id                    1 
_diffrn_detector.type                         'DECTRIS PILATUS 6M' 
_diffrn_detector.area_resol_mean              ? 
_diffrn_detector.dtime                        ? 
_diffrn_detector.pdbx_frames_total            ? 
_diffrn_detector.pdbx_collection_time_total   ? 
_diffrn_detector.pdbx_collection_date         2019-11-10 
_diffrn_detector.pdbx_frequency               ? 
# 
_diffrn_radiation.collimation                      ? 
_diffrn_radiation.diffrn_id                        1 
_diffrn_radiation.filter_edge                      ? 
_diffrn_radiation.inhomogeneity                    ? 
_diffrn_radiation.monochromator                    ? 
_diffrn_radiation.polarisn_norm                    ? 
_diffrn_radiation.polarisn_ratio                   ? 
_diffrn_radiation.probe                            ? 
_diffrn_radiation.type                             ? 
_diffrn_radiation.xray_symbol                      ? 
_diffrn_radiation.wavelength_id                    1 
_diffrn_radiation.pdbx_monochromatic_or_laue_m_l   M 
_diffrn_radiation.pdbx_wavelength_list             ? 
_diffrn_radiation.pdbx_wavelength                  ? 
_diffrn_radiation.pdbx_diffrn_protocol             'SINGLE WAVELENGTH' 
_diffrn_radiation.pdbx_analyzer                    ? 
_diffrn_radiation.pdbx_scattering_type             x-ray 
# 
_diffrn_radiation_wavelength.id           1 
_diffrn_radiation_wavelength.wavelength   0.978530 
_diffrn_radiation_wavelength.wt           1.0 
# 
_diffrn_source.current                     ? 
_diffrn_source.details                     ? 
_diffrn_source.diffrn_id                   1 
_diffrn_source.power                       ? 
_diffrn_source.size                        ? 
_diffrn_source.source                      SYNCHROTRON 
_diffrn_source.target                      ? 
_diffrn_source.type                        'SSRF BEAMLINE BL19U1' 
_diffrn_source.voltage                     ? 
_diffrn_source.take-off_angle              ? 
_diffrn_source.pdbx_wavelength_list        0.978530 
_diffrn_source.pdbx_wavelength             ? 
_diffrn_source.pdbx_synchrotron_beamline   BL19U1 
_diffrn_source.pdbx_synchrotron_site       SSRF 
# 
_reflns.B_iso_Wilson_estimate                          38.34 
_reflns.entry_id                                       8HQU 
_reflns.data_reduction_details                         ? 
_reflns.data_reduction_method                          ? 
_reflns.d_resolution_high                              2.0 
_reflns.d_resolution_low                               50 
_reflns.details                                        ? 
_reflns.limit_h_max                                    ? 
_reflns.limit_h_min                                    ? 
_reflns.limit_k_max                                    ? 
_reflns.limit_k_min                                    ? 
_reflns.limit_l_max                                    ? 
_reflns.limit_l_min                                    ? 
_reflns.number_all                                     ? 
_reflns.number_obs                                     10613 
_reflns.observed_criterion                             ? 
_reflns.observed_criterion_F_max                       ? 
_reflns.observed_criterion_F_min                       ? 
_reflns.observed_criterion_I_max                       ? 
_reflns.observed_criterion_I_min                       ? 
_reflns.observed_criterion_sigma_F                     ? 
_reflns.observed_criterion_sigma_I                     ? 
_reflns.percent_possible_obs                           99.88 
_reflns.R_free_details                                 ? 
_reflns.Rmerge_F_all                                   ? 
_reflns.Rmerge_F_obs                                   ? 
_reflns.Friedel_coverage                               ? 
_reflns.number_gt                                      ? 
_reflns.threshold_expression                           ? 
_reflns.pdbx_redundancy                                19.3 
_reflns.pdbx_netI_over_av_sigmaI                       ? 
_reflns.pdbx_netI_over_sigmaI                          28.32 
_reflns.pdbx_res_netI_over_av_sigmaI_2                 ? 
_reflns.pdbx_res_netI_over_sigmaI_2                    ? 
_reflns.pdbx_chi_squared                               ? 
_reflns.pdbx_scaling_rejects                           ? 
_reflns.pdbx_d_res_high_opt                            ? 
_reflns.pdbx_d_res_low_opt                             ? 
_reflns.pdbx_d_res_opt_method                          ? 
_reflns.phase_calculation_details                      ? 
_reflns.pdbx_Rrim_I_all                                0.0787 
_reflns.pdbx_Rpim_I_all                                0.0179 
_reflns.pdbx_d_opt                                     ? 
_reflns.pdbx_number_measured_all                       ? 
_reflns.pdbx_diffrn_id                                 1 
_reflns.pdbx_ordinal                                   1 
_reflns.pdbx_CC_half                                   1 
_reflns.pdbx_CC_star                                   1 
_reflns.pdbx_R_split                                   ? 
_reflns.pdbx_Rmerge_I_obs                              0.0766 
_reflns.pdbx_Rmerge_I_all                              ? 
_reflns.pdbx_Rsym_value                                ? 
_reflns.pdbx_CC_split_method                           ? 
_reflns.pdbx_aniso_diffraction_limit_axis_1_ortho[1]   ? 
_reflns.pdbx_aniso_diffraction_limit_axis_1_ortho[2]   ? 
_reflns.pdbx_aniso_diffraction_limit_axis_1_ortho[3]   ? 
_reflns.pdbx_aniso_diffraction_limit_axis_2_ortho[1]   ? 
_reflns.pdbx_aniso_diffraction_limit_axis_2_ortho[2]   ? 
_reflns.pdbx_aniso_diffraction_limit_axis_2_ortho[3]   ? 
_reflns.pdbx_aniso_diffraction_limit_axis_3_ortho[1]   ? 
_reflns.pdbx_aniso_diffraction_limit_axis_3_ortho[2]   ? 
_reflns.pdbx_aniso_diffraction_limit_axis_3_ortho[3]   ? 
_reflns.pdbx_aniso_diffraction_limit_1                 ? 
_reflns.pdbx_aniso_diffraction_limit_2                 ? 
_reflns.pdbx_aniso_diffraction_limit_3                 ? 
_reflns.pdbx_aniso_B_tensor_eigenvector_1_ortho[1]     ? 
_reflns.pdbx_aniso_B_tensor_eigenvector_1_ortho[2]     ? 
_reflns.pdbx_aniso_B_tensor_eigenvector_1_ortho[3]     ? 
_reflns.pdbx_aniso_B_tensor_eigenvector_2_ortho[1]     ? 
_reflns.pdbx_aniso_B_tensor_eigenvector_2_ortho[2]     ? 
_reflns.pdbx_aniso_B_tensor_eigenvector_2_ortho[3]     ? 
_reflns.pdbx_aniso_B_tensor_eigenvector_3_ortho[1]     ? 
_reflns.pdbx_aniso_B_tensor_eigenvector_3_ortho[2]     ? 
_reflns.pdbx_aniso_B_tensor_eigenvector_3_ortho[3]     ? 
_reflns.pdbx_aniso_B_tensor_eigenvalue_1               ? 
_reflns.pdbx_aniso_B_tensor_eigenvalue_2               ? 
_reflns.pdbx_aniso_B_tensor_eigenvalue_3               ? 
_reflns.pdbx_orthogonalization_convention              ? 
_reflns.pdbx_percent_possible_ellipsoidal              ? 
_reflns.pdbx_percent_possible_spherical                ? 
_reflns.pdbx_percent_possible_ellipsoidal_anomalous    ? 
_reflns.pdbx_percent_possible_spherical_anomalous      ? 
_reflns.pdbx_redundancy_anomalous                      ? 
_reflns.pdbx_CC_half_anomalous                         ? 
_reflns.pdbx_absDiff_over_sigma_anomalous              ? 
_reflns.pdbx_percent_possible_anomalous                ? 
_reflns.pdbx_observed_signal_threshold                 ? 
_reflns.pdbx_signal_type                               ? 
_reflns.pdbx_signal_details                            ? 
_reflns.pdbx_signal_software_id                        ? 
# 
_reflns_shell.d_res_high                                    2.0 
_reflns_shell.d_res_low                                     2.2 
_reflns_shell.meanI_over_sigI_all                           ? 
_reflns_shell.meanI_over_sigI_obs                           3.38 
_reflns_shell.number_measured_all                           ? 
_reflns_shell.number_measured_obs                           ? 
_reflns_shell.number_possible                               ? 
_reflns_shell.number_unique_all                             ? 
_reflns_shell.number_unique_obs                             2607 
_reflns_shell.percent_possible_obs                          ? 
_reflns_shell.Rmerge_F_all                                  ? 
_reflns_shell.Rmerge_F_obs                                  ? 
_reflns_shell.meanI_over_sigI_gt                            ? 
_reflns_shell.meanI_over_uI_all                             ? 
_reflns_shell.meanI_over_uI_gt                              ? 
_reflns_shell.number_measured_gt                            ? 
_reflns_shell.number_unique_gt                              ? 
_reflns_shell.percent_possible_gt                           ? 
_reflns_shell.Rmerge_F_gt                                   ? 
_reflns_shell.Rmerge_I_gt                                   ? 
_reflns_shell.pdbx_redundancy                               19.5 
_reflns_shell.pdbx_chi_squared                              ? 
_reflns_shell.pdbx_netI_over_sigmaI_all                     ? 
_reflns_shell.pdbx_netI_over_sigmaI_obs                     ? 
_reflns_shell.pdbx_Rrim_I_all                               0.9915 
_reflns_shell.pdbx_Rpim_I_all                               0.2236 
_reflns_shell.pdbx_rejects                                  ? 
_reflns_shell.pdbx_ordinal                                  1 
_reflns_shell.pdbx_diffrn_id                                1 
_reflns_shell.pdbx_CC_half                                  0.94 
_reflns_shell.pdbx_CC_star                                  0.98 
_reflns_shell.pdbx_R_split                                  ? 
_reflns_shell.percent_possible_all                          99.81 
_reflns_shell.Rmerge_I_all                                  ? 
_reflns_shell.Rmerge_I_obs                                  0.9656 
_reflns_shell.pdbx_Rsym_value                               ? 
_reflns_shell.pdbx_percent_possible_ellipsoidal             ? 
_reflns_shell.pdbx_percent_possible_spherical               ? 
_reflns_shell.pdbx_percent_possible_ellipsoidal_anomalous   ? 
_reflns_shell.pdbx_percent_possible_spherical_anomalous     ? 
_reflns_shell.pdbx_redundancy_anomalous                     ? 
_reflns_shell.pdbx_CC_half_anomalous                        ? 
_reflns_shell.pdbx_absDiff_over_sigma_anomalous             ? 
_reflns_shell.pdbx_percent_possible_anomalous               ? 
# 
_refine.aniso_B[1][1]                            ? 
_refine.aniso_B[1][2]                            ? 
_refine.aniso_B[1][3]                            ? 
_refine.aniso_B[2][2]                            ? 
_refine.aniso_B[2][3]                            ? 
_refine.aniso_B[3][3]                            ? 
_refine.B_iso_max                                ? 
_refine.B_iso_mean                               46.69 
_refine.B_iso_min                                ? 
_refine.correlation_coeff_Fo_to_Fc               ? 
_refine.correlation_coeff_Fo_to_Fc_free          ? 
_refine.details                                  ? 
_refine.diff_density_max                         ? 
_refine.diff_density_max_esd                     ? 
_refine.diff_density_min                         ? 
_refine.diff_density_min_esd                     ? 
_refine.diff_density_rms                         ? 
_refine.diff_density_rms_esd                     ? 
_refine.entry_id                                 8HQU 
_refine.pdbx_refine_id                           'X-RAY DIFFRACTION' 
_refine.ls_abs_structure_details                 ? 
_refine.ls_abs_structure_Flack                   ? 
_refine.ls_abs_structure_Flack_esd               ? 
_refine.ls_abs_structure_Rogers                  ? 
_refine.ls_abs_structure_Rogers_esd              ? 
_refine.ls_d_res_high                            2.00 
_refine.ls_d_res_low                             40.81 
_refine.ls_extinction_coef                       ? 
_refine.ls_extinction_coef_esd                   ? 
_refine.ls_extinction_expression                 ? 
_refine.ls_extinction_method                     ? 
_refine.ls_goodness_of_fit_all                   ? 
_refine.ls_goodness_of_fit_all_esd               ? 
_refine.ls_goodness_of_fit_obs                   ? 
_refine.ls_goodness_of_fit_obs_esd               ? 
_refine.ls_hydrogen_treatment                    ? 
_refine.ls_matrix_type                           ? 
_refine.ls_number_constraints                    ? 
_refine.ls_number_parameters                     ? 
_refine.ls_number_reflns_all                     ? 
_refine.ls_number_reflns_obs                     10613 
_refine.ls_number_reflns_R_free                  491 
_refine.ls_number_reflns_R_work                  10124 
_refine.ls_number_restraints                     ? 
_refine.ls_percent_reflns_obs                    99.90 
_refine.ls_percent_reflns_R_free                 4.63 
_refine.ls_R_factor_all                          ? 
_refine.ls_R_factor_obs                          0.2195 
_refine.ls_R_factor_R_free                       0.2554 
_refine.ls_R_factor_R_free_error                 ? 
_refine.ls_R_factor_R_free_error_details         ? 
_refine.ls_R_factor_R_work                       0.2177 
_refine.ls_R_Fsqd_factor_obs                     ? 
_refine.ls_R_I_factor_obs                        ? 
_refine.ls_redundancy_reflns_all                 ? 
_refine.ls_redundancy_reflns_obs                 ? 
_refine.ls_restrained_S_all                      ? 
_refine.ls_restrained_S_obs                      ? 
_refine.ls_shift_over_esd_max                    ? 
_refine.ls_shift_over_esd_mean                   ? 
_refine.ls_structure_factor_coef                 ? 
_refine.ls_weighting_details                     ? 
_refine.ls_weighting_scheme                      ? 
_refine.ls_wR_factor_all                         ? 
_refine.ls_wR_factor_obs                         ? 
_refine.ls_wR_factor_R_free                      ? 
_refine.ls_wR_factor_R_work                      ? 
_refine.occupancy_max                            ? 
_refine.occupancy_min                            ? 
_refine.solvent_model_details                    'FLAT BULK SOLVENT MODEL' 
_refine.solvent_model_param_bsol                 ? 
_refine.solvent_model_param_ksol                 ? 
_refine.pdbx_R_complete                          ? 
_refine.ls_R_factor_gt                           ? 
_refine.ls_goodness_of_fit_gt                    ? 
_refine.ls_goodness_of_fit_ref                   ? 
_refine.ls_shift_over_su_max                     ? 
_refine.ls_shift_over_su_max_lt                  ? 
_refine.ls_shift_over_su_mean                    ? 
_refine.ls_shift_over_su_mean_lt                 ? 
_refine.pdbx_ls_sigma_I                          ? 
_refine.pdbx_ls_sigma_F                          1.36 
_refine.pdbx_ls_sigma_Fsqd                       ? 
_refine.pdbx_data_cutoff_high_absF               ? 
_refine.pdbx_data_cutoff_high_rms_absF           ? 
_refine.pdbx_data_cutoff_low_absF                ? 
_refine.pdbx_isotropic_thermal_model             ? 
_refine.pdbx_ls_cross_valid_method               'FREE R-VALUE' 
_refine.pdbx_method_to_determine_struct          'MOLECULAR REPLACEMENT' 
_refine.pdbx_starting_model                      AlphaFold 
_refine.pdbx_stereochemistry_target_values       'GeoStd + Monomer Library + CDL v1.2' 
_refine.pdbx_R_Free_selection_details            ? 
_refine.pdbx_stereochem_target_val_spec_case     ? 
_refine.pdbx_overall_ESU_R                       ? 
_refine.pdbx_overall_ESU_R_Free                  ? 
_refine.pdbx_solvent_vdw_probe_radii             1.1000 
_refine.pdbx_solvent_ion_probe_radii             ? 
_refine.pdbx_solvent_shrinkage_radii             0.9000 
_refine.pdbx_real_space_R                        ? 
_refine.pdbx_density_correlation                 ? 
_refine.pdbx_pd_number_of_powder_patterns        ? 
_refine.pdbx_pd_number_of_points                 ? 
_refine.pdbx_pd_meas_number_of_points            ? 
_refine.pdbx_pd_proc_ls_prof_R_factor            ? 
_refine.pdbx_pd_proc_ls_prof_wR_factor           ? 
_refine.pdbx_pd_Marquardt_correlation_coeff      ? 
_refine.pdbx_pd_Fsqrd_R_factor                   ? 
_refine.pdbx_pd_ls_matrix_band_width             ? 
_refine.pdbx_overall_phase_error                 32.9958 
_refine.pdbx_overall_SU_R_free_Cruickshank_DPI   ? 
_refine.pdbx_overall_SU_R_free_Blow_DPI          ? 
_refine.pdbx_overall_SU_R_Blow_DPI               ? 
_refine.pdbx_TLS_residual_ADP_flag               ? 
_refine.pdbx_diffrn_id                           1 
_refine.overall_SU_B                             ? 
_refine.overall_SU_ML                            0.2243 
_refine.overall_SU_R_Cruickshank_DPI             ? 
_refine.overall_SU_R_free                        ? 
_refine.overall_FOM_free_R_set                   ? 
_refine.overall_FOM_work_R_set                   ? 
_refine.pdbx_average_fsc_overall                 ? 
_refine.pdbx_average_fsc_work                    ? 
_refine.pdbx_average_fsc_free                    ? 
# 
_refine_hist.pdbx_refine_id                   'X-RAY DIFFRACTION' 
_refine_hist.cycle_id                         LAST 
_refine_hist.details                          ? 
_refine_hist.d_res_high                       2.00 
_refine_hist.d_res_low                        40.81 
_refine_hist.number_atoms_solvent             66 
_refine_hist.number_atoms_total               1032 
_refine_hist.number_reflns_all                ? 
_refine_hist.number_reflns_obs                ? 
_refine_hist.number_reflns_R_free             ? 
_refine_hist.number_reflns_R_work             ? 
_refine_hist.R_factor_all                     ? 
_refine_hist.R_factor_obs                     ? 
_refine_hist.R_factor_R_free                  ? 
_refine_hist.R_factor_R_work                  ? 
_refine_hist.pdbx_number_residues_total       ? 
_refine_hist.pdbx_B_iso_mean_ligand           ? 
_refine_hist.pdbx_B_iso_mean_solvent          ? 
_refine_hist.pdbx_number_atoms_protein        966 
_refine_hist.pdbx_number_atoms_nucleic_acid   0 
_refine_hist.pdbx_number_atoms_ligand         0 
_refine_hist.pdbx_number_atoms_lipid          ? 
_refine_hist.pdbx_number_atoms_carb           ? 
_refine_hist.pdbx_pseudo_atom_details         ? 
# 
loop_
_refine_ls_restr.pdbx_refine_id 
_refine_ls_restr.criterion 
_refine_ls_restr.dev_ideal 
_refine_ls_restr.dev_ideal_target 
_refine_ls_restr.number 
_refine_ls_restr.rejects 
_refine_ls_restr.type 
_refine_ls_restr.weight 
_refine_ls_restr.pdbx_restraint_function 
'X-RAY DIFFRACTION' ? 0.0037  ? 986  ? f_bond_d           ? ? 
'X-RAY DIFFRACTION' ? 0.7829  ? 1342 ? f_angle_d          ? ? 
'X-RAY DIFFRACTION' ? 0.0528  ? 159  ? f_chiral_restr     ? ? 
'X-RAY DIFFRACTION' ? 0.0046  ? 170  ? f_plane_restr      ? ? 
'X-RAY DIFFRACTION' ? 15.1816 ? 364  ? f_dihedral_angle_d ? ? 
# 
loop_
_refine_ls_shell.pdbx_refine_id 
_refine_ls_shell.d_res_high 
_refine_ls_shell.d_res_low 
_refine_ls_shell.number_reflns_all 
_refine_ls_shell.number_reflns_obs 
_refine_ls_shell.number_reflns_R_free 
_refine_ls_shell.number_reflns_R_work 
_refine_ls_shell.percent_reflns_obs 
_refine_ls_shell.percent_reflns_R_free 
_refine_ls_shell.R_factor_all 
_refine_ls_shell.R_factor_obs 
_refine_ls_shell.R_factor_R_free_error 
_refine_ls_shell.R_factor_R_work 
_refine_ls_shell.redundancy_reflns_all 
_refine_ls_shell.redundancy_reflns_obs 
_refine_ls_shell.wR_factor_all 
_refine_ls_shell.wR_factor_obs 
_refine_ls_shell.wR_factor_R_free 
_refine_ls_shell.wR_factor_R_work 
_refine_ls_shell.pdbx_R_complete 
_refine_ls_shell.pdbx_total_number_of_bins_used 
_refine_ls_shell.pdbx_phase_error 
_refine_ls_shell.pdbx_fsc_work 
_refine_ls_shell.pdbx_fsc_free 
_refine_ls_shell.R_factor_R_free 
'X-RAY DIFFRACTION' 2.00 2.20  . . 131 2477 99.85  . . . . 0.2871 . . . . . . . . . . . 0.3239 
'X-RAY DIFFRACTION' 2.20 2.52  . . 95  2512 99.77  . . . . 0.2415 . . . . . . . . . . . 0.3240 
'X-RAY DIFFRACTION' 2.52 3.17  . . 133 2513 100.00 . . . . 0.2585 . . . . . . . . . . . 0.2877 
'X-RAY DIFFRACTION' 3.18 40.81 . . 132 2622 99.96  . . . . 0.1893 . . . . . . . . . . . 0.2230 
# 
_struct.entry_id                     8HQU 
_struct.title                        'Crystal structure of the major sperm protein domain of SCS2 from saccharomyces cerevisiae' 
_struct.pdbx_model_details           ? 
_struct.pdbx_formula_weight          ? 
_struct.pdbx_formula_weight_method   ? 
_struct.pdbx_model_type_details      ? 
_struct.pdbx_CASP_flag               N 
# 
_struct_keywords.entry_id        8HQU 
_struct_keywords.text            'MSP (Major sperm protein) domain, CELL ADHESION' 
_struct_keywords.pdbx_keywords   'CELL ADHESION' 
# 
loop_
_struct_asym.id 
_struct_asym.pdbx_blank_PDB_chainid_flag 
_struct_asym.pdbx_modified 
_struct_asym.entity_id 
_struct_asym.details 
A N N 1 ? 
B N N 2 ? 
# 
_struct_ref.id                         1 
_struct_ref.db_name                    UNP 
_struct_ref.db_code                    SCS2_YEAST 
_struct_ref.pdbx_db_accession          P40075 
_struct_ref.pdbx_db_isoform            ? 
_struct_ref.entity_id                  1 
_struct_ref.pdbx_seq_one_letter_code   
;MSAVEISPDVLVYKSPLTEQSTEYASISNNSDQTIAFKVKTTAPKFYCVRPNAAVVAPGETIQVQVIFLGLTEEPAADFK
CRDKFLVITLPSPYDLNGKAVADVWSDLEAEFKQQAISKKIKVKYL
;
_struct_ref.pdbx_align_begin           1 
# 
_struct_ref_seq.align_id                      1 
_struct_ref_seq.ref_id                        1 
_struct_ref_seq.pdbx_PDB_id_code              8HQU 
_struct_ref_seq.pdbx_strand_id                A 
_struct_ref_seq.seq_align_beg                 11 
_struct_ref_seq.pdbx_seq_align_beg_ins_code   ? 
_struct_ref_seq.seq_align_end                 136 
_struct_ref_seq.pdbx_seq_align_end_ins_code   ? 
_struct_ref_seq.pdbx_db_accession             P40075 
_struct_ref_seq.db_align_beg                  1 
_struct_ref_seq.pdbx_db_align_beg_ins_code    ? 
_struct_ref_seq.db_align_end                  126 
_struct_ref_seq.pdbx_db_align_end_ins_code    ? 
_struct_ref_seq.pdbx_auth_seq_align_beg       1 
_struct_ref_seq.pdbx_auth_seq_align_end       126 
# 
loop_
_struct_ref_seq_dif.align_id 
_struct_ref_seq_dif.pdbx_pdb_id_code 
_struct_ref_seq_dif.mon_id 
_struct_ref_seq_dif.pdbx_pdb_strand_id 
_struct_ref_seq_dif.seq_num 
_struct_ref_seq_dif.pdbx_pdb_ins_code 
_struct_ref_seq_dif.pdbx_seq_db_name 
_struct_ref_seq_dif.pdbx_seq_db_accession_code 
_struct_ref_seq_dif.db_mon_id 
_struct_ref_seq_dif.pdbx_seq_db_seq_num 
_struct_ref_seq_dif.details 
_struct_ref_seq_dif.pdbx_auth_seq_num 
_struct_ref_seq_dif.pdbx_ordinal 
1 8HQU MET A 1  ? UNP P40075 ? ? 'initiating methionine' -9 1  
1 8HQU GLY A 2  ? UNP P40075 ? ? 'expression tag'        -8 2  
1 8HQU SER A 3  ? UNP P40075 ? ? 'expression tag'        -7 3  
1 8HQU SER A 4  ? UNP P40075 ? ? 'expression tag'        -6 4  
1 8HQU HIS A 5  ? UNP P40075 ? ? 'expression tag'        -5 5  
1 8HQU HIS A 6  ? UNP P40075 ? ? 'expression tag'        -4 6  
1 8HQU HIS A 7  ? UNP P40075 ? ? 'expression tag'        -3 7  
1 8HQU HIS A 8  ? UNP P40075 ? ? 'expression tag'        -2 8  
1 8HQU HIS A 9  ? UNP P40075 ? ? 'expression tag'        -1 9  
1 8HQU HIS A 10 ? UNP P40075 ? ? 'expression tag'        0  10 
# 
_pdbx_struct_assembly.id                   1 
_pdbx_struct_assembly.details              author_defined_assembly 
_pdbx_struct_assembly.method_details       ? 
_pdbx_struct_assembly.oligomeric_details   monomeric 
_pdbx_struct_assembly.oligomeric_count     1 
# 
loop_
_pdbx_struct_assembly_prop.biol_id 
_pdbx_struct_assembly_prop.type 
_pdbx_struct_assembly_prop.value 
_pdbx_struct_assembly_prop.details 
1 'ABSA (A^2)' 0    ? 
1 MORE         0    ? 
1 'SSA (A^2)'  7300 ? 
# 
_pdbx_struct_assembly_gen.assembly_id       1 
_pdbx_struct_assembly_gen.oper_expression   1 
_pdbx_struct_assembly_gen.asym_id_list      A,B 
# 
_pdbx_struct_assembly_auth_evidence.id                     1 
_pdbx_struct_assembly_auth_evidence.assembly_id            1 
_pdbx_struct_assembly_auth_evidence.experimental_support   'gel filtration' 
_pdbx_struct_assembly_auth_evidence.details                ? 
# 
_pdbx_struct_oper_list.id                   1 
_pdbx_struct_oper_list.type                 'identity operation' 
_pdbx_struct_oper_list.name                 1_555 
_pdbx_struct_oper_list.symmetry_operation   x,y,z 
_pdbx_struct_oper_list.matrix[1][1]         1.0000000000 
_pdbx_struct_oper_list.matrix[1][2]         0.0000000000 
_pdbx_struct_oper_list.matrix[1][3]         0.0000000000 
_pdbx_struct_oper_list.vector[1]            0.0000000000 
_pdbx_struct_oper_list.matrix[2][1]         0.0000000000 
_pdbx_struct_oper_list.matrix[2][2]         1.0000000000 
_pdbx_struct_oper_list.matrix[2][3]         0.0000000000 
_pdbx_struct_oper_list.vector[2]            0.0000000000 
_pdbx_struct_oper_list.matrix[3][1]         0.0000000000 
_pdbx_struct_oper_list.matrix[3][2]         0.0000000000 
_pdbx_struct_oper_list.matrix[3][3]         1.0000000000 
_pdbx_struct_oper_list.vector[3]            0.0000000000 
# 
loop_
_struct_conf.conf_type_id 
_struct_conf.id 
_struct_conf.pdbx_PDB_helix_id 
_struct_conf.beg_label_comp_id 
_struct_conf.beg_label_asym_id 
_struct_conf.beg_label_seq_id 
_struct_conf.pdbx_beg_PDB_ins_code 
_struct_conf.end_label_comp_id 
_struct_conf.end_label_asym_id 
_struct_conf.end_label_seq_id 
_struct_conf.pdbx_end_PDB_ins_code 
_struct_conf.beg_auth_comp_id 
_struct_conf.beg_auth_asym_id 
_struct_conf.beg_auth_seq_id 
_struct_conf.end_auth_comp_id 
_struct_conf.end_auth_asym_id 
_struct_conf.end_auth_seq_id 
_struct_conf.pdbx_PDB_helix_class 
_struct_conf.details 
_struct_conf.pdbx_PDB_helix_length 
HELX_P HELX_P1 AA1 ALA A 110 ? LYS A 123 ? ALA A 100 LYS A 113 1 ? 14 
HELX_P HELX_P2 AA2 GLN A 124 ? ALA A 126 ? GLN A 114 ALA A 116 5 ? 3  
# 
_struct_conf_type.id          HELX_P 
_struct_conf_type.criteria    ? 
_struct_conf_type.reference   ? 
# 
loop_
_struct_mon_prot_cis.pdbx_id 
_struct_mon_prot_cis.label_comp_id 
_struct_mon_prot_cis.label_seq_id 
_struct_mon_prot_cis.label_asym_id 
_struct_mon_prot_cis.label_alt_id 
_struct_mon_prot_cis.pdbx_PDB_ins_code 
_struct_mon_prot_cis.auth_comp_id 
_struct_mon_prot_cis.auth_seq_id 
_struct_mon_prot_cis.auth_asym_id 
_struct_mon_prot_cis.pdbx_label_comp_id_2 
_struct_mon_prot_cis.pdbx_label_seq_id_2 
_struct_mon_prot_cis.pdbx_label_asym_id_2 
_struct_mon_prot_cis.pdbx_PDB_ins_code_2 
_struct_mon_prot_cis.pdbx_auth_comp_id_2 
_struct_mon_prot_cis.pdbx_auth_seq_id_2 
_struct_mon_prot_cis.pdbx_auth_asym_id_2 
_struct_mon_prot_cis.pdbx_PDB_model_num 
_struct_mon_prot_cis.pdbx_omega_angle 
1 SER 17 A . ? SER 7  A PRO 18 A ? PRO 8  A 1 -2.09 
2 SER 25 A . ? SER 15 A PRO 26 A ? PRO 16 A 1 2.85  
3 ARG 60 A . ? ARG 50 A PRO 61 A ? PRO 51 A 1 -4.21 
# 
loop_
_struct_sheet.id 
_struct_sheet.type 
_struct_sheet.number_strands 
_struct_sheet.details 
AA1 ? 4 ? 
AA2 ? 5 ? 
# 
loop_
_struct_sheet_order.sheet_id 
_struct_sheet_order.range_id_1 
_struct_sheet_order.range_id_2 
_struct_sheet_order.offset 
_struct_sheet_order.sense 
AA1 1 2 ? anti-parallel 
AA1 2 3 ? anti-parallel 
AA1 3 4 ? anti-parallel 
AA2 1 2 ? parallel      
AA2 2 3 ? anti-parallel 
AA2 3 4 ? anti-parallel 
AA2 4 5 ? anti-parallel 
# 
loop_
_struct_sheet_range.sheet_id 
_struct_sheet_range.id 
_struct_sheet_range.beg_label_comp_id 
_struct_sheet_range.beg_label_asym_id 
_struct_sheet_range.beg_label_seq_id 
_struct_sheet_range.pdbx_beg_PDB_ins_code 
_struct_sheet_range.end_label_comp_id 
_struct_sheet_range.end_label_asym_id 
_struct_sheet_range.end_label_seq_id 
_struct_sheet_range.pdbx_end_PDB_ins_code 
_struct_sheet_range.beg_auth_comp_id 
_struct_sheet_range.beg_auth_asym_id 
_struct_sheet_range.beg_auth_seq_id 
_struct_sheet_range.end_auth_comp_id 
_struct_sheet_range.end_auth_asym_id 
_struct_sheet_range.end_auth_seq_id 
AA1 1 VAL A 14  ? SER A 17  ? VAL A 4   SER A 7   
AA1 2 SER A 31  ? ASN A 39  ? SER A 21  ASN A 29  
AA1 3 THR A 71  ? PHE A 78  ? THR A 61  PHE A 68  
AA1 4 TYR A 57  ? ARG A 60  ? TYR A 47  ARG A 50  
AA2 1 VAL A 20  ? LYS A 24  ? VAL A 10  LYS A 14  
AA2 2 ILE A 127 ? LEU A 136 ? ILE A 117 LEU A 126 
AA2 3 LYS A 94  ? PRO A 101 ? LYS A 84  PRO A 91  
AA2 4 ILE A 45  ? THR A 51  ? ILE A 35  THR A 41  
AA2 5 ALA A 63  ? VAL A 66  ? ALA A 53  VAL A 56  
# 
loop_
_pdbx_struct_sheet_hbond.sheet_id 
_pdbx_struct_sheet_hbond.range_id_1 
_pdbx_struct_sheet_hbond.range_id_2 
_pdbx_struct_sheet_hbond.range_1_label_atom_id 
_pdbx_struct_sheet_hbond.range_1_label_comp_id 
_pdbx_struct_sheet_hbond.range_1_label_asym_id 
_pdbx_struct_sheet_hbond.range_1_label_seq_id 
_pdbx_struct_sheet_hbond.range_1_PDB_ins_code 
_pdbx_struct_sheet_hbond.range_1_auth_atom_id 
_pdbx_struct_sheet_hbond.range_1_auth_comp_id 
_pdbx_struct_sheet_hbond.range_1_auth_asym_id 
_pdbx_struct_sheet_hbond.range_1_auth_seq_id 
_pdbx_struct_sheet_hbond.range_2_label_atom_id 
_pdbx_struct_sheet_hbond.range_2_label_comp_id 
_pdbx_struct_sheet_hbond.range_2_label_asym_id 
_pdbx_struct_sheet_hbond.range_2_label_seq_id 
_pdbx_struct_sheet_hbond.range_2_PDB_ins_code 
_pdbx_struct_sheet_hbond.range_2_auth_atom_id 
_pdbx_struct_sheet_hbond.range_2_auth_comp_id 
_pdbx_struct_sheet_hbond.range_2_auth_asym_id 
_pdbx_struct_sheet_hbond.range_2_auth_seq_id 
AA1 1 2 N GLU A 15  ? N GLU A 5   O SER A 38  ? O SER A 28  
AA1 2 3 N GLU A 33  ? N GLU A 23  O VAL A 76  ? O VAL A 66  
AA1 3 4 O ILE A 77  ? O ILE A 67  N CYS A 58  ? N CYS A 48  
AA2 1 2 N TYR A 23  ? N TYR A 13  O LEU A 136 ? O LEU A 126 
AA2 2 3 O ILE A 131 ? O ILE A 121 N PHE A 95  ? N PHE A 85  
AA2 3 4 O LEU A 96  ? O LEU A 86  N LYS A 50  ? N LYS A 40  
AA2 4 5 N PHE A 47  ? N PHE A 37  O ALA A 64  ? O ALA A 54  
# 
_pdbx_validate_symm_contact.id                1 
_pdbx_validate_symm_contact.PDB_model_num     1 
_pdbx_validate_symm_contact.auth_atom_id_1    O 
_pdbx_validate_symm_contact.auth_asym_id_1    A 
_pdbx_validate_symm_contact.auth_comp_id_1    HOH 
_pdbx_validate_symm_contact.auth_seq_id_1     206 
_pdbx_validate_symm_contact.PDB_ins_code_1    ? 
_pdbx_validate_symm_contact.label_alt_id_1    ? 
_pdbx_validate_symm_contact.site_symmetry_1   1_555 
_pdbx_validate_symm_contact.auth_atom_id_2    O 
_pdbx_validate_symm_contact.auth_asym_id_2    A 
_pdbx_validate_symm_contact.auth_comp_id_2    HOH 
_pdbx_validate_symm_contact.auth_seq_id_2     213 
_pdbx_validate_symm_contact.PDB_ins_code_2    ? 
_pdbx_validate_symm_contact.label_alt_id_2    ? 
_pdbx_validate_symm_contact.site_symmetry_2   2_564 
_pdbx_validate_symm_contact.dist              2.19 
# 
loop_
_space_group_symop.id 
_space_group_symop.operation_xyz 
1 x,y,z          
2 -y,x-y,z+2/3   
3 -x+y,-x,z+1/3  
4 x-y,-y,-z+1/3  
5 -x,-x+y,-z+2/3 
6 y,x,-z         
# 
loop_
_pdbx_unobs_or_zero_occ_residues.id 
_pdbx_unobs_or_zero_occ_residues.PDB_model_num 
_pdbx_unobs_or_zero_occ_residues.polymer_flag 
_pdbx_unobs_or_zero_occ_residues.occupancy_flag 
_pdbx_unobs_or_zero_occ_residues.auth_asym_id 
_pdbx_unobs_or_zero_occ_residues.auth_comp_id 
_pdbx_unobs_or_zero_occ_residues.auth_seq_id 
_pdbx_unobs_or_zero_occ_residues.PDB_ins_code 
_pdbx_unobs_or_zero_occ_residues.label_asym_id 
_pdbx_unobs_or_zero_occ_residues.label_comp_id 
_pdbx_unobs_or_zero_occ_residues.label_seq_id 
1  1 Y 1 A MET -9 ? A MET 1  
2  1 Y 1 A GLY -8 ? A GLY 2  
3  1 Y 1 A SER -7 ? A SER 3  
4  1 Y 1 A SER -6 ? A SER 4  
5  1 Y 1 A HIS -5 ? A HIS 5  
6  1 Y 1 A HIS -4 ? A HIS 6  
7  1 Y 1 A HIS -3 ? A HIS 7  
8  1 Y 1 A HIS -2 ? A HIS 8  
9  1 Y 1 A HIS -1 ? A HIS 9  
10 1 Y 1 A HIS 0  ? A HIS 10 
11 1 Y 1 A MET 1  ? A MET 11 
12 1 Y 1 A SER 2  ? A SER 12 
# 
loop_
_chem_comp_atom.comp_id 
_chem_comp_atom.atom_id 
_chem_comp_atom.type_symbol 
_chem_comp_atom.pdbx_aromatic_flag 
_chem_comp_atom.pdbx_stereo_config 
_chem_comp_atom.pdbx_ordinal 
ALA N    N N N 1   
ALA CA   C N S 2   
ALA C    C N N 3   
ALA O    O N N 4   
ALA CB   C N N 5   
ALA OXT  O N N 6   
ALA H    H N N 7   
ALA H2   H N N 8   
ALA HA   H N N 9   
ALA HB1  H N N 10  
ALA HB2  H N N 11  
ALA HB3  H N N 12  
ALA HXT  H N N 13  
ARG N    N N N 14  
ARG CA   C N S 15  
ARG C    C N N 16  
ARG O    O N N 17  
ARG CB   C N N 18  
ARG CG   C N N 19  
ARG CD   C N N 20  
ARG NE   N N N 21  
ARG CZ   C N N 22  
ARG NH1  N N N 23  
ARG NH2  N N N 24  
ARG OXT  O N N 25  
ARG H    H N N 26  
ARG H2   H N N 27  
ARG HA   H N N 28  
ARG HB2  H N N 29  
ARG HB3  H N N 30  
ARG HG2  H N N 31  
ARG HG3  H N N 32  
ARG HD2  H N N 33  
ARG HD3  H N N 34  
ARG HE   H N N 35  
ARG HH11 H N N 36  
ARG HH12 H N N 37  
ARG HH21 H N N 38  
ARG HH22 H N N 39  
ARG HXT  H N N 40  
ASN N    N N N 41  
ASN CA   C N S 42  
ASN C    C N N 43  
ASN O    O N N 44  
ASN CB   C N N 45  
ASN CG   C N N 46  
ASN OD1  O N N 47  
ASN ND2  N N N 48  
ASN OXT  O N N 49  
ASN H    H N N 50  
ASN H2   H N N 51  
ASN HA   H N N 52  
ASN HB2  H N N 53  
ASN HB3  H N N 54  
ASN HD21 H N N 55  
ASN HD22 H N N 56  
ASN HXT  H N N 57  
ASP N    N N N 58  
ASP CA   C N S 59  
ASP C    C N N 60  
ASP O    O N N 61  
ASP CB   C N N 62  
ASP CG   C N N 63  
ASP OD1  O N N 64  
ASP OD2  O N N 65  
ASP OXT  O N N 66  
ASP H    H N N 67  
ASP H2   H N N 68  
ASP HA   H N N 69  
ASP HB2  H N N 70  
ASP HB3  H N N 71  
ASP HD2  H N N 72  
ASP HXT  H N N 73  
CYS N    N N N 74  
CYS CA   C N R 75  
CYS C    C N N 76  
CYS O    O N N 77  
CYS CB   C N N 78  
CYS SG   S N N 79  
CYS OXT  O N N 80  
CYS H    H N N 81  
CYS H2   H N N 82  
CYS HA   H N N 83  
CYS HB2  H N N 84  
CYS HB3  H N N 85  
CYS HG   H N N 86  
CYS HXT  H N N 87  
GLN N    N N N 88  
GLN CA   C N S 89  
GLN C    C N N 90  
GLN O    O N N 91  
GLN CB   C N N 92  
GLN CG   C N N 93  
GLN CD   C N N 94  
GLN OE1  O N N 95  
GLN NE2  N N N 96  
GLN OXT  O N N 97  
GLN H    H N N 98  
GLN H2   H N N 99  
GLN HA   H N N 100 
GLN HB2  H N N 101 
GLN HB3  H N N 102 
GLN HG2  H N N 103 
GLN HG3  H N N 104 
GLN HE21 H N N 105 
GLN HE22 H N N 106 
GLN HXT  H N N 107 
GLU N    N N N 108 
GLU CA   C N S 109 
GLU C    C N N 110 
GLU O    O N N 111 
GLU CB   C N N 112 
GLU CG   C N N 113 
GLU CD   C N N 114 
GLU OE1  O N N 115 
GLU OE2  O N N 116 
GLU OXT  O N N 117 
GLU H    H N N 118 
GLU H2   H N N 119 
GLU HA   H N N 120 
GLU HB2  H N N 121 
GLU HB3  H N N 122 
GLU HG2  H N N 123 
GLU HG3  H N N 124 
GLU HE2  H N N 125 
GLU HXT  H N N 126 
GLY N    N N N 127 
GLY CA   C N N 128 
GLY C    C N N 129 
GLY O    O N N 130 
GLY OXT  O N N 131 
GLY H    H N N 132 
GLY H2   H N N 133 
GLY HA2  H N N 134 
GLY HA3  H N N 135 
GLY HXT  H N N 136 
HIS N    N N N 137 
HIS CA   C N S 138 
HIS C    C N N 139 
HIS O    O N N 140 
HIS CB   C N N 141 
HIS CG   C Y N 142 
HIS ND1  N Y N 143 
HIS CD2  C Y N 144 
HIS CE1  C Y N 145 
HIS NE2  N Y N 146 
HIS OXT  O N N 147 
HIS H    H N N 148 
HIS H2   H N N 149 
HIS HA   H N N 150 
HIS HB2  H N N 151 
HIS HB3  H N N 152 
HIS HD1  H N N 153 
HIS HD2  H N N 154 
HIS HE1  H N N 155 
HIS HE2  H N N 156 
HIS HXT  H N N 157 
HOH O    O N N 158 
HOH H1   H N N 159 
HOH H2   H N N 160 
ILE N    N N N 161 
ILE CA   C N S 162 
ILE C    C N N 163 
ILE O    O N N 164 
ILE CB   C N S 165 
ILE CG1  C N N 166 
ILE CG2  C N N 167 
ILE CD1  C N N 168 
ILE OXT  O N N 169 
ILE H    H N N 170 
ILE H2   H N N 171 
ILE HA   H N N 172 
ILE HB   H N N 173 
ILE HG12 H N N 174 
ILE HG13 H N N 175 
ILE HG21 H N N 176 
ILE HG22 H N N 177 
ILE HG23 H N N 178 
ILE HD11 H N N 179 
ILE HD12 H N N 180 
ILE HD13 H N N 181 
ILE HXT  H N N 182 
LEU N    N N N 183 
LEU CA   C N S 184 
LEU C    C N N 185 
LEU O    O N N 186 
LEU CB   C N N 187 
LEU CG   C N N 188 
LEU CD1  C N N 189 
LEU CD2  C N N 190 
LEU OXT  O N N 191 
LEU H    H N N 192 
LEU H2   H N N 193 
LEU HA   H N N 194 
LEU HB2  H N N 195 
LEU HB3  H N N 196 
LEU HG   H N N 197 
LEU HD11 H N N 198 
LEU HD12 H N N 199 
LEU HD13 H N N 200 
LEU HD21 H N N 201 
LEU HD22 H N N 202 
LEU HD23 H N N 203 
LEU HXT  H N N 204 
LYS N    N N N 205 
LYS CA   C N S 206 
LYS C    C N N 207 
LYS O    O N N 208 
LYS CB   C N N 209 
LYS CG   C N N 210 
LYS CD   C N N 211 
LYS CE   C N N 212 
LYS NZ   N N N 213 
LYS OXT  O N N 214 
LYS H    H N N 215 
LYS H2   H N N 216 
LYS HA   H N N 217 
LYS HB2  H N N 218 
LYS HB3  H N N 219 
LYS HG2  H N N 220 
LYS HG3  H N N 221 
LYS HD2  H N N 222 
LYS HD3  H N N 223 
LYS HE2  H N N 224 
LYS HE3  H N N 225 
LYS HZ1  H N N 226 
LYS HZ2  H N N 227 
LYS HZ3  H N N 228 
LYS HXT  H N N 229 
MET N    N N N 230 
MET CA   C N S 231 
MET C    C N N 232 
MET O    O N N 233 
MET CB   C N N 234 
MET CG   C N N 235 
MET SD   S N N 236 
MET CE   C N N 237 
MET OXT  O N N 238 
MET H    H N N 239 
MET H2   H N N 240 
MET HA   H N N 241 
MET HB2  H N N 242 
MET HB3  H N N 243 
MET HG2  H N N 244 
MET HG3  H N N 245 
MET HE1  H N N 246 
MET HE2  H N N 247 
MET HE3  H N N 248 
MET HXT  H N N 249 
PHE N    N N N 250 
PHE CA   C N S 251 
PHE C    C N N 252 
PHE O    O N N 253 
PHE CB   C N N 254 
PHE CG   C Y N 255 
PHE CD1  C Y N 256 
PHE CD2  C Y N 257 
PHE CE1  C Y N 258 
PHE CE2  C Y N 259 
PHE CZ   C Y N 260 
PHE OXT  O N N 261 
PHE H    H N N 262 
PHE H2   H N N 263 
PHE HA   H N N 264 
PHE HB2  H N N 265 
PHE HB3  H N N 266 
PHE HD1  H N N 267 
PHE HD2  H N N 268 
PHE HE1  H N N 269 
PHE HE2  H N N 270 
PHE HZ   H N N 271 
PHE HXT  H N N 272 
PRO N    N N N 273 
PRO CA   C N S 274 
PRO C    C N N 275 
PRO O    O N N 276 
PRO CB   C N N 277 
PRO CG   C N N 278 
PRO CD   C N N 279 
PRO OXT  O N N 280 
PRO H    H N N 281 
PRO HA   H N N 282 
PRO HB2  H N N 283 
PRO HB3  H N N 284 
PRO HG2  H N N 285 
PRO HG3  H N N 286 
PRO HD2  H N N 287 
PRO HD3  H N N 288 
PRO HXT  H N N 289 
SER N    N N N 290 
SER CA   C N S 291 
SER C    C N N 292 
SER O    O N N 293 
SER CB   C N N 294 
SER OG   O N N 295 
SER OXT  O N N 296 
SER H    H N N 297 
SER H2   H N N 298 
SER HA   H N N 299 
SER HB2  H N N 300 
SER HB3  H N N 301 
SER HG   H N N 302 
SER HXT  H N N 303 
THR N    N N N 304 
THR CA   C N S 305 
THR C    C N N 306 
THR O    O N N 307 
THR CB   C N R 308 
THR OG1  O N N 309 
THR CG2  C N N 310 
THR OXT  O N N 311 
THR H    H N N 312 
THR H2   H N N 313 
THR HA   H N N 314 
THR HB   H N N 315 
THR HG1  H N N 316 
THR HG21 H N N 317 
THR HG22 H N N 318 
THR HG23 H N N 319 
THR HXT  H N N 320 
TRP N    N N N 321 
TRP CA   C N S 322 
TRP C    C N N 323 
TRP O    O N N 324 
TRP CB   C N N 325 
TRP CG   C Y N 326 
TRP CD1  C Y N 327 
TRP CD2  C Y N 328 
TRP NE1  N Y N 329 
TRP CE2  C Y N 330 
TRP CE3  C Y N 331 
TRP CZ2  C Y N 332 
TRP CZ3  C Y N 333 
TRP CH2  C Y N 334 
TRP OXT  O N N 335 
TRP H    H N N 336 
TRP H2   H N N 337 
TRP HA   H N N 338 
TRP HB2  H N N 339 
TRP HB3  H N N 340 
TRP HD1  H N N 341 
TRP HE1  H N N 342 
TRP HE3  H N N 343 
TRP HZ2  H N N 344 
TRP HZ3  H N N 345 
TRP HH2  H N N 346 
TRP HXT  H N N 347 
TYR N    N N N 348 
TYR CA   C N S 349 
TYR C    C N N 350 
TYR O    O N N 351 
TYR CB   C N N 352 
TYR CG   C Y N 353 
TYR CD1  C Y N 354 
TYR CD2  C Y N 355 
TYR CE1  C Y N 356 
TYR CE2  C Y N 357 
TYR CZ   C Y N 358 
TYR OH   O N N 359 
TYR OXT  O N N 360 
TYR H    H N N 361 
TYR H2   H N N 362 
TYR HA   H N N 363 
TYR HB2  H N N 364 
TYR HB3  H N N 365 
TYR HD1  H N N 366 
TYR HD2  H N N 367 
TYR HE1  H N N 368 
TYR HE2  H N N 369 
TYR HH   H N N 370 
TYR HXT  H N N 371 
VAL N    N N N 372 
VAL CA   C N S 373 
VAL C    C N N 374 
VAL O    O N N 375 
VAL CB   C N N 376 
VAL CG1  C N N 377 
VAL CG2  C N N 378 
VAL OXT  O N N 379 
VAL H    H N N 380 
VAL H2   H N N 381 
VAL HA   H N N 382 
VAL HB   H N N 383 
VAL HG11 H N N 384 
VAL HG12 H N N 385 
VAL HG13 H N N 386 
VAL HG21 H N N 387 
VAL HG22 H N N 388 
VAL HG23 H N N 389 
VAL HXT  H N N 390 
# 
loop_
_chem_comp_bond.comp_id 
_chem_comp_bond.atom_id_1 
_chem_comp_bond.atom_id_2 
_chem_comp_bond.value_order 
_chem_comp_bond.pdbx_aromatic_flag 
_chem_comp_bond.pdbx_stereo_config 
_chem_comp_bond.pdbx_ordinal 
ALA N   CA   sing N N 1   
ALA N   H    sing N N 2   
ALA N   H2   sing N N 3   
ALA CA  C    sing N N 4   
ALA CA  CB   sing N N 5   
ALA CA  HA   sing N N 6   
ALA C   O    doub N N 7   
ALA C   OXT  sing N N 8   
ALA CB  HB1  sing N N 9   
ALA CB  HB2  sing N N 10  
ALA CB  HB3  sing N N 11  
ALA OXT HXT  sing N N 12  
ARG N   CA   sing N N 13  
ARG N   H    sing N N 14  
ARG N   H2   sing N N 15  
ARG CA  C    sing N N 16  
ARG CA  CB   sing N N 17  
ARG CA  HA   sing N N 18  
ARG C   O    doub N N 19  
ARG C   OXT  sing N N 20  
ARG CB  CG   sing N N 21  
ARG CB  HB2  sing N N 22  
ARG CB  HB3  sing N N 23  
ARG CG  CD   sing N N 24  
ARG CG  HG2  sing N N 25  
ARG CG  HG3  sing N N 26  
ARG CD  NE   sing N N 27  
ARG CD  HD2  sing N N 28  
ARG CD  HD3  sing N N 29  
ARG NE  CZ   sing N N 30  
ARG NE  HE   sing N N 31  
ARG CZ  NH1  sing N N 32  
ARG CZ  NH2  doub N N 33  
ARG NH1 HH11 sing N N 34  
ARG NH1 HH12 sing N N 35  
ARG NH2 HH21 sing N N 36  
ARG NH2 HH22 sing N N 37  
ARG OXT HXT  sing N N 38  
ASN N   CA   sing N N 39  
ASN N   H    sing N N 40  
ASN N   H2   sing N N 41  
ASN CA  C    sing N N 42  
ASN CA  CB   sing N N 43  
ASN CA  HA   sing N N 44  
ASN C   O    doub N N 45  
ASN C   OXT  sing N N 46  
ASN CB  CG   sing N N 47  
ASN CB  HB2  sing N N 48  
ASN CB  HB3  sing N N 49  
ASN CG  OD1  doub N N 50  
ASN CG  ND2  sing N N 51  
ASN ND2 HD21 sing N N 52  
ASN ND2 HD22 sing N N 53  
ASN OXT HXT  sing N N 54  
ASP N   CA   sing N N 55  
ASP N   H    sing N N 56  
ASP N   H2   sing N N 57  
ASP CA  C    sing N N 58  
ASP CA  CB   sing N N 59  
ASP CA  HA   sing N N 60  
ASP C   O    doub N N 61  
ASP C   OXT  sing N N 62  
ASP CB  CG   sing N N 63  
ASP CB  HB2  sing N N 64  
ASP CB  HB3  sing N N 65  
ASP CG  OD1  doub N N 66  
ASP CG  OD2  sing N N 67  
ASP OD2 HD2  sing N N 68  
ASP OXT HXT  sing N N 69  
CYS N   CA   sing N N 70  
CYS N   H    sing N N 71  
CYS N   H2   sing N N 72  
CYS CA  C    sing N N 73  
CYS CA  CB   sing N N 74  
CYS CA  HA   sing N N 75  
CYS C   O    doub N N 76  
CYS C   OXT  sing N N 77  
CYS CB  SG   sing N N 78  
CYS CB  HB2  sing N N 79  
CYS CB  HB3  sing N N 80  
CYS SG  HG   sing N N 81  
CYS OXT HXT  sing N N 82  
GLN N   CA   sing N N 83  
GLN N   H    sing N N 84  
GLN N   H2   sing N N 85  
GLN CA  C    sing N N 86  
GLN CA  CB   sing N N 87  
GLN CA  HA   sing N N 88  
GLN C   O    doub N N 89  
GLN C   OXT  sing N N 90  
GLN CB  CG   sing N N 91  
GLN CB  HB2  sing N N 92  
GLN CB  HB3  sing N N 93  
GLN CG  CD   sing N N 94  
GLN CG  HG2  sing N N 95  
GLN CG  HG3  sing N N 96  
GLN CD  OE1  doub N N 97  
GLN CD  NE2  sing N N 98  
GLN NE2 HE21 sing N N 99  
GLN NE2 HE22 sing N N 100 
GLN OXT HXT  sing N N 101 
GLU N   CA   sing N N 102 
GLU N   H    sing N N 103 
GLU N   H2   sing N N 104 
GLU CA  C    sing N N 105 
GLU CA  CB   sing N N 106 
GLU CA  HA   sing N N 107 
GLU C   O    doub N N 108 
GLU C   OXT  sing N N 109 
GLU CB  CG   sing N N 110 
GLU CB  HB2  sing N N 111 
GLU CB  HB3  sing N N 112 
GLU CG  CD   sing N N 113 
GLU CG  HG2  sing N N 114 
GLU CG  HG3  sing N N 115 
GLU CD  OE1  doub N N 116 
GLU CD  OE2  sing N N 117 
GLU OE2 HE2  sing N N 118 
GLU OXT HXT  sing N N 119 
GLY N   CA   sing N N 120 
GLY N   H    sing N N 121 
GLY N   H2   sing N N 122 
GLY CA  C    sing N N 123 
GLY CA  HA2  sing N N 124 
GLY CA  HA3  sing N N 125 
GLY C   O    doub N N 126 
GLY C   OXT  sing N N 127 
GLY OXT HXT  sing N N 128 
HIS N   CA   sing N N 129 
HIS N   H    sing N N 130 
HIS N   H2   sing N N 131 
HIS CA  C    sing N N 132 
HIS CA  CB   sing N N 133 
HIS CA  HA   sing N N 134 
HIS C   O    doub N N 135 
HIS C   OXT  sing N N 136 
HIS CB  CG   sing N N 137 
HIS CB  HB2  sing N N 138 
HIS CB  HB3  sing N N 139 
HIS CG  ND1  sing Y N 140 
HIS CG  CD2  doub Y N 141 
HIS ND1 CE1  doub Y N 142 
HIS ND1 HD1  sing N N 143 
HIS CD2 NE2  sing Y N 144 
HIS CD2 HD2  sing N N 145 
HIS CE1 NE2  sing Y N 146 
HIS CE1 HE1  sing N N 147 
HIS NE2 HE2  sing N N 148 
HIS OXT HXT  sing N N 149 
HOH O   H1   sing N N 150 
HOH O   H2   sing N N 151 
ILE N   CA   sing N N 152 
ILE N   H    sing N N 153 
ILE N   H2   sing N N 154 
ILE CA  C    sing N N 155 
ILE CA  CB   sing N N 156 
ILE CA  HA   sing N N 157 
ILE C   O    doub N N 158 
ILE C   OXT  sing N N 159 
ILE CB  CG1  sing N N 160 
ILE CB  CG2  sing N N 161 
ILE CB  HB   sing N N 162 
ILE CG1 CD1  sing N N 163 
ILE CG1 HG12 sing N N 164 
ILE CG1 HG13 sing N N 165 
ILE CG2 HG21 sing N N 166 
ILE CG2 HG22 sing N N 167 
ILE CG2 HG23 sing N N 168 
ILE CD1 HD11 sing N N 169 
ILE CD1 HD12 sing N N 170 
ILE CD1 HD13 sing N N 171 
ILE OXT HXT  sing N N 172 
LEU N   CA   sing N N 173 
LEU N   H    sing N N 174 
LEU N   H2   sing N N 175 
LEU CA  C    sing N N 176 
LEU CA  CB   sing N N 177 
LEU CA  HA   sing N N 178 
LEU C   O    doub N N 179 
LEU C   OXT  sing N N 180 
LEU CB  CG   sing N N 181 
LEU CB  HB2  sing N N 182 
LEU CB  HB3  sing N N 183 
LEU CG  CD1  sing N N 184 
LEU CG  CD2  sing N N 185 
LEU CG  HG   sing N N 186 
LEU CD1 HD11 sing N N 187 
LEU CD1 HD12 sing N N 188 
LEU CD1 HD13 sing N N 189 
LEU CD2 HD21 sing N N 190 
LEU CD2 HD22 sing N N 191 
LEU CD2 HD23 sing N N 192 
LEU OXT HXT  sing N N 193 
LYS N   CA   sing N N 194 
LYS N   H    sing N N 195 
LYS N   H2   sing N N 196 
LYS CA  C    sing N N 197 
LYS CA  CB   sing N N 198 
LYS CA  HA   sing N N 199 
LYS C   O    doub N N 200 
LYS C   OXT  sing N N 201 
LYS CB  CG   sing N N 202 
LYS CB  HB2  sing N N 203 
LYS CB  HB3  sing N N 204 
LYS CG  CD   sing N N 205 
LYS CG  HG2  sing N N 206 
LYS CG  HG3  sing N N 207 
LYS CD  CE   sing N N 208 
LYS CD  HD2  sing N N 209 
LYS CD  HD3  sing N N 210 
LYS CE  NZ   sing N N 211 
LYS CE  HE2  sing N N 212 
LYS CE  HE3  sing N N 213 
LYS NZ  HZ1  sing N N 214 
LYS NZ  HZ2  sing N N 215 
LYS NZ  HZ3  sing N N 216 
LYS OXT HXT  sing N N 217 
MET N   CA   sing N N 218 
MET N   H    sing N N 219 
MET N   H2   sing N N 220 
MET CA  C    sing N N 221 
MET CA  CB   sing N N 222 
MET CA  HA   sing N N 223 
MET C   O    doub N N 224 
MET C   OXT  sing N N 225 
MET CB  CG   sing N N 226 
MET CB  HB2  sing N N 227 
MET CB  HB3  sing N N 228 
MET CG  SD   sing N N 229 
MET CG  HG2  sing N N 230 
MET CG  HG3  sing N N 231 
MET SD  CE   sing N N 232 
MET CE  HE1  sing N N 233 
MET CE  HE2  sing N N 234 
MET CE  HE3  sing N N 235 
MET OXT HXT  sing N N 236 
PHE N   CA   sing N N 237 
PHE N   H    sing N N 238 
PHE N   H2   sing N N 239 
PHE CA  C    sing N N 240 
PHE CA  CB   sing N N 241 
PHE CA  HA   sing N N 242 
PHE C   O    doub N N 243 
PHE C   OXT  sing N N 244 
PHE CB  CG   sing N N 245 
PHE CB  HB2  sing N N 246 
PHE CB  HB3  sing N N 247 
PHE CG  CD1  doub Y N 248 
PHE CG  CD2  sing Y N 249 
PHE CD1 CE1  sing Y N 250 
PHE CD1 HD1  sing N N 251 
PHE CD2 CE2  doub Y N 252 
PHE CD2 HD2  sing N N 253 
PHE CE1 CZ   doub Y N 254 
PHE CE1 HE1  sing N N 255 
PHE CE2 CZ   sing Y N 256 
PHE CE2 HE2  sing N N 257 
PHE CZ  HZ   sing N N 258 
PHE OXT HXT  sing N N 259 
PRO N   CA   sing N N 260 
PRO N   CD   sing N N 261 
PRO N   H    sing N N 262 
PRO CA  C    sing N N 263 
PRO CA  CB   sing N N 264 
PRO CA  HA   sing N N 265 
PRO C   O    doub N N 266 
PRO C   OXT  sing N N 267 
PRO CB  CG   sing N N 268 
PRO CB  HB2  sing N N 269 
PRO CB  HB3  sing N N 270 
PRO CG  CD   sing N N 271 
PRO CG  HG2  sing N N 272 
PRO CG  HG3  sing N N 273 
PRO CD  HD2  sing N N 274 
PRO CD  HD3  sing N N 275 
PRO OXT HXT  sing N N 276 
SER N   CA   sing N N 277 
SER N   H    sing N N 278 
SER N   H2   sing N N 279 
SER CA  C    sing N N 280 
SER CA  CB   sing N N 281 
SER CA  HA   sing N N 282 
SER C   O    doub N N 283 
SER C   OXT  sing N N 284 
SER CB  OG   sing N N 285 
SER CB  HB2  sing N N 286 
SER CB  HB3  sing N N 287 
SER OG  HG   sing N N 288 
SER OXT HXT  sing N N 289 
THR N   CA   sing N N 290 
THR N   H    sing N N 291 
THR N   H2   sing N N 292 
THR CA  C    sing N N 293 
THR CA  CB   sing N N 294 
THR CA  HA   sing N N 295 
THR C   O    doub N N 296 
THR C   OXT  sing N N 297 
THR CB  OG1  sing N N 298 
THR CB  CG2  sing N N 299 
THR CB  HB   sing N N 300 
THR OG1 HG1  sing N N 301 
THR CG2 HG21 sing N N 302 
THR CG2 HG22 sing N N 303 
THR CG2 HG23 sing N N 304 
THR OXT HXT  sing N N 305 
TRP N   CA   sing N N 306 
TRP N   H    sing N N 307 
TRP N   H2   sing N N 308 
TRP CA  C    sing N N 309 
TRP CA  CB   sing N N 310 
TRP CA  HA   sing N N 311 
TRP C   O    doub N N 312 
TRP C   OXT  sing N N 313 
TRP CB  CG   sing N N 314 
TRP CB  HB2  sing N N 315 
TRP CB  HB3  sing N N 316 
TRP CG  CD1  doub Y N 317 
TRP CG  CD2  sing Y N 318 
TRP CD1 NE1  sing Y N 319 
TRP CD1 HD1  sing N N 320 
TRP CD2 CE2  doub Y N 321 
TRP CD2 CE3  sing Y N 322 
TRP NE1 CE2  sing Y N 323 
TRP NE1 HE1  sing N N 324 
TRP CE2 CZ2  sing Y N 325 
TRP CE3 CZ3  doub Y N 326 
TRP CE3 HE3  sing N N 327 
TRP CZ2 CH2  doub Y N 328 
TRP CZ2 HZ2  sing N N 329 
TRP CZ3 CH2  sing Y N 330 
TRP CZ3 HZ3  sing N N 331 
TRP CH2 HH2  sing N N 332 
TRP OXT HXT  sing N N 333 
TYR N   CA   sing N N 334 
TYR N   H    sing N N 335 
TYR N   H2   sing N N 336 
TYR CA  C    sing N N 337 
TYR CA  CB   sing N N 338 
TYR CA  HA   sing N N 339 
TYR C   O    doub N N 340 
TYR C   OXT  sing N N 341 
TYR CB  CG   sing N N 342 
TYR CB  HB2  sing N N 343 
TYR CB  HB3  sing N N 344 
TYR CG  CD1  doub Y N 345 
TYR CG  CD2  sing Y N 346 
TYR CD1 CE1  sing Y N 347 
TYR CD1 HD1  sing N N 348 
TYR CD2 CE2  doub Y N 349 
TYR CD2 HD2  sing N N 350 
TYR CE1 CZ   doub Y N 351 
TYR CE1 HE1  sing N N 352 
TYR CE2 CZ   sing Y N 353 
TYR CE2 HE2  sing N N 354 
TYR CZ  OH   sing N N 355 
TYR OH  HH   sing N N 356 
TYR OXT HXT  sing N N 357 
VAL N   CA   sing N N 358 
VAL N   H    sing N N 359 
VAL N   H2   sing N N 360 
VAL CA  C    sing N N 361 
VAL CA  CB   sing N N 362 
VAL CA  HA   sing N N 363 
VAL C   O    doub N N 364 
VAL C   OXT  sing N N 365 
VAL CB  CG1  sing N N 366 
VAL CB  CG2  sing N N 367 
VAL CB  HB   sing N N 368 
VAL CG1 HG11 sing N N 369 
VAL CG1 HG12 sing N N 370 
VAL CG1 HG13 sing N N 371 
VAL CG2 HG21 sing N N 372 
VAL CG2 HG22 sing N N 373 
VAL CG2 HG23 sing N N 374 
VAL OXT HXT  sing N N 375 
# 
_pdbx_audit_support.funding_organization   'National Science Foundation (NSF, China)' 
_pdbx_audit_support.country                China 
_pdbx_audit_support.grant_number           ? 
_pdbx_audit_support.ordinal                1 
# 
_pdbx_initial_refinement_model.id               1 
_pdbx_initial_refinement_model.entity_id_list   ? 
_pdbx_initial_refinement_model.type             'in silico model' 
_pdbx_initial_refinement_model.source_name      AlphaFold 
_pdbx_initial_refinement_model.accession_code   ? 
_pdbx_initial_refinement_model.details          ? 
# 
_space_group.name_H-M_alt     'P 32 2 1' 
_space_group.name_Hall        
;P 32 2"
;
_space_group.IT_number        154 
_space_group.crystal_system   trigonal 
_space_group.id               1 
# 
_atom_sites.entry_id                    8HQU 
_atom_sites.Cartn_transf_matrix[1][1]   ? 
_atom_sites.Cartn_transf_matrix[1][2]   ? 
_atom_sites.Cartn_transf_matrix[1][3]   ? 
_atom_sites.Cartn_transf_matrix[2][1]   ? 
_atom_sites.Cartn_transf_matrix[2][2]   ? 
_atom_sites.Cartn_transf_matrix[2][3]   ? 
_atom_sites.Cartn_transf_matrix[3][1]   ? 
_atom_sites.Cartn_transf_matrix[3][2]   ? 
_atom_sites.Cartn_transf_matrix[3][3]   ? 
_atom_sites.Cartn_transf_vector[1]      ? 
_atom_sites.Cartn_transf_vector[2]      ? 
_atom_sites.Cartn_transf_vector[3]      ? 
_atom_sites.fract_transf_matrix[1][1]   0.00172855 
_atom_sites.fract_transf_matrix[1][2]   0.00371330 
_atom_sites.fract_transf_matrix[1][3]   -0.01635014 
_atom_sites.fract_transf_matrix[2][1]   -0.01135842 
_atom_sites.fract_transf_matrix[2][2]   -0.00554770 
_atom_sites.fract_transf_matrix[2][3]   -0.01114901 
_atom_sites.fract_transf_matrix[3][1]   -0.00954791 
_atom_sites.fract_transf_matrix[3][2]   0.01481518 
_atom_sites.fract_transf_matrix[3][3]   0.00235528 
_atom_sites.fract_transf_vector[1]      -0.349292 
_atom_sites.fract_transf_vector[2]      0.230425 
_atom_sites.fract_transf_vector[3]      -0.188426 
_atom_sites.solution_primary            ? 
_atom_sites.solution_secondary          ? 
_atom_sites.solution_hydrogens          ? 
_atom_sites.special_details             ? 
# 
loop_
_atom_type.symbol 
_atom_type.scat_dispersion_real 
_atom_type.scat_dispersion_imag 
_atom_type.scat_Cromer_Mann_a1 
_atom_type.scat_Cromer_Mann_a2 
_atom_type.scat_Cromer_Mann_a3 
_atom_type.scat_Cromer_Mann_a4 
_atom_type.scat_Cromer_Mann_b1 
_atom_type.scat_Cromer_Mann_b2 
_atom_type.scat_Cromer_Mann_b3 
_atom_type.scat_Cromer_Mann_b4 
_atom_type.scat_Cromer_Mann_c 
_atom_type.scat_source 
_atom_type.scat_dispersion_source 
C ? ? 3.54356 2.42580 ? ? 25.62398 1.50364  ? ? 0.0 
;2-Gaussian fit: Grosse-Kunstleve RW, Sauter NK, Adams PD: Newsletter of the IUCr Commission on Crystallographic Computing 2004, 3, 22-31.
;
? 
N ? ? 4.01032 2.96436 ? ? 19.97189 1.75589  ? ? 0.0 
;2-Gaussian fit: Grosse-Kunstleve RW, Sauter NK, Adams PD: Newsletter of the IUCr Commission on Crystallographic Computing 2004, 3, 22-31.
;
? 
O ? ? 4.49882 3.47563 ? ? 15.80542 1.70748  ? ? 0.0 
;2-Gaussian fit: Grosse-Kunstleve RW, Sauter NK, Adams PD: Newsletter of the IUCr Commission on Crystallographic Computing 2004, 3, 22-31.
;
? 
S ? ? 9.55732 6.39887 ? ? 1.23737  29.19336 ? ? 0.0 
;2-Gaussian fit: Grosse-Kunstleve RW, Sauter NK, Adams PD: Newsletter of the IUCr Commission on Crystallographic Computing 2004, 3, 22-31.
;
? 
# 
loop_
_atom_site.group_PDB 
_atom_site.id 
_atom_site.type_symbol 
_atom_site.label_atom_id 
_atom_site.label_alt_id 
_atom_site.label_comp_id 
_atom_site.label_asym_id 
_atom_site.label_entity_id 
_atom_site.label_seq_id 
_atom_site.pdbx_PDB_ins_code 
_atom_site.Cartn_x 
_atom_site.Cartn_y 
_atom_site.Cartn_z 
_atom_site.occupancy 
_atom_site.B_iso_or_equiv 
_atom_site.pdbx_formal_charge 
_atom_site.auth_seq_id 
_atom_site.auth_comp_id 
_atom_site.auth_asym_id 
_atom_site.auth_atom_id 
_atom_site.pdbx_PDB_model_num 
ATOM   1    N N   . ALA A 1 13  ? -1.04690  17.39779  -1.27422  1.000 50.89000 ? 3   ALA A N   1 
ATOM   2    C CA  . ALA A 1 13  ? -0.23229  17.02451  -2.42635  1.000 46.05000 ? 3   ALA A CA  1 
ATOM   3    C C   . ALA A 1 13  ? -0.57544  15.61126  -2.87777  1.000 45.53000 ? 3   ALA A C   1 
ATOM   4    O O   . ALA A 1 13  ? -1.24815  15.40207  -3.88887  1.000 46.76000 ? 3   ALA A O   1 
ATOM   5    C CB  . ALA A 1 13  ? 1.24862   17.12708  -2.08881  1.000 40.19000 ? 3   ALA A CB  1 
ATOM   6    N N   . VAL A 1 14  ? -0.08854  14.64079  -2.11536  1.000 43.21000 ? 4   VAL A N   1 
ATOM   7    C CA  . VAL A 1 14  ? -0.42351  13.23543  -2.29632  1.000 39.29000 ? 4   VAL A CA  1 
ATOM   8    C C   . VAL A 1 14  ? -1.21712  12.80552  -1.07282  1.000 34.99000 ? 4   VAL A C   1 
ATOM   9    O O   . VAL A 1 14  ? -0.82544  13.10072  0.06237   1.000 38.65000 ? 4   VAL A O   1 
ATOM   10   C CB  . VAL A 1 14  ? 0.83942   12.37473  -2.47590  1.000 45.49000 ? 4   VAL A CB  1 
ATOM   11   C CG1 . VAL A 1 14  ? 0.47533   10.90582  -2.67722  1.000 44.26000 ? 4   VAL A CG1 1 
ATOM   12   C CG2 . VAL A 1 14  ? 1.67201   12.89036  -3.64268  1.000 37.44000 ? 4   VAL A CG2 1 
ATOM   13   N N   . GLU A 1 15  ? -2.34128  12.14128  -1.29325  1.000 33.66000 ? 5   GLU A N   1 
ATOM   14   C CA  . GLU A 1 15  ? -3.18162  11.67675  -0.19994  1.000 31.79000 ? 5   GLU A CA  1 
ATOM   15   C C   . GLU A 1 15  ? -3.18705  10.15478  -0.18390  1.000 37.35000 ? 5   GLU A C   1 
ATOM   16   O O   . GLU A 1 15  ? -3.40995  9.51885   -1.21718  1.000 34.50000 ? 5   GLU A O   1 
ATOM   17   C CB  . GLU A 1 15  ? -4.60016  12.24073  -0.32494  1.000 35.53000 ? 5   GLU A CB  1 
ATOM   18   C CG  . GLU A 1 15  ? -4.64469  13.75410  -0.08926  1.000 39.92000 ? 5   GLU A CG  1 
ATOM   19   C CD  . GLU A 1 15  ? -6.02625  14.36610  -0.26828  1.000 47.36000 ? 5   GLU A CD  1 
ATOM   20   O OE1 . GLU A 1 15  ? -7.01727  13.61587  -0.37446  1.000 44.88000 ? 5   GLU A OE1 1 
ATOM   21   O OE2 . GLU A 1 15  ? -6.11371  15.61206  -0.31387  1.000 51.89000 ? 5   GLU A OE2 1 
ATOM   22   N N   . ILE A 1 16  ? -2.90502  9.57987   0.98196   1.000 36.43000 ? 6   ILE A N   1 
ATOM   23   C CA  . ILE A 1 16  ? -2.87584  8.13716   1.18331   1.000 35.88000 ? 6   ILE A CA  1 
ATOM   24   C C   . ILE A 1 16  ? -3.84403  7.81301   2.30982   1.000 36.66000 ? 6   ILE A C   1 
ATOM   25   O O   . ILE A 1 16  ? -3.80240  8.45419   3.36793   1.000 37.01000 ? 6   ILE A O   1 
ATOM   26   C CB  . ILE A 1 16  ? -1.45737  7.64189   1.51760   1.000 32.47000 ? 6   ILE A CB  1 
ATOM   27   C CG1 . ILE A 1 16  ? -0.45357  8.17235   0.49102   1.000 32.37000 ? 6   ILE A CG1 1 
ATOM   28   C CG2 . ILE A 1 16  ? -1.41447  6.12443   1.58042   1.000 27.44000 ? 6   ILE A CG2 1 
ATOM   29   C CD1 . ILE A 1 16  ? 0.99229   8.02449   0.91783   1.000 38.54000 ? 6   ILE A CD1 1 
ATOM   30   N N   . SER A 1 17  ? -4.72040  6.84309   2.07976   1.000 32.31000 ? 7   SER A N   1 
ATOM   31   C CA  . SER A 1 17  ? -5.70501  6.47592   3.09322   1.000 33.12000 ? 7   SER A CA  1 
ATOM   32   C C   . SER A 1 17  ? -6.00311  4.99517   2.95453   1.000 37.07000 ? 7   SER A C   1 
ATOM   33   O O   . SER A 1 17  ? -5.66628  4.37747   1.93910   1.000 34.58000 ? 7   SER A O   1 
ATOM   34   C CB  . SER A 1 17  ? -6.98178  7.31883   2.95862   1.000 33.60000 ? 7   SER A CB  1 
ATOM   35   O OG  . SER A 1 17  ? -7.35727  7.47521   1.60792   1.000 36.32000 ? 7   SER A OG  1 
ATOM   36   N N   . PRO A 1 18  ? -6.61248  4.37055   3.98291   1.000 36.61000 ? 8   PRO A N   1 
ATOM   37   C CA  . PRO A 1 18  ? -7.01860  4.90746   5.29358   1.000 35.61000 ? 8   PRO A CA  1 
ATOM   38   C C   . PRO A 1 18  ? -5.91326  4.83724   6.34312   1.000 38.74000 ? 8   PRO A C   1 
ATOM   39   O O   . PRO A 1 18  ? -4.80860  4.38902   6.06057   1.000 40.57000 ? 8   PRO A O   1 
ATOM   40   C CB  . PRO A 1 18  ? -8.20303  4.00685   5.65884   1.000 42.51000 ? 8   PRO A CB  1 
ATOM   41   C CG  . PRO A 1 18  ? -7.77273  2.65193   5.11456   1.000 37.80000 ? 8   PRO A CG  1 
ATOM   42   C CD  . PRO A 1 18  ? -7.03071  2.96162   3.82656   1.000 37.09000 ? 8   PRO A CD  1 
ATOM   43   N N   . ASP A 1 19  ? -6.18934  5.28627   7.57107   1.000 40.30000 ? 9   ASP A N   1 
ATOM   44   C CA  . ASP A 1 19  ? -5.22829  5.12204   8.65717   1.000 40.61000 ? 9   ASP A CA  1 
ATOM   45   C C   . ASP A 1 19  ? -5.13967  3.67293   9.10956   1.000 34.55000 ? 9   ASP A C   1 
ATOM   46   O O   . ASP A 1 19  ? -4.07054  3.21483   9.52274   1.000 36.42000 ? 9   ASP A O   1 
ATOM   47   C CB  . ASP A 1 19  ? -5.61760  5.99039   9.85381   1.000 39.28000 ? 9   ASP A CB  1 
ATOM   48   C CG  . ASP A 1 19  ? -5.64822  7.46418   9.52659   1.000 47.91000 ? 9   ASP A CG  1 
ATOM   49   O OD1 . ASP A 1 19  ? -4.68987  7.95738   8.89743   1.000 41.89000 ? 9   ASP A OD1 1 
ATOM   50   O OD2 . ASP A 1 19  ? -6.62794  8.13175   9.91738   1.000 50.06000 ? 9   ASP A OD2 1 
ATOM   51   N N   . VAL A 1 20  ? -6.25912  2.95674   9.07648   1.000 38.50000 ? 10  VAL A N   1 
ATOM   52   C CA  . VAL A 1 20  ? -6.35229  1.58905   9.57076   1.000 39.77000 ? 10  VAL A CA  1 
ATOM   53   C C   . VAL A 1 20  ? -7.16648  0.77435   8.57876   1.000 36.77000 ? 10  VAL A C   1 
ATOM   54   O O   . VAL A 1 20  ? -8.20270  1.23129   8.08727   1.000 42.06000 ? 10  VAL A O   1 
ATOM   55   C CB  . VAL A 1 20  ? -7.00648  1.52721   10.96948  1.000 47.62000 ? 10  VAL A CB  1 
ATOM   56   C CG1 . VAL A 1 20  ? -6.96678  0.10510   11.51422  1.000 49.80000 ? 10  VAL A CG1 1 
ATOM   57   C CG2 . VAL A 1 20  ? -6.33984  2.49477   11.93445  1.000 40.28000 ? 10  VAL A CG2 1 
ATOM   58   N N   . LEU A 1 21  ? -6.70296  -0.43453  8.28477   1.000 43.75000 ? 11  LEU A N   1 
ATOM   59   C CA  . LEU A 1 21  ? -7.50813  -1.41707  7.57723   1.000 35.99000 ? 11  LEU A CA  1 
ATOM   60   C C   . LEU A 1 21  ? -8.13248  -2.34569  8.60736   1.000 41.17000 ? 11  LEU A C   1 
ATOM   61   O O   . LEU A 1 21  ? -7.42642  -2.90589  9.45181   1.000 40.96000 ? 11  LEU A O   1 
ATOM   62   C CB  . LEU A 1 21  ? -6.66424  -2.20055  6.57217   1.000 36.86000 ? 11  LEU A CB  1 
ATOM   63   C CG  . LEU A 1 21  ? -6.02569  -1.35280  5.46653   1.000 37.78000 ? 11  LEU A CG  1 
ATOM   64   C CD1 . LEU A 1 21  ? -4.84558  -2.08833  4.84342   1.000 39.03000 ? 11  LEU A CD1 1 
ATOM   65   C CD2 . LEU A 1 21  ? -7.05206  -0.97729  4.40989   1.000 37.64000 ? 11  LEU A CD2 1 
ATOM   66   N N   . VAL A 1 22  ? -9.45120  -2.48827  8.55233   1.000 38.84000 ? 12  VAL A N   1 
ATOM   67   C CA  . VAL A 1 22  ? -10.19806 -3.27129  9.52900   1.000 40.71000 ? 12  VAL A CA  1 
ATOM   68   C C   . VAL A 1 22  ? -10.75019 -4.48924  8.80628   1.000 37.25000 ? 12  VAL A C   1 
ATOM   69   O O   . VAL A 1 22  ? -11.57648 -4.36086  7.89554   1.000 40.65000 ? 12  VAL A O   1 
ATOM   70   C CB  . VAL A 1 22  ? -11.32226 -2.45529  10.18210  1.000 49.22000 ? 12  VAL A CB  1 
ATOM   71   C CG1 . VAL A 1 22  ? -12.09786 -3.31742  11.16996  1.000 42.31000 ? 12  VAL A CG1 1 
ATOM   72   C CG2 . VAL A 1 22  ? -10.75044 -1.22166  10.87090  1.000 45.87000 ? 12  VAL A CG2 1 
ATOM   73   N N   . TYR A 1 23  ? -10.27920 -5.67008  9.19674   1.000 40.16000 ? 13  TYR A N   1 
ATOM   74   C CA  . TYR A 1 23  ? -10.76752 -6.92864  8.65600   1.000 39.35000 ? 13  TYR A CA  1 
ATOM   75   C C   . TYR A 1 23  ? -11.75997 -7.52996  9.63825   1.000 41.13000 ? 13  TYR A C   1 
ATOM   76   O O   . TYR A 1 23  ? -11.49363 -7.58584  10.84300  1.000 47.68000 ? 13  TYR A O   1 
ATOM   77   C CB  . TYR A 1 23  ? -9.60826  -7.88502  8.37869   1.000 36.02000 ? 13  TYR A CB  1 
ATOM   78   C CG  . TYR A 1 23  ? -8.75021  -7.38021  7.24729   1.000 35.57000 ? 13  TYR A CG  1 
ATOM   79   C CD1 . TYR A 1 23  ? -9.07647  -7.66294  5.92888   1.000 32.72000 ? 13  TYR A CD1 1 
ATOM   80   C CD2 . TYR A 1 23  ? -7.64767  -6.57565  7.49400   1.000 35.72000 ? 13  TYR A CD2 1 
ATOM   81   C CE1 . TYR A 1 23  ? -8.31002  -7.18621  4.88965   1.000 30.45000 ? 13  TYR A CE1 1 
ATOM   82   C CE2 . TYR A 1 23  ? -6.87631  -6.09046  6.45917   1.000 34.23000 ? 13  TYR A CE2 1 
ATOM   83   C CZ  . TYR A 1 23  ? -7.21436  -6.39967  5.16142   1.000 31.80000 ? 13  TYR A CZ  1 
ATOM   84   O OH  . TYR A 1 23  ? -6.45478  -5.92270  4.12302   1.000 36.11000 ? 13  TYR A OH  1 
ATOM   85   N N   . LYS A 1 24  ? -12.90511 -7.95341  9.12434   1.000 40.72000 ? 14  LYS A N   1 
ATOM   86   C CA  . LYS A 1 24  ? -14.02765 -8.35841  9.95246   1.000 51.30000 ? 14  LYS A CA  1 
ATOM   87   C C   . LYS A 1 24  ? -14.13310 -9.87437  10.00089  1.000 52.23000 ? 14  LYS A C   1 
ATOM   88   O O   . LYS A 1 24  ? -13.93487 -10.55294 8.98763   1.000 45.93000 ? 14  LYS A O   1 
ATOM   89   C CB  . LYS A 1 24  ? -15.33175 -7.76271  9.41994   1.000 53.84000 ? 14  LYS A CB  1 
ATOM   90   C CG  . LYS A 1 24  ? -15.43153 -6.24530  9.54964   1.000 56.12000 ? 14  LYS A CG  1 
ATOM   91   C CD  . LYS A 1 24  ? -15.03492 -5.54596  8.25334   1.000 56.31000 ? 14  LYS A CD  1 
ATOM   92   C CE  . LYS A 1 24  ? -14.61213 -4.10231  8.50418   1.000 59.51000 ? 14  LYS A CE  1 
ATOM   93   N NZ  . LYS A 1 24  ? -14.58092 -3.31103  7.23960   1.000 64.00000 ? 14  LYS A NZ  1 
ATOM   94   N N   . SER A 1 25  ? -14.45228 -10.39799 11.18528  1.000 52.10000 ? 15  SER A N   1 
ATOM   95   C CA  . SER A 1 25  ? -14.69167 -11.82480 11.36057  1.000 52.55000 ? 15  SER A CA  1 
ATOM   96   C C   . SER A 1 25  ? -15.80332 -12.26473 10.41408  1.000 43.42000 ? 15  SER A C   1 
ATOM   97   O O   . SER A 1 25  ? -16.70311 -11.47179 10.10623  1.000 49.87000 ? 15  SER A O   1 
ATOM   98   C CB  . SER A 1 25  ? -15.04882 -12.14089 12.81449  1.000 51.12000 ? 15  SER A CB  1 
ATOM   99   O OG  . SER A 1 25  ? -13.91324 -12.02691 13.65841  1.000 50.83000 ? 15  SER A OG  1 
ATOM   100  N N   . PRO A 1 26  ? -15.78205 -13.50961 9.92034   1.000 49.45000 ? 16  PRO A N   1 
ATOM   101  C CA  . PRO A 1 26  ? -14.82508 -14.59316 10.21174  1.000 48.60000 ? 16  PRO A CA  1 
ATOM   102  C C   . PRO A 1 26  ? -13.40854 -14.33616 9.69443   1.000 46.40000 ? 16  PRO A C   1 
ATOM   103  O O   . PRO A 1 26  ? -13.18154 -14.20027 8.49906   1.000 51.86000 ? 16  PRO A O   1 
ATOM   104  C CB  . PRO A 1 26  ? -15.45925 -15.80968 9.51748   1.000 46.46000 ? 16  PRO A CB  1 
ATOM   105  C CG  . PRO A 1 26  ? -16.32558 -15.23491 8.43750   1.000 48.51000 ? 16  PRO A CG  1 
ATOM   106  C CD  . PRO A 1 26  ? -16.85206 -13.94802 9.00475   1.000 46.38000 ? 16  PRO A CD  1 
ATOM   107  N N   . LEU A 1 27  ? -12.43170 -14.26628 10.59503  1.000 43.53000 ? 17  LEU A N   1 
ATOM   108  C CA  . LEU A 1 27  ? -11.04275 -14.06004 10.20971  1.000 44.83000 ? 17  LEU A CA  1 
ATOM   109  C C   . LEU A 1 27  ? -10.37708 -15.32804 9.69534   1.000 51.92000 ? 17  LEU A C   1 
ATOM   110  O O   . LEU A 1 27  ? -9.20235  -15.28511 9.31774   1.000 51.90000 ? 17  LEU A O   1 
ATOM   111  C CB  . LEU A 1 27  ? -10.25702 -13.49574 11.39309  1.000 50.27000 ? 17  LEU A CB  1 
ATOM   112  C CG  . LEU A 1 27  ? -10.75079 -12.10304 11.79727  1.000 50.64000 ? 17  LEU A CG  1 
ATOM   113  C CD1 . LEU A 1 27  ? -10.13546 -11.65979 13.11168  1.000 47.70000 ? 17  LEU A CD1 1 
ATOM   114  C CD2 . LEU A 1 27  ? -10.45207 -11.10343 10.69167  1.000 42.15000 ? 17  LEU A CD2 1 
ATOM   115  N N   . THR A 1 28  ? -11.09377 -16.45092 9.67804   1.000 54.94000 ? 18  THR A N   1 
ATOM   116  C CA  . THR A 1 28  ? -10.59817 -17.67543 9.06887   1.000 54.76000 ? 18  THR A CA  1 
ATOM   117  C C   . THR A 1 28  ? -10.82504 -17.71212 7.56458   1.000 55.64000 ? 18  THR A C   1 
ATOM   118  O O   . THR A 1 28  ? -10.25305 -18.57026 6.88577   1.000 65.77000 ? 18  THR A O   1 
ATOM   119  C CB  . THR A 1 28  ? -11.26251 -18.88972 9.71799   1.000 48.23000 ? 18  THR A CB  1 
ATOM   120  O OG1 . THR A 1 28  ? -12.68152 -18.78853 9.57279   1.000 51.36000 ? 18  THR A OG1 1 
ATOM   121  C CG2 . THR A 1 28  ? -10.91044 -18.96445 11.19251  1.000 49.73000 ? 18  THR A CG2 1 
ATOM   122  N N   . GLU A 1 29  ? -11.64167 -16.80803 7.03810   1.000 53.56000 ? 19  GLU A N   1 
ATOM   123  C CA  . GLU A 1 29  ? -11.90863 -16.69268 5.61540   1.000 53.21000 ? 19  GLU A CA  1 
ATOM   124  C C   . GLU A 1 29  ? -11.20409 -15.45704 5.07042   1.000 54.19000 ? 19  GLU A C   1 
ATOM   125  O O   . GLU A 1 29  ? -10.86431 -14.53186 5.81498   1.000 47.98000 ? 19  GLU A O   1 
ATOM   126  C CB  . GLU A 1 29  ? -13.41431 -16.60375 5.35445   1.000 52.91000 ? 19  GLU A CB  1 
ATOM   127  C CG  . GLU A 1 29  ? -14.04711 -17.91713 4.94283   1.000 64.28000 ? 19  GLU A CG  1 
ATOM   128  C CD  . GLU A 1 29  ? -15.48016 -17.75128 4.47740   1.000 85.10000 ? 19  GLU A CD  1 
ATOM   129  O OE1 . GLU A 1 29  ? -16.12135 -16.74357 4.85596   1.000 73.54000 ? 19  GLU A OE1 1 
ATOM   130  O OE2 . GLU A 1 29  ? -15.96427 -18.63548 3.73551   1.000 88.73000 ? 19  GLU A OE2 1 
ATOM   131  N N   . GLN A 1 30  ? -10.98799 -15.43858 3.76165   1.000 43.60000 ? 20  GLN A N   1 
ATOM   132  C CA  . GLN A 1 30  ? -10.27203 -14.32221 3.16763   1.000 45.36000 ? 20  GLN A CA  1 
ATOM   133  C C   . GLN A 1 30  ? -11.23637 -13.20132 2.80016   1.000 39.54000 ? 20  GLN A C   1 
ATOM   134  O O   . GLN A 1 30  ? -12.39904 -13.43711 2.46169   1.000 38.64000 ? 20  GLN A O   1 
ATOM   135  C CB  . GLN A 1 30  ? -9.46125  -14.77129 1.94828   1.000 51.29000 ? 20  GLN A CB  1 
ATOM   136  C CG  . GLN A 1 30  ? -10.21032 -15.31574 0.77360   1.000 52.57000 ? 20  GLN A CG  1 
ATOM   137  C CD  . GLN A 1 30  ? -9.24364  -15.82830 -0.27518  1.000 38.50000 ? 20  GLN A CD  1 
ATOM   138  O OE1 . GLN A 1 30  ? -8.13011  -16.24359 0.04122   1.000 48.17000 ? 20  GLN A OE1 1 
ATOM   139  N NE2 . GLN A 1 30  ? -9.65765  -15.79063 -1.52604  1.000 41.44000 ? 20  GLN A NE2 1 
ATOM   140  N N   . SER A 1 31  ? -10.74481 -11.96928 2.90179   1.000 37.65000 ? 21  SER A N   1 
ATOM   141  C CA  . SER A 1 31  ? -11.56344 -10.80034 2.60384   1.000 37.87000 ? 21  SER A CA  1 
ATOM   142  C C   . SER A 1 31  ? -10.64983 -9.66737  2.17059   1.000 35.64000 ? 21  SER A C   1 
ATOM   143  O O   . SER A 1 31  ? -9.45830  -9.65861  2.47621   1.000 35.94000 ? 21  SER A O   1 
ATOM   144  C CB  . SER A 1 31  ? -12.41273 -10.36387 3.80673   1.000 37.81000 ? 21  SER A CB  1 
ATOM   145  O OG  . SER A 1 31  ? -11.61270 -10.22284 4.96998   1.000 37.62000 ? 21  SER A OG  1 
ATOM   146  N N   . THR A 1 32  ? -11.22059 -8.69292  1.47349   1.000 35.15000 ? 22  THR A N   1 
ATOM   147  C CA  . THR A 1 32  ? -10.43918 -7.62430  0.87133   1.000 31.83000 ? 22  THR A CA  1 
ATOM   148  C C   . THR A 1 32  ? -10.81086 -6.29549  1.50794   1.000 37.70000 ? 22  THR A C   1 
ATOM   149  O O   . THR A 1 32  ? -11.99334 -5.93750  1.55939   1.000 34.38000 ? 22  THR A O   1 
ATOM   150  C CB  . THR A 1 32  ? -10.67558 -7.56299  -0.63876  1.000 40.64000 ? 22  THR A CB  1 
ATOM   151  O OG1 . THR A 1 32  ? -10.36183 -8.83305  -1.22292  1.000 34.43000 ? 22  THR A OG1 1 
ATOM   152  C CG2 . THR A 1 32  ? -9.80798  -6.47677  -1.27401  1.000 30.58000 ? 22  THR A CG2 1 
ATOM   153  N N   . GLU A 1 33  ? -9.80979  -5.56729  1.98977   1.000 35.42000 ? 23  GLU A N   1 
ATOM   154  C CA  . GLU A 1 33  ? -10.01292 -4.16828  2.33205   1.000 38.96000 ? 23  GLU A CA  1 
ATOM   155  C C   . GLU A 1 33  ? -9.18246  -3.32485  1.37472   1.000 39.30000 ? 23  GLU A C   1 
ATOM   156  O O   . GLU A 1 33  ? -8.37984  -3.84320  0.59574   1.000 36.66000 ? 23  GLU A O   1 
ATOM   157  C CB  . GLU A 1 33  ? -9.67447  -3.89316  3.80057   1.000 34.56000 ? 23  GLU A CB  1 
ATOM   158  C CG  . GLU A 1 33  ? -10.53549 -4.70627  4.77546   1.000 34.48000 ? 23  GLU A CG  1 
ATOM   159  C CD  . GLU A 1 33  ? -12.00787 -4.31430  4.75915   1.000 47.60000 ? 23  GLU A CD  1 
ATOM   160  O OE1 . GLU A 1 33  ? -12.30938 -3.11104  4.59760   1.000 45.12000 ? 23  GLU A OE1 1 
ATOM   161  O OE2 . GLU A 1 33  ? -12.86745 -5.21094  4.91394   1.000 43.16000 ? 23  GLU A OE2 1 
ATOM   162  N N   . TYR A 1 34  ? -9.40834  -2.01971  1.38475   1.000 33.75000 ? 24  TYR A N   1 
ATOM   163  C CA  . TYR A 1 34  ? -8.87738  -1.18614  0.31717   1.000 34.22000 ? 24  TYR A CA  1 
ATOM   164  C C   . TYR A 1 34  ? -8.14853  0.02208   0.87375   1.000 36.70000 ? 24  TYR A C   1 
ATOM   165  O O   . TYR A 1 34  ? -8.63207  0.68887   1.79350   1.000 34.71000 ? 24  TYR A O   1 
ATOM   166  C CB  . TYR A 1 34  ? -9.98880  -0.72586  -0.62093  1.000 36.14000 ? 24  TYR A CB  1 
ATOM   167  C CG  . TYR A 1 34  ? -10.70949 -1.86774  -1.28233  1.000 37.82000 ? 24  TYR A CG  1 
ATOM   168  C CD1 . TYR A 1 34  ? -11.78322 -2.49009  -0.65582  1.000 36.95000 ? 24  TYR A CD1 1 
ATOM   169  C CD2 . TYR A 1 34  ? -10.30645 -2.34037  -2.52660  1.000 35.94000 ? 24  TYR A CD2 1 
ATOM   170  C CE1 . TYR A 1 34  ? -12.44371 -3.54566  -1.25368  1.000 38.68000 ? 24  TYR A CE1 1 
ATOM   171  C CE2 . TYR A 1 34  ? -10.95943 -3.39927  -3.13349  1.000 36.08000 ? 24  TYR A CE2 1 
ATOM   172  C CZ  . TYR A 1 34  ? -12.02532 -3.99600  -2.49294  1.000 39.43000 ? 24  TYR A CZ  1 
ATOM   173  O OH  . TYR A 1 34  ? -12.68104 -5.04348  -3.09213  1.000 40.92000 ? 24  TYR A OH  1 
ATOM   174  N N   . ALA A 1 35  ? -6.98032  0.29393   0.30574   1.000 32.94000 ? 25  ALA A N   1 
ATOM   175  C CA  . ALA A 1 35  ? -6.30864  1.56791   0.48872   1.000 35.93000 ? 25  ALA A CA  1 
ATOM   176  C C   . ALA A 1 35  ? -6.39553  2.34520   -0.81941  1.000 39.70000 ? 25  ALA A C   1 
ATOM   177  O O   . ALA A 1 35  ? -6.85872  1.83698   -1.84076  1.000 35.03000 ? 25  ALA A O   1 
ATOM   178  C CB  . ALA A 1 35  ? -4.85962  1.36651   0.93290   1.000 33.66000 ? 25  ALA A CB  1 
ATOM   179  N N   . SER A 1 36  ? -5.94632  3.59231   -0.78795  1.000 36.73000 ? 26  SER A N   1 
ATOM   180  C CA  . SER A 1 36  ? -6.02151  4.43274   -1.97011  1.000 29.67000 ? 26  SER A CA  1 
ATOM   181  C C   . SER A 1 36  ? -4.95088  5.51018   -1.90075  1.000 35.11000 ? 26  SER A C   1 
ATOM   182  O O   . SER A 1 36  ? -4.62859  6.01989   -0.81823  1.000 37.11000 ? 26  SER A O   1 
ATOM   183  C CB  . SER A 1 36  ? -7.41448  5.05299   -2.11138  1.000 36.63000 ? 26  SER A CB  1 
ATOM   184  O OG  . SER A 1 36  ? -7.58064  6.13029   -1.21126  1.000 42.50000 ? 26  SER A OG  1 
ATOM   185  N N   . ILE A 1 37  ? -4.39640  5.83370   -3.06958  1.000 32.17000 ? 27  ILE A N   1 
ATOM   186  C CA  . ILE A 1 37  ? -3.42383  6.90745   -3.23107  1.000 38.35000 ? 27  ILE A CA  1 
ATOM   187  C C   . ILE A 1 37  ? -3.95135  7.85259   -4.30081  1.000 31.70000 ? 27  ILE A C   1 
ATOM   188  O O   . ILE A 1 37  ? -4.17122  7.43645   -5.44352  1.000 31.63000 ? 27  ILE A O   1 
ATOM   189  C CB  . ILE A 1 37  ? -2.03259  6.38250   -3.62831  1.000 35.34000 ? 27  ILE A CB  1 
ATOM   190  C CG1 . ILE A 1 37  ? -1.45920  5.48221   -2.53389  1.000 35.60000 ? 27  ILE A CG1 1 
ATOM   191  C CG2 . ILE A 1 37  ? -1.09321  7.55129   -3.90306  1.000 32.31000 ? 27  ILE A CG2 1 
ATOM   192  C CD1 . ILE A 1 37  ? -1.46942  4.02284   -2.88579  1.000 43.54000 ? 27  ILE A CD1 1 
ATOM   193  N N   . SER A 1 38  ? -4.14874  9.11717   -3.93527  1.000 31.05000 ? 28  SER A N   1 
ATOM   194  C CA  . SER A 1 38  ? -4.60538  10.15299  -4.85022  1.000 29.54000 ? 28  SER A CA  1 
ATOM   195  C C   . SER A 1 38  ? -3.47124  11.13909  -5.08886  1.000 29.04000 ? 28  SER A C   1 
ATOM   196  O O   . SER A 1 38  ? -2.89884  11.67177  -4.13350  1.000 30.09000 ? 28  SER A O   1 
ATOM   197  C CB  . SER A 1 38  ? -5.82915  10.88576  -4.28859  1.000 29.91000 ? 28  SER A CB  1 
ATOM   198  O OG  . SER A 1 38  ? -6.91725  9.99887   -4.08725  1.000 32.30000 ? 28  SER A OG  1 
ATOM   199  N N   . ASN A 1 39  ? -3.14906  11.37943  -6.35911  1.000 29.85000 ? 29  ASN A N   1 
ATOM   200  C CA  . ASN A 1 39  ? -2.14688  12.37306  -6.74220  1.000 30.93000 ? 29  ASN A CA  1 
ATOM   201  C C   . ASN A 1 39  ? -2.88979  13.65313  -7.10001  1.000 34.24000 ? 29  ASN A C   1 
ATOM   202  O O   . ASN A 1 39  ? -3.46979  13.76961  -8.18319  1.000 37.90000 ? 29  ASN A O   1 
ATOM   203  C CB  . ASN A 1 39  ? -1.28744  11.89385  -7.90694  1.000 32.06000 ? 29  ASN A CB  1 
ATOM   204  C CG  . ASN A 1 39  ? -0.18366  12.87790  -8.25575  1.000 33.81000 ? 29  ASN A CG  1 
ATOM   205  O OD1 . ASN A 1 39  ? 0.04310   13.85507  -7.54134  1.000 37.61000 ? 29  ASN A OD1 1 
ATOM   206  N ND2 . ASN A 1 39  ? 0.50532   12.62870  -9.36128  1.000 30.71000 ? 29  ASN A ND2 1 
ATOM   207  N N   . ASN A 1 40  ? -2.87703  14.61390  -6.18362  1.000 36.46000 ? 30  ASN A N   1 
ATOM   208  C CA  . ASN A 1 40  ? -3.46124  15.92314  -6.43644  1.000 41.42000 ? 30  ASN A CA  1 
ATOM   209  C C   . ASN A 1 40  ? -2.40629  16.96400  -6.78190  1.000 45.57000 ? 30  ASN A C   1 
ATOM   210  O O   . ASN A 1 40  ? -2.71037  18.16004  -6.79513  1.000 47.58000 ? 30  ASN A O   1 
ATOM   211  C CB  . ASN A 1 40  ? -4.29405  16.37300  -5.23583  1.000 40.14000 ? 30  ASN A CB  1 
ATOM   212  C CG  . ASN A 1 40  ? -5.45099  15.42792  -4.94752  1.000 44.37000 ? 30  ASN A CG  1 
ATOM   213  O OD1 . ASN A 1 40  ? -6.24870  15.11528  -5.83725  1.000 41.73000 ? 30  ASN A OD1 1 
ATOM   214  N ND2 . ASN A 1 40  ? -5.55574  14.97732  -3.70044  1.000 40.72000 ? 30  ASN A ND2 1 
ATOM   215  N N   . SER A 1 41  ? -1.17653  16.53251  -7.05508  1.000 32.76000 ? 31  SER A N   1 
ATOM   216  C CA  . SER A 1 41  ? -0.13232  17.40241  -7.56910  1.000 33.82000 ? 31  SER A CA  1 
ATOM   217  C C   . SER A 1 41  ? -0.21454  17.44909  -9.09444  1.000 36.38000 ? 31  SER A C   1 
ATOM   218  O O   . SER A 1 41  ? -1.04234  16.77877  -9.71355  1.000 38.84000 ? 31  SER A O   1 
ATOM   219  C CB  . SER A 1 41  ? 1.24074   16.92131  -7.10035  1.000 39.08000 ? 31  SER A CB  1 
ATOM   220  O OG  . SER A 1 41  ? 1.67789   15.80206  -7.86109  1.000 37.06000 ? 31  SER A OG  1 
ATOM   221  N N   . ASP A 1 42  ? 0.65159   18.24965  -9.71303  1.000 34.88000 ? 32  ASP A N   1 
ATOM   222  C CA  . ASP A 1 42  ? 0.68038   18.37863  -11.16262 1.000 39.52000 ? 32  ASP A CA  1 
ATOM   223  C C   . ASP A 1 42  ? 1.78386   17.54787  -11.81448 1.000 38.09000 ? 32  ASP A C   1 
ATOM   224  O O   . ASP A 1 42  ? 2.07004   17.73505  -13.00194 1.000 37.08000 ? 32  ASP A O   1 
ATOM   225  C CB  . ASP A 1 42  ? 0.80971   19.85302  -11.56239 1.000 48.55000 ? 32  ASP A CB  1 
ATOM   226  C CG  . ASP A 1 42  ? 2.08501   20.50901  -11.03980 1.000 59.62000 ? 32  ASP A CG  1 
ATOM   227  O OD1 . ASP A 1 42  ? 2.99725   19.80513  -10.55463 1.000 57.11000 ? 32  ASP A OD1 1 
ATOM   228  O OD2 . ASP A 1 42  ? 2.16956   21.75516  -11.10654 1.000 83.20000 ? 32  ASP A OD2 1 
ATOM   229  N N   . GLN A 1 43  ? 2.39930   16.63364  -11.07343 1.000 36.34000 ? 33  GLN A N   1 
ATOM   230  C CA  . GLN A 1 43  ? 3.41619   15.75129  -11.62351 1.000 36.60000 ? 33  GLN A CA  1 
ATOM   231  C C   . GLN A 1 43  ? 3.09990   14.30873  -11.25319 1.000 33.70000 ? 33  GLN A C   1 
ATOM   232  O O   . GLN A 1 43  ? 2.55138   14.02851  -10.18152 1.000 32.86000 ? 33  GLN A O   1 
ATOM   233  C CB  . GLN A 1 43  ? 4.81559   16.13201  -11.13120 1.000 40.27000 ? 33  GLN A CB  1 
ATOM   234  C CG  . GLN A 1 43  ? 5.42434   17.30521  -11.89070 1.000 62.23000 ? 33  GLN A CG  1 
ATOM   235  C CD  . GLN A 1 43  ? 6.78294   17.71430  -11.34977 1.000 78.75000 ? 33  GLN A CD  1 
ATOM   236  O OE1 . GLN A 1 43  ? 7.63616   16.86602  -11.07881 1.000 70.33000 ? 33  GLN A OE1 1 
ATOM   237  N NE2 . GLN A 1 43  ? 6.99055   19.02096  -11.19252 1.000 73.80000 ? 33  GLN A NE2 1 
ATOM   238  N N   . THR A 1 44  ? 3.44354   13.39644  -12.16223 1.000 31.64000 ? 34  THR A N   1 
ATOM   239  C CA  . THR A 1 44  ? 3.21525   11.97803  -11.92684 1.000 31.56000 ? 34  THR A CA  1 
ATOM   240  C C   . THR A 1 44  ? 4.02404   11.51108  -10.72397 1.000 28.54000 ? 34  THR A C   1 
ATOM   241  O O   . THR A 1 44  ? 5.16720   11.92948  -10.52604 1.000 32.91000 ? 34  THR A O   1 
ATOM   242  C CB  . THR A 1 44  ? 3.60337   11.17278  -13.17030 1.000 32.40000 ? 34  THR A CB  1 
ATOM   243  O OG1 . THR A 1 44  ? 2.81177   11.59873  -14.28714 1.000 33.92000 ? 34  THR A OG1 1 
ATOM   244  C CG2 . THR A 1 44  ? 3.37228   9.68624   -12.94805 1.000 32.31000 ? 34  THR A CG2 1 
ATOM   245  N N   . ILE A 1 45  ? 3.42913   10.64581  -9.90504  1.000 27.62000 ? 35  ILE A N   1 
ATOM   246  C CA  . ILE A 1 45  ? 4.14985   10.04860  -8.79102  1.000 34.62000 ? 35  ILE A CA  1 
ATOM   247  C C   . ILE A 1 45  ? 4.21839   8.54269   -8.99894  1.000 32.59000 ? 35  ILE A C   1 
ATOM   248  O O   . ILE A 1 45  ? 3.51142   7.97740   -9.82667  1.000 34.18000 ? 35  ILE A O   1 
ATOM   249  C CB  . ILE A 1 45  ? 3.51068   10.37107  -7.43102  1.000 35.43000 ? 35  ILE A CB  1 
ATOM   250  C CG1 . ILE A 1 45  ? 2.07370   9.85075   -7.39380  1.000 33.38000 ? 35  ILE A CG1 1 
ATOM   251  C CG2 . ILE A 1 45  ? 3.58894   11.86289  -7.15098  1.000 33.17000 ? 35  ILE A CG2 1 
ATOM   252  C CD1 . ILE A 1 45  ? 1.58378   9.52088   -5.99882  1.000 43.08000 ? 35  ILE A CD1 1 
ATOM   253  N N   . ALA A 1 46  ? 5.08256   7.90014   -8.21864  1.000 35.51000 ? 36  ALA A N   1 
ATOM   254  C CA  . ALA A 1 46  ? 5.16179   6.45044   -8.12527  1.000 30.77000 ? 36  ALA A CA  1 
ATOM   255  C C   . ALA A 1 46  ? 5.02744   6.05468   -6.66367  1.000 30.94000 ? 36  ALA A C   1 
ATOM   256  O O   . ALA A 1 46  ? 5.39093   6.81891   -5.76943  1.000 36.01000 ? 36  ALA A O   1 
ATOM   257  C CB  . ALA A 1 46  ? 6.48056   5.91604   -8.70401  1.000 35.20000 ? 36  ALA A CB  1 
ATOM   258  N N   . PHE A 1 47  ? 4.47991   4.86610   -6.41999  1.000 30.09000 ? 37  PHE A N   1 
ATOM   259  C CA  . PHE A 1 47  ? 4.32168   4.37517   -5.06056  1.000 31.15000 ? 37  PHE A CA  1 
ATOM   260  C C   . PHE A 1 47  ? 4.63736   2.89007   -4.99392  1.000 33.43000 ? 37  PHE A C   1 
ATOM   261  O O   . PHE A 1 47  ? 4.53265   2.15168   -5.98324  1.000 32.04000 ? 37  PHE A O   1 
ATOM   262  C CB  . PHE A 1 47  ? 2.91303   4.62551   -4.49382  1.000 30.52000 ? 37  PHE A CB  1 
ATOM   263  C CG  . PHE A 1 47  ? 1.83640   3.73475   -5.06722  1.000 33.64000 ? 37  PHE A CG  1 
ATOM   264  C CD1 . PHE A 1 47  ? 1.62710   2.45749   -4.56311  1.000 33.59000 ? 37  PHE A CD1 1 
ATOM   265  C CD2 . PHE A 1 47  ? 0.99459   4.19309   -6.07040  1.000 41.20000 ? 37  PHE A CD2 1 
ATOM   266  C CE1 . PHE A 1 47  ? 0.63653   1.64076   -5.07206  1.000 29.05000 ? 37  PHE A CE1 1 
ATOM   267  C CE2 . PHE A 1 47  ? -0.00813  3.37640   -6.58361  1.000 38.68000 ? 37  PHE A CE2 1 
ATOM   268  C CZ  . PHE A 1 47  ? -0.18378  2.09811   -6.08001  1.000 35.05000 ? 37  PHE A CZ  1 
ATOM   269  N N   . LYS A 1 48  ? 4.97757   2.47476   -3.77325  1.000 31.94000 ? 38  LYS A N   1 
ATOM   270  C CA  . LYS A 1 48  ? 5.28099   1.09564   -3.42636  1.000 36.83000 ? 38  LYS A CA  1 
ATOM   271  C C   . LYS A 1 48  ? 4.62131   0.80771   -2.08491  1.000 35.36000 ? 38  LYS A C   1 
ATOM   272  O O   . LYS A 1 48  ? 4.73705   1.61023   -1.15235  1.000 36.68000 ? 38  LYS A O   1 
ATOM   273  C CB  . LYS A 1 48  ? 6.79301   0.89239   -3.33420  1.000 32.86000 ? 38  LYS A CB  1 
ATOM   274  C CG  . LYS A 1 48  ? 7.25895   -0.45266  -2.85236  1.000 43.94000 ? 38  LYS A CG  1 
ATOM   275  C CD  . LYS A 1 48  ? 8.74058   -0.53517  -3.14459  1.000 45.47000 ? 38  LYS A CD  1 
ATOM   276  C CE  . LYS A 1 48  ? 9.40869   -1.66472  -2.42111  1.000 68.01000 ? 38  LYS A CE  1 
ATOM   277  N NZ  . LYS A 1 48  ? 8.88691   -2.93693  -2.98901  1.000 78.68000 ? 38  LYS A NZ  1 
ATOM   278  N N   . VAL A 1 49  ? 3.91875   -0.31663  -1.99041  1.000 32.32000 ? 39  VAL A N   1 
ATOM   279  C CA  . VAL A 1 49  ? 3.28963   -0.76206  -0.74987  1.000 29.47000 ? 39  VAL A CA  1 
ATOM   280  C C   . VAL A 1 49  ? 4.08328   -1.95187  -0.22561  1.000 46.25000 ? 39  VAL A C   1 
ATOM   281  O O   . VAL A 1 49  ? 4.23173   -2.95922  -0.92780  1.000 34.29000 ? 39  VAL A O   1 
ATOM   282  C CB  . VAL A 1 49  ? 1.81609   -1.13891  -0.96297  1.000 32.27000 ? 39  VAL A CB  1 
ATOM   283  C CG1 . VAL A 1 49  ? 1.17947   -1.55262  0.36466   1.000 31.21000 ? 39  VAL A CG1 1 
ATOM   284  C CG2 . VAL A 1 49  ? 1.05750   0.02009   -1.59682  1.000 29.11000 ? 39  VAL A CG2 1 
ATOM   285  N N   . LYS A 1 50  ? 4.59330   -1.84241  1.00239   1.000 42.19000 ? 40  LYS A N   1 
ATOM   286  C CA  . LYS A 1 50  ? 5.33820   -2.92244  1.63508   1.000 45.20000 ? 40  LYS A CA  1 
ATOM   287  C C   . LYS A 1 50  ? 4.51195   -3.54119  2.75903   1.000 48.58000 ? 40  LYS A C   1 
ATOM   288  O O   . LYS A 1 50  ? 3.86193   -2.83322  3.53763   1.000 45.12000 ? 40  LYS A O   1 
ATOM   289  C CB  . LYS A 1 50  ? 6.70386   -2.44538  2.16219   1.000 41.02000 ? 40  LYS A CB  1 
ATOM   290  C CG  . LYS A 1 50  ? 7.69964   -2.09500  1.07315   1.000 54.72000 ? 40  LYS A CG  1 
ATOM   291  C CD  . LYS A 1 50  ? 8.61544   -3.27939  0.92603   1.000 78.43000 ? 40  LYS A CD  1 
ATOM   292  C CE  . LYS A 1 50  ? 8.07425   -4.11884  -0.23050  1.000 68.90000 ? 40  LYS A CE  1 
ATOM   293  N NZ  . LYS A 1 50  ? 8.97265   -5.24206  -0.57627  1.000 64.54000 ? 40  LYS A NZ  1 
ATOM   294  N N   . THR A 1 51  ? 4.52792   -4.87085  2.81480   1.000 44.12000 ? 41  THR A N   1 
ATOM   295  C CA  . THR A 1 51  ? 3.74472   -5.64893  3.76404   1.000 45.84000 ? 41  THR A CA  1 
ATOM   296  C C   . THR A 1 51  ? 4.65802   -6.24436  4.82459   1.000 45.99000 ? 41  THR A C   1 
ATOM   297  O O   . THR A 1 51  ? 5.65136   -6.90209  4.49515   1.000 43.25000 ? 41  THR A O   1 
ATOM   298  C CB  . THR A 1 51  ? 2.98723   -6.76932  3.05234   1.000 55.92000 ? 41  THR A CB  1 
ATOM   299  O OG1 . THR A 1 51  ? 2.23023   -6.22134  1.96502   1.000 52.76000 ? 41  THR A OG1 1 
ATOM   300  C CG2 . THR A 1 51  ? 2.05749   -7.47890  4.02607   1.000 45.33000 ? 41  THR A CG2 1 
ATOM   301  N N   . THR A 1 52  ? 4.31828   -6.01709  6.09471   1.000 35.41000 ? 42  THR A N   1 
ATOM   302  C CA  . THR A 1 52  ? 5.06734   -6.65360  7.17068   1.000 46.76000 ? 42  THR A CA  1 
ATOM   303  C C   . THR A 1 52  ? 4.74720   -8.13780  7.29654   1.000 40.86000 ? 42  THR A C   1 
ATOM   304  O O   . THR A 1 52  ? 5.57041   -8.89148  7.82463   1.000 43.33000 ? 42  THR A O   1 
ATOM   305  C CB  . THR A 1 52  ? 4.79688   -5.96170  8.50942   1.000 43.17000 ? 42  THR A CB  1 
ATOM   306  O OG1 . THR A 1 52  ? 3.45433   -6.23341  8.93599   1.000 43.51000 ? 42  THR A OG1 1 
ATOM   307  C CG2 . THR A 1 52  ? 5.01135   -4.46184  8.40027   1.000 46.63000 ? 42  THR A CG2 1 
ATOM   308  N N   . ALA A 1 53  ? 3.58251   -8.57656  6.82228   1.000 39.25000 ? 43  ALA A N   1 
ATOM   309  C CA  . ALA A 1 53  ? 3.13938   -9.96382  6.95717   1.000 37.86000 ? 43  ALA A CA  1 
ATOM   310  C C   . ALA A 1 53  ? 2.81321   -10.55793 5.58953   1.000 31.94000 ? 43  ALA A C   1 
ATOM   311  O O   . ALA A 1 53  ? 1.65735   -10.89047 5.30587   1.000 36.22000 ? 43  ALA A O   1 
ATOM   312  C CB  . ALA A 1 53  ? 1.93352   -10.04898 7.88941   1.000 41.01000 ? 43  ALA A CB  1 
ATOM   313  N N   . PRO A 1 54  ? 3.81766   -10.73484 4.72680   1.000 37.98000 ? 44  PRO A N   1 
ATOM   314  C CA  . PRO A 1 54  ? 3.53325   -11.14773 3.33983   1.000 37.43000 ? 44  PRO A CA  1 
ATOM   315  C C   . PRO A 1 54  ? 2.84272   -12.49581 3.21443   1.000 38.66000 ? 44  PRO A C   1 
ATOM   316  O O   . PRO A 1 54  ? 2.16438   -12.72713 2.20646   1.000 32.26000 ? 44  PRO A O   1 
ATOM   317  C CB  . PRO A 1 54  ? 4.92546   -11.17526 2.69409   1.000 45.56000 ? 44  PRO A CB  1 
ATOM   318  C CG  . PRO A 1 54  ? 5.85750   -11.40660 3.84313   1.000 45.34000 ? 44  PRO A CG  1 
ATOM   319  C CD  . PRO A 1 54  ? 5.26346   -10.60617 4.96920   1.000 42.09000 ? 44  PRO A CD  1 
ATOM   320  N N   . LYS A 1 55  ? 2.98313   -13.39223 4.19774   1.000 34.82000 ? 45  LYS A N   1 
ATOM   321  C CA  . LYS A 1 55  ? 2.32376   -14.69167 4.10407   1.000 39.37000 ? 45  LYS A CA  1 
ATOM   322  C C   . LYS A 1 55  ? 0.81349   -14.59485 4.24300   1.000 41.62000 ? 45  LYS A C   1 
ATOM   323  O O   . LYS A 1 55  ? 0.11449   -15.55307 3.90350   1.000 43.58000 ? 45  LYS A O   1 
ATOM   324  C CB  . LYS A 1 55  ? 2.86319   -15.65739 5.16285   1.000 38.96000 ? 45  LYS A CB  1 
ATOM   325  C CG  . LYS A 1 55  ? 4.37894   -15.69656 5.27237   1.000 46.21000 ? 45  LYS A CG  1 
ATOM   326  C CD  . LYS A 1 55  ? 4.83925   -16.67238 6.35329   1.000 46.00000 ? 45  LYS A CD  1 
ATOM   327  C CE  . LYS A 1 55  ? 6.35704   -16.83094 6.34628   1.000 62.04000 ? 45  LYS A CE  1 
ATOM   328  N NZ  . LYS A 1 55  ? 6.84721   -17.67845 7.47351   1.000 68.11000 ? 45  LYS A NZ  1 
ATOM   329  N N   . PHE A 1 56  ? 0.29135   -13.47122 4.72984   1.000 39.69000 ? 46  PHE A N   1 
ATOM   330  C CA  . PHE A 1 56  ? -1.12510  -13.36710 5.04469   1.000 43.23000 ? 46  PHE A CA  1 
ATOM   331  C C   . PHE A 1 56  ? -1.88614  -12.36787 4.18291   1.000 38.19000 ? 46  PHE A C   1 
ATOM   332  O O   . PHE A 1 56  ? -3.12059  -12.36711 4.22469   1.000 40.38000 ? 46  PHE A O   1 
ATOM   333  C CB  . PHE A 1 56  ? -1.29827  -13.00736 6.52669   1.000 40.17000 ? 46  PHE A CB  1 
ATOM   334  C CG  . PHE A 1 56  ? -0.77555  -14.06300 7.46430   1.000 49.30000 ? 46  PHE A CG  1 
ATOM   335  C CD1 . PHE A 1 56  ? -1.57930  -15.12221 7.85626   1.000 53.41000 ? 46  PHE A CD1 1 
ATOM   336  C CD2 . PHE A 1 56  ? 0.53233   -14.01184 7.92962   1.000 43.45000 ? 46  PHE A CD2 1 
ATOM   337  C CE1 . PHE A 1 56  ? -1.09534  -16.09969 8.71133   1.000 49.94000 ? 46  PHE A CE1 1 
ATOM   338  C CE2 . PHE A 1 56  ? 1.01857   -14.98395 8.78271   1.000 45.29000 ? 46  PHE A CE2 1 
ATOM   339  C CZ  . PHE A 1 56  ? 0.20414   -16.02826 9.17360   1.000 48.92000 ? 46  PHE A CZ  1 
ATOM   340  N N   . TYR A 1 57  ? -1.20081  -11.54231 3.39139   1.000 36.00000 ? 47  TYR A N   1 
ATOM   341  C CA  . TYR A 1 57  ? -1.86561  -10.54434 2.56523   1.000 42.82000 ? 47  TYR A CA  1 
ATOM   342  C C   . TYR A 1 57  ? -1.27970  -10.54149 1.16263   1.000 37.12000 ? 47  TYR A C   1 
ATOM   343  O O   . TYR A 1 57  ? -0.09180  -10.80999 0.96287   1.000 42.32000 ? 47  TYR A O   1 
ATOM   344  C CB  . TYR A 1 57  ? -1.74315  -9.13326  3.15488   1.000 32.03000 ? 47  TYR A CB  1 
ATOM   345  C CG  . TYR A 1 57  ? -2.20892  -9.01713  4.58301   1.000 34.74000 ? 47  TYR A CG  1 
ATOM   346  C CD1 . TYR A 1 57  ? -1.37614  -9.36897  5.63461   1.000 40.14000 ? 47  TYR A CD1 1 
ATOM   347  C CD2 . TYR A 1 57  ? -3.47822  -8.54206  4.88234   1.000 31.69000 ? 47  TYR A CD2 1 
ATOM   348  C CE1 . TYR A 1 57  ? -1.79513  -9.26374  6.94340   1.000 40.21000 ? 47  TYR A CE1 1 
ATOM   349  C CE2 . TYR A 1 57  ? -3.90507  -8.43041  6.18687   1.000 35.10000 ? 47  TYR A CE2 1 
ATOM   350  C CZ  . TYR A 1 57  ? -3.05867  -8.79248  7.21458   1.000 38.72000 ? 47  TYR A CZ  1 
ATOM   351  O OH  . TYR A 1 57  ? -3.47073  -8.69004  8.52374   1.000 43.97000 ? 47  TYR A OH  1 
ATOM   352  N N   . CYS A 1 58  ? -2.14031  -10.23436 0.19639   1.000 37.16000 ? 48  CYS A N   1 
ATOM   353  C CA  . CYS A 1 58  ? -1.75762  -9.98638  -1.18616  1.000 32.33000 ? 48  CYS A CA  1 
ATOM   354  C C   . CYS A 1 58  ? -2.13455  -8.55249  -1.52623  1.000 35.93000 ? 48  CYS A C   1 
ATOM   355  O O   . CYS A 1 58  ? -3.29477  -8.16748  -1.38089  1.000 35.38000 ? 48  CYS A O   1 
ATOM   356  C CB  . CYS A 1 58  ? -2.46563  -10.94898 -2.13866  1.000 33.01000 ? 48  CYS A CB  1 
ATOM   357  S SG  . CYS A 1 58  ? -1.99718  -10.78511 -3.88270  1.000 52.59000 ? 48  CYS A SG  1 
ATOM   358  N N   . VAL A 1 59  ? -1.16712  -7.76129  -1.96973  1.000 34.35000 ? 49  VAL A N   1 
ATOM   359  C CA  . VAL A 1 59  ? -1.38102  -6.35437  -2.28710  1.000 34.28000 ? 49  VAL A CA  1 
ATOM   360  C C   . VAL A 1 59  ? -1.37741  -6.19867  -3.80295  1.000 38.39000 ? 49  VAL A C   1 
ATOM   361  O O   . VAL A 1 59  ? -0.46150  -6.68328  -4.47830  1.000 38.02000 ? 49  VAL A O   1 
ATOM   362  C CB  . VAL A 1 59  ? -0.30660  -5.46920  -1.63460  1.000 37.97000 ? 49  VAL A CB  1 
ATOM   363  C CG1 . VAL A 1 59  ? -0.53710  -4.01113  -1.97865  1.000 33.17000 ? 49  VAL A CG1 1 
ATOM   364  C CG2 . VAL A 1 59  ? -0.29979  -5.67494  -0.12412  1.000 39.18000 ? 49  VAL A CG2 1 
ATOM   365  N N   . ARG A 1 60  ? -2.40494  -5.52950  -4.34086  1.000 27.78000 ? 50  ARG A N   1 
ATOM   366  C CA  . ARG A 1 60  ? -2.45610  -5.34800  -5.78805  1.000 25.94000 ? 50  ARG A CA  1 
ATOM   367  C C   . ARG A 1 60  ? -3.10180  -4.01777  -6.15043  1.000 33.23000 ? 50  ARG A C   1 
ATOM   368  O O   . ARG A 1 60  ? -4.25782  -3.77143  -5.78767  1.000 35.67000 ? 50  ARG A O   1 
ATOM   369  C CB  . ARG A 1 60  ? -3.21693  -6.49323  -6.46282  1.000 31.20000 ? 50  ARG A CB  1 
ATOM   370  C CG  . ARG A 1 60  ? -3.37455  -6.29648  -7.96183  1.000 37.04000 ? 50  ARG A CG  1 
ATOM   371  C CD  . ARG A 1 60  ? -3.82525  -7.54005  -8.72371  1.000 39.16000 ? 50  ARG A CD  1 
ATOM   372  N NE  . ARG A 1 60  ? -3.60133  -8.80300  -8.02558  1.000 39.15000 ? 50  ARG A NE  1 
ATOM   373  C CZ  . ARG A 1 60  ? -4.56850  -9.55855  -7.51844  1.000 43.61000 ? 50  ARG A CZ  1 
ATOM   374  N NH1 . ARG A 1 60  ? -5.83376  -9.16875  -7.53455  1.000 34.01000 ? 50  ARG A NH1 1 
ATOM   375  N NH2 . ARG A 1 60  ? -4.25783  -10.73614 -6.98292  1.000 40.39000 ? 50  ARG A NH2 1 
ATOM   376  N N   . PRO A 1 61  ? -2.38889  -3.13107  -6.85232  1.000 31.60000 ? 51  PRO A N   1 
ATOM   377  C CA  . PRO A 1 61  ? -0.98626  -3.24309  -7.26405  1.000 34.62000 ? 51  PRO A CA  1 
ATOM   378  C C   . PRO A 1 61  ? -0.07826  -2.92727  -6.09067  1.000 38.78000 ? 51  PRO A C   1 
ATOM   379  O O   . PRO A 1 61  ? -0.43006  -2.09301  -5.25995  1.000 37.98000 ? 51  PRO A O   1 
ATOM   380  C CB  . PRO A 1 61  ? -0.87993  -2.20441  -8.38358  1.000 34.38000 ? 51  PRO A CB  1 
ATOM   381  C CG  . PRO A 1 61  ? -1.84190  -1.13426  -7.96174  1.000 30.16000 ? 51  PRO A CG  1 
ATOM   382  C CD  . PRO A 1 61  ? -2.99635  -1.87445  -7.32891  1.000 34.49000 ? 51  PRO A CD  1 
ATOM   383  N N   . ASN A 1 62  ? 1.07639   -3.57578  -5.96769  1.000 31.07000 ? 52  ASN A N   1 
ATOM   384  C CA  . ASN A 1 62  ? 2.00216   -3.25429  -4.89383  1.000 33.71000 ? 52  ASN A CA  1 
ATOM   385  C C   . ASN A 1 62  ? 2.97495   -2.15241  -5.27665  1.000 34.54000 ? 52  ASN A C   1 
ATOM   386  O O   . ASN A 1 62  ? 3.73549   -1.69559  -4.41778  1.000 39.49000 ? 52  ASN A O   1 
ATOM   387  C CB  . ASN A 1 62  ? 2.77496   -4.50743  -4.45590  1.000 37.21000 ? 52  ASN A CB  1 
ATOM   388  C CG  . ASN A 1 62  ? 3.76735   -4.98001  -5.50087  1.000 47.07000 ? 52  ASN A CG  1 
ATOM   389  O OD1 . ASN A 1 62  ? 3.53216   -4.84967  -6.70034  1.000 40.29000 ? 52  ASN A OD1 1 
ATOM   390  N ND2 . ASN A 1 62  ? 4.87877   -5.55044  -5.04767  1.000 51.15000 ? 52  ASN A ND2 1 
ATOM   391  N N   . ALA A 1 63  ? 2.96683   -1.71955  -6.53750  1.000 29.48000 ? 53  ALA A N   1 
ATOM   392  C CA  . ALA A 1 63  ? 3.75588   -0.58276  -6.98635  1.000 29.53000 ? 53  ALA A CA  1 
ATOM   393  C C   . ALA A 1 63  ? 3.18505   -0.09565  -8.31015  1.000 37.60000 ? 53  ALA A C   1 
ATOM   394  O O   . ALA A 1 63  ? 2.84694   -0.90517  -9.17899  1.000 32.23000 ? 53  ALA A O   1 
ATOM   395  C CB  . ALA A 1 63  ? 5.23639   -0.94308  -7.15130  1.000 34.97000 ? 53  ALA A CB  1 
ATOM   396  N N   . ALA A 1 64  ? 3.08585   1.22268   -8.45841  1.000 28.53000 ? 54  ALA A N   1 
ATOM   397  C CA  . ALA A 1 64  ? 2.51115   1.78380   -9.68207  1.000 36.14000 ? 54  ALA A CA  1 
ATOM   398  C C   . ALA A 1 64  ? 2.73967   3.28864   -9.72032  1.000 35.42000 ? 54  ALA A C   1 
ATOM   399  O O   . ALA A 1 64  ? 3.19728   3.89103   -8.74771  1.000 33.01000 ? 54  ALA A O   1 
ATOM   400  C CB  . ALA A 1 64  ? 1.01158   1.48161   -9.79091  1.000 34.06000 ? 54  ALA A CB  1 
ATOM   401  N N   . VAL A 1 65  ? 2.38829   3.89771   -10.85368 1.000 31.43000 ? 55  VAL A N   1 
ATOM   402  C CA  . VAL A 1 65  ? 2.40778   5.34573   -10.98179 1.000 33.29000 ? 55  VAL A CA  1 
ATOM   403  C C   . VAL A 1 65  ? 0.98391   5.87372   -10.88693 1.000 32.75000 ? 55  VAL A C   1 
ATOM   404  O O   . VAL A 1 65  ? 0.00414   5.17926   -11.16989 1.000 34.68000 ? 55  VAL A O   1 
ATOM   405  C CB  . VAL A 1 65  ? 3.07740   5.83262   -12.28875 1.000 32.62000 ? 55  VAL A CB  1 
ATOM   406  C CG1 . VAL A 1 65  ? 4.56254   5.47685   -12.29740 1.000 43.76000 ? 55  VAL A CG1 1 
ATOM   407  C CG2 . VAL A 1 65  ? 2.35676   5.26641   -13.50575 1.000 34.93000 ? 55  VAL A CG2 1 
ATOM   408  N N   . VAL A 1 66  ? 0.87508   7.13215   -10.47098 1.000 31.34000 ? 56  VAL A N   1 
ATOM   409  C CA  . VAL A 1 66  ? -0.39193  7.83994   -10.35780 1.000 33.13000 ? 56  VAL A CA  1 
ATOM   410  C C   . VAL A 1 66  ? -0.22187  9.15693   -11.10475 1.000 33.20000 ? 56  VAL A C   1 
ATOM   411  O O   . VAL A 1 66  ? 0.63864   9.97504   -10.74670 1.000 30.01000 ? 56  VAL A O   1 
ATOM   412  C CB  . VAL A 1 66  ? -0.80434  8.08175   -8.89995  1.000 34.68000 ? 56  VAL A CB  1 
ATOM   413  C CG1 . VAL A 1 66  ? -2.23824  8.57308   -8.83406  1.000 31.40000 ? 56  VAL A CG1 1 
ATOM   414  C CG2 . VAL A 1 66  ? -0.63663  6.82065   -8.07138  1.000 28.47000 ? 56  VAL A CG2 1 
ATOM   415  N N   . ALA A 1 67  ? -1.00810  9.34151   -12.16137 1.000 31.45000 ? 57  ALA A N   1 
ATOM   416  C CA  . ALA A 1 67  ? -0.96734  10.55782  -12.94268 1.000 30.30000 ? 57  ALA A CA  1 
ATOM   417  C C   . ALA A 1 67  ? -1.58088  11.70224  -12.14176 1.000 31.12000 ? 57  ALA A C   1 
ATOM   418  O O   . ALA A 1 67  ? -2.32520  11.47036  -11.18644 1.000 29.91000 ? 57  ALA A O   1 
ATOM   419  C CB  . ALA A 1 67  ? -1.72718  10.36157  -14.25244 1.000 33.52000 ? 57  ALA A CB  1 
ATOM   420  N N   . PRO A 1 68  ? -1.26542  12.94728  -12.49610 1.000 30.57000 ? 58  PRO A N   1 
ATOM   421  C CA  . PRO A 1 68  ? -1.89362  14.07968  -11.80731 1.000 33.31000 ? 58  PRO A CA  1 
ATOM   422  C C   . PRO A 1 68  ? -3.41127  14.00120  -11.89414 1.000 31.06000 ? 58  PRO A C   1 
ATOM   423  O O   . PRO A 1 68  ? -3.98062  13.75426  -12.95850 1.000 34.25000 ? 58  PRO A O   1 
ATOM   424  C CB  . PRO A 1 68  ? -1.34469  15.29590  -12.55901 1.000 34.57000 ? 58  PRO A CB  1 
ATOM   425  C CG  . PRO A 1 68  ? -0.02620  14.82016  -13.08501 1.000 32.76000 ? 58  PRO A CG  1 
ATOM   426  C CD  . PRO A 1 68  ? -0.29983  13.40676  -13.51041 1.000 30.15000 ? 58  PRO A CD  1 
ATOM   427  N N   . GLY A 1 69  ? -4.05977  14.18861  -10.74921 1.000 33.84000 ? 59  GLY A N   1 
ATOM   428  C CA  . GLY A 1 69  ? -5.50054  14.13672  -10.66152 1.000 40.30000 ? 59  GLY A CA  1 
ATOM   429  C C   . GLY A 1 69  ? -6.08741  12.74563  -10.60202 1.000 40.77000 ? 59  GLY A C   1 
ATOM   430  O O   . GLY A 1 69  ? -7.31779  12.61365  -10.58452 1.000 31.63000 ? 59  GLY A O   1 
ATOM   431  N N   . GLU A 1 70  ? -5.25831  11.70712  -10.56107 1.000 33.39000 ? 60  GLU A N   1 
ATOM   432  C CA  . GLU A 1 70  ? -5.72384  10.32868  -10.56496 1.000 35.20000 ? 60  GLU A CA  1 
ATOM   433  C C   . GLU A 1 70  ? -5.69102  9.74878   -9.15484  1.000 33.02000 ? 60  GLU A C   1 
ATOM   434  O O   . GLU A 1 70  ? -4.86596  10.13151  -8.32331  1.000 32.19000 ? 60  GLU A O   1 
ATOM   435  C CB  . GLU A 1 70  ? -4.87058  9.46713   -11.50898 1.000 39.03000 ? 60  GLU A CB  1 
ATOM   436  C CG  . GLU A 1 70  ? -5.17101  7.96554   -11.45048 1.000 39.37000 ? 60  GLU A CG  1 
ATOM   437  C CD  . GLU A 1 70  ? -4.33844  7.12680   -12.41802 1.000 43.30000 ? 60  GLU A CD  1 
ATOM   438  O OE1 . GLU A 1 70  ? -3.16168  7.46758   -12.66773 1.000 38.88000 ? 60  GLU A OE1 1 
ATOM   439  O OE2 . GLU A 1 70  ? -4.86527  6.11653   -12.92516 1.000 45.95000 ? 60  GLU A OE2 1 
ATOM   440  N N   . THR A 1 71  ? -6.61350  8.82572   -8.89258  1.000 33.35000 ? 61  THR A N   1 
ATOM   441  C CA  . THR A 1 71  ? -6.61152  8.01138   -7.68815  1.000 31.80000 ? 61  THR A CA  1 
ATOM   442  C C   . THR A 1 71  ? -6.45490  6.55342   -8.08977  1.000 41.71000 ? 61  THR A C   1 
ATOM   443  O O   . THR A 1 71  ? -7.14671  6.07623   -8.99493  1.000 36.31000 ? 61  THR A O   1 
ATOM   444  C CB  . THR A 1 71  ? -7.90197  8.20172   -6.88391  1.000 34.73000 ? 61  THR A CB  1 
ATOM   445  O OG1 . THR A 1 71  ? -7.97765  9.55041   -6.40302  1.000 39.63000 ? 61  THR A OG1 1 
ATOM   446  C CG2 . THR A 1 71  ? -7.94456  7.23864   -5.70215  1.000 33.76000 ? 61  THR A CG2 1 
ATOM   447  N N   . ILE A 1 72  ? -5.54294  5.85343   -7.42635  1.000 28.69000 ? 62  ILE A N   1 
ATOM   448  C CA  . ILE A 1 72  ? -5.36763  4.41961   -7.60958  1.000 33.12000 ? 62  ILE A CA  1 
ATOM   449  C C   . ILE A 1 72  ? -5.80329  3.74004   -6.32416  1.000 35.93000 ? 62  ILE A C   1 
ATOM   450  O O   . ILE A 1 72  ? -5.29703  4.06076   -5.23979  1.000 34.74000 ? 62  ILE A O   1 
ATOM   451  C CB  . ILE A 1 72  ? -3.91897  4.06142   -7.96990  1.000 32.00000 ? 62  ILE A CB  1 
ATOM   452  C CG1 . ILE A 1 72  ? -3.55932  4.65830   -9.33026  1.000 33.44000 ? 62  ILE A CG1 1 
ATOM   453  C CG2 . ILE A 1 72  ? -3.72203  2.54848   -7.95289  1.000 33.30000 ? 62  ILE A CG2 1 
ATOM   454  C CD1 . ILE A 1 72  ? -4.08921  3.87095   -10.50456 1.000 46.42000 ? 62  ILE A CD1 1 
ATOM   455  N N   . GLN A 1 73  ? -6.76049  2.82472   -6.44009  1.000 33.15000 ? 63  GLN A N   1 
ATOM   456  C CA  . GLN A 1 73  ? -7.18807  2.02586   -5.30764  1.000 35.44000 ? 63  GLN A CA  1 
ATOM   457  C C   . GLN A 1 73  ? -6.37390  0.74333   -5.27214  1.000 34.31000 ? 63  GLN A C   1 
ATOM   458  O O   . GLN A 1 73  ? -6.14542  0.10610   -6.30202  1.000 37.18000 ? 63  GLN A O   1 
ATOM   459  C CB  . GLN A 1 73  ? -8.67955  1.70181   -5.38209  1.000 35.50000 ? 63  GLN A CB  1 
ATOM   460  C CG  . GLN A 1 73  ? -9.21275  1.00176   -4.13677  1.000 40.21000 ? 63  GLN A CG  1 
ATOM   461  C CD  . GLN A 1 73  ? -10.67756 0.61820   -4.25716  1.000 42.46000 ? 63  GLN A CD  1 
ATOM   462  O OE1 . GLN A 1 73  ? -11.06261 -0.13494  -5.15006  1.000 45.51000 ? 63  GLN A OE1 1 
ATOM   463  N NE2 . GLN A 1 73  ? -11.49940 1.12803   -3.35156  1.000 46.47000 ? 63  GLN A NE2 1 
ATOM   464  N N   . VAL A 1 74  ? -5.92466  0.38361   -4.07986  1.000 35.88000 ? 64  VAL A N   1 
ATOM   465  C CA  . VAL A 1 74  ? -5.06337  -0.76621  -3.85756  1.000 38.04000 ? 64  VAL A CA  1 
ATOM   466  C C   . VAL A 1 74  ? -5.86090  -1.79138  -3.06557  1.000 37.07000 ? 64  VAL A C   1 
ATOM   467  O O   . VAL A 1 74  ? -6.35173  -1.49383  -1.96675  1.000 34.49000 ? 64  VAL A O   1 
ATOM   468  C CB  . VAL A 1 74  ? -3.77857  -0.36807  -3.11657  1.000 35.79000 ? 64  VAL A CB  1 
ATOM   469  C CG1 . VAL A 1 74  ? -2.93843  -1.58751  -2.81390  1.000 39.02000 ? 64  VAL A CG1 1 
ATOM   470  C CG2 . VAL A 1 74  ? -2.98491  0.63418   -3.93856  1.000 36.49000 ? 64  VAL A CG2 1 
ATOM   471  N N   . GLN A 1 75  ? -6.00772  -2.98740  -3.63461  1.000 36.35000 ? 65  GLN A N   1 
ATOM   472  C CA  . GLN A 1 75  ? -6.62570  -4.10664  -2.94244  1.000 33.36000 ? 65  GLN A CA  1 
ATOM   473  C C   . GLN A 1 75  ? -5.63172  -4.71847  -1.96500  1.000 29.63000 ? 65  GLN A C   1 
ATOM   474  O O   . GLN A 1 75  ? -4.51897  -5.09104  -2.35088  1.000 35.45000 ? 65  GLN A O   1 
ATOM   475  C CB  . GLN A 1 75  ? -7.07547  -5.16610  -3.94506  1.000 38.09000 ? 65  GLN A CB  1 
ATOM   476  C CG  . GLN A 1 75  ? -7.80808  -4.62958  -5.16340  1.000 37.73000 ? 65  GLN A CG  1 
ATOM   477  C CD  . GLN A 1 75  ? -7.92725  -5.67539  -6.25562  1.000 43.17000 ? 65  GLN A CD  1 
ATOM   478  O OE1 . GLN A 1 75  ? -8.63862  -6.67062  -6.10300  1.000 50.78000 ? 65  GLN A OE1 1 
ATOM   479  N NE2 . GLN A 1 75  ? -7.21707  -5.46398  -7.35646  1.000 44.74000 ? 65  GLN A NE2 1 
ATOM   480  N N   . VAL A 1 76  ? -6.03160  -4.83082  -0.70499  1.000 29.04000 ? 66  VAL A N   1 
ATOM   481  C CA  . VAL A 1 76  ? -5.26866  -5.52763  0.31579   1.000 32.52000 ? 66  VAL A CA  1 
ATOM   482  C C   . VAL A 1 76  ? -6.09723  -6.75113  0.68932   1.000 33.20000 ? 66  VAL A C   1 
ATOM   483  O O   . VAL A 1 76  ? -7.07492  -6.65581  1.44140   1.000 34.19000 ? 66  VAL A O   1 
ATOM   484  C CB  . VAL A 1 76  ? -4.97896  -4.63387  1.52311   1.000 35.38000 ? 66  VAL A CB  1 
ATOM   485  C CG1 . VAL A 1 76  ? -3.94123  -5.27046  2.40330   1.000 30.11000 ? 66  VAL A CG1 1 
ATOM   486  C CG2 . VAL A 1 76  ? -4.50988  -3.25980  1.05540   1.000 36.24000 ? 66  VAL A CG2 1 
ATOM   487  N N   . ILE A 1 77  ? -5.72913  -7.89803  0.12456   1.000 30.61000 ? 67  ILE A N   1 
ATOM   488  C CA  . ILE A 1 77  ? -6.49099  -9.13321  0.26056   1.000 37.22000 ? 67  ILE A CA  1 
ATOM   489  C C   . ILE A 1 77  ? -5.90359  -9.93236  1.41738   1.000 35.36000 ? 67  ILE A C   1 
ATOM   490  O O   . ILE A 1 77  ? -4.80034  -10.47204 1.31180   1.000 39.58000 ? 67  ILE A O   1 
ATOM   491  C CB  . ILE A 1 77  ? -6.47095  -9.94190  -1.04159  1.000 32.44000 ? 67  ILE A CB  1 
ATOM   492  C CG1 . ILE A 1 77  ? -6.88137  -9.05479  -2.22292  1.000 37.92000 ? 67  ILE A CG1 1 
ATOM   493  C CG2 . ILE A 1 77  ? -7.36954  -11.16486 -0.93262  1.000 30.85000 ? 67  ILE A CG2 1 
ATOM   494  C CD1 . ILE A 1 77  ? -6.62897  -9.68091  -3.58052  1.000 36.77000 ? 67  ILE A CD1 1 
ATOM   495  N N   . PHE A 1 78  ? -6.63613  -9.99002  2.52496   1.000 34.46000 ? 68  PHE A N   1 
ATOM   496  C CA  . PHE A 1 78  ? -6.29895  -10.83436 3.66136   1.000 38.71000 ? 68  PHE A CA  1 
ATOM   497  C C   . PHE A 1 78  ? -6.67439  -12.27748 3.34992   1.000 39.82000 ? 68  PHE A C   1 
ATOM   498  O O   . PHE A 1 78  ? -7.82246  -12.56122 2.98719   1.000 34.89000 ? 68  PHE A O   1 
ATOM   499  C CB  . PHE A 1 78  ? -7.05166  -10.34566 4.89708   1.000 39.42000 ? 68  PHE A CB  1 
ATOM   500  C CG  . PHE A 1 78  ? -6.82214  -11.16751 6.12743   1.000 42.39000 ? 68  PHE A CG  1 
ATOM   501  C CD1 . PHE A 1 78  ? -5.54391  -11.38080 6.61093   1.000 42.33000 ? 68  PHE A CD1 1 
ATOM   502  C CD2 . PHE A 1 78  ? -7.89565  -11.70627 6.81796   1.000 44.20000 ? 68  PHE A CD2 1 
ATOM   503  C CE1 . PHE A 1 78  ? -5.33721  -12.13085 7.75775   1.000 49.49000 ? 68  PHE A CE1 1 
ATOM   504  C CE2 . PHE A 1 78  ? -7.69962  -12.45446 7.96262   1.000 44.16000 ? 68  PHE A CE2 1 
ATOM   505  C CZ  . PHE A 1 78  ? -6.41615  -12.66812 8.43190   1.000 46.61000 ? 68  PHE A CZ  1 
ATOM   506  N N   . LEU A 1 79  ? -5.70399  -13.18398 3.49570   1.000 38.94000 ? 69  LEU A N   1 
ATOM   507  C CA  . LEU A 1 79  ? -5.86589  -14.59081 3.14972   1.000 40.27000 ? 69  LEU A CA  1 
ATOM   508  C C   . LEU A 1 79  ? -6.50045  -15.42099 4.25919   1.000 38.74000 ? 69  LEU A C   1 
ATOM   509  O O   . LEU A 1 79  ? -6.88011  -16.56834 4.01048   1.000 43.24000 ? 69  LEU A O   1 
ATOM   510  C CB  . LEU A 1 79  ? -4.51099  -15.20153 2.77474   1.000 39.31000 ? 69  LEU A CB  1 
ATOM   511  C CG  . LEU A 1 79  ? -3.77940  -14.55225 1.59597   1.000 35.81000 ? 69  LEU A CG  1 
ATOM   512  C CD1 . LEU A 1 79  ? -2.44705  -15.24164 1.34508   1.000 45.20000 ? 69  LEU A CD1 1 
ATOM   513  C CD2 . LEU A 1 79  ? -4.64655  -14.60761 0.35416   1.000 38.05000 ? 69  LEU A CD2 1 
ATOM   514  N N   . GLY A 1 80  ? -6.61681  -14.88792 5.47007   1.000 45.49000 ? 70  GLY A N   1 
ATOM   515  C CA  . GLY A 1 80  ? -7.31674  -15.56368 6.54359   1.000 47.58000 ? 70  GLY A CA  1 
ATOM   516  C C   . GLY A 1 80  ? -6.37579  -16.27067 7.50450   1.000 50.72000 ? 70  GLY A C   1 
ATOM   517  O O   . GLY A 1 80  ? -5.18174  -16.45402 7.25457   1.000 45.13000 ? 70  GLY A O   1 
ATOM   518  N N   . LEU A 1 81  ? -6.94536  -16.67203 8.63370   1.000 51.44000 ? 71  LEU A N   1 
ATOM   519  C CA  . LEU A 1 81  ? -6.22859  -17.40900 9.65952   1.000 46.52000 ? 71  LEU A CA  1 
ATOM   520  C C   . LEU A 1 81  ? -6.74616  -18.83899 9.71614   1.000 57.97000 ? 71  LEU A C   1 
ATOM   521  O O   . LEU A 1 81  ? -7.80780  -19.16119 9.17565   1.000 60.95000 ? 71  LEU A O   1 
ATOM   522  C CB  . LEU A 1 81  ? -6.38657  -16.74218 11.03068  1.000 51.52000 ? 71  LEU A CB  1 
ATOM   523  C CG  . LEU A 1 81  ? -5.82854  -15.32321 11.14696  1.000 65.16000 ? 71  LEU A CG  1 
ATOM   524  C CD1 . LEU A 1 81  ? -5.62301  -14.94159 12.60718  1.000 69.30000 ? 71  LEU A CD1 1 
ATOM   525  C CD2 . LEU A 1 81  ? -4.53568  -15.17833 10.35790  1.000 57.68000 ? 71  LEU A CD2 1 
ATOM   526  N N   . THR A 1 82  ? -5.97567  -19.70531 10.36911  1.000 64.73000 ? 72  THR A N   1 
ATOM   527  C CA  . THR A 1 82  ? -6.42998  -21.07291 10.56911  1.000 62.60000 ? 72  THR A CA  1 
ATOM   528  C C   . THR A 1 82  ? -7.46921  -21.17932 11.67627  1.000 67.58000 ? 72  THR A C   1 
ATOM   529  O O   . THR A 1 82  ? -8.26921  -22.12099 11.66880  1.000 58.54000 ? 72  THR A O   1 
ATOM   530  C CB  . THR A 1 82  ? -5.23803  -21.97943 10.88074  1.000 61.96000 ? 72  THR A CB  1 
ATOM   531  O OG1 . THR A 1 82  ? -4.64384  -21.57734 12.11925  1.000 75.26000 ? 72  THR A OG1 1 
ATOM   532  C CG2 . THR A 1 82  ? -4.19862  -21.88068 9.77721   1.000 57.41000 ? 72  THR A CG2 1 
ATOM   533  N N   . GLU A 1 83  ? -7.47223  -20.23811 12.62151  1.000 69.13000 ? 73  GLU A N   1 
ATOM   534  C CA  . GLU A 1 83  ? -8.42009  -20.22178 13.72721  1.000 61.82000 ? 73  GLU A CA  1 
ATOM   535  C C   . GLU A 1 83  ? -8.77435  -18.77886 14.04892  1.000 64.15000 ? 73  GLU A C   1 
ATOM   536  O O   . GLU A 1 83  ? -7.96971  -17.86827 13.84037  1.000 61.72000 ? 73  GLU A O   1 
ATOM   537  C CB  . GLU A 1 83  ? -7.85031  -20.88677 14.98790  1.000 71.63000 ? 73  GLU A CB  1 
ATOM   538  C CG  . GLU A 1 83  ? -6.76866  -21.92622 14.73727  1.000 76.84000 ? 73  GLU A CG  1 
ATOM   539  C CD  . GLU A 1 83  ? -6.07418  -22.36033 16.01002  1.000 87.69000 ? 73  GLU A CD  1 
ATOM   540  O OE1 . GLU A 1 83  ? -6.50001  -21.91360 17.09840  1.000 77.58000 ? 73  GLU A OE1 1 
ATOM   541  O OE2 . GLU A 1 83  ? -5.09622  -23.13480 15.92214  1.000 92.77000 ? 73  GLU A OE2 1 
ATOM   542  N N   . GLU A 1 84  ? -9.97527  -18.57813 14.57688  1.000 63.95000 ? 74  GLU A N   1 
ATOM   543  C CA  . GLU A 1 84  ? -10.36241 -17.24665 15.02836  1.000 66.45000 ? 74  GLU A CA  1 
ATOM   544  C C   . GLU A 1 84  ? -9.53480  -16.86412 16.24895  1.000 69.61000 ? 74  GLU A C   1 
ATOM   545  O O   . GLU A 1 84  ? -9.52711  -17.59939 17.24345  1.000 67.71000 ? 74  GLU A O   1 
ATOM   546  C CB  . GLU A 1 84  ? -11.84818 -17.18785 15.36986  1.000 62.26000 ? 74  GLU A CB  1 
ATOM   547  C CG  . GLU A 1 84  ? -12.75844 -17.49053 14.20282  1.000 59.35000 ? 74  GLU A CG  1 
ATOM   548  C CD  . GLU A 1 84  ? -12.92230 -16.31830 13.25431  1.000 61.00000 ? 74  GLU A CD  1 
ATOM   549  O OE1 . GLU A 1 84  ? -12.55677 -15.17423 13.61731  1.000 54.40000 ? 74  GLU A OE1 1 
ATOM   550  O OE2 . GLU A 1 84  ? -13.42648 -16.54596 12.13663  1.000 49.23000 ? 74  GLU A OE2 1 
ATOM   551  N N   . PRO A 1 85  ? -8.83091  -15.73941 16.21790  1.000 70.74000 ? 75  PRO A N   1 
ATOM   552  C CA  . PRO A 1 85  ? -8.01280  -15.33807 17.36472  1.000 72.72000 ? 75  PRO A CA  1 
ATOM   553  C C   . PRO A 1 85  ? -8.87388  -14.81703 18.50882  1.000 77.14000 ? 75  PRO A C   1 
ATOM   554  O O   . PRO A 1 85  ? -10.06628 -14.54144 18.35890  1.000 72.62000 ? 75  PRO A O   1 
ATOM   555  C CB  . PRO A 1 85  ? -7.12469  -14.22922 16.79106  1.000 73.68000 ? 75  PRO A CB  1 
ATOM   556  C CG  . PRO A 1 85  ? -7.93370  -13.65378 15.67503  1.000 72.31000 ? 75  PRO A CG  1 
ATOM   557  C CD  . PRO A 1 85  ? -8.69686  -14.80783 15.08412  1.000 67.86000 ? 75  PRO A CD  1 
ATOM   558  N N   . ALA A 1 86  ? -8.23387  -14.68394 19.66972  1.000 71.50000 ? 76  ALA A N   1 
ATOM   559  C CA  . ALA A 1 86  ? -8.92650  -14.20519 20.85675  1.000 70.29000 ? 76  ALA A CA  1 
ATOM   560  C C   . ALA A 1 86  ? -9.49959  -12.81193 20.61882  1.000 75.81000 ? 76  ALA A C   1 
ATOM   561  O O   . ALA A 1 86  ? -8.98945  -12.03365 19.80708  1.000 76.00000 ? 76  ALA A O   1 
ATOM   562  C CB  . ALA A 1 86  ? -7.97710  -14.18937 22.05409  1.000 66.62000 ? 76  ALA A CB  1 
ATOM   563  N N   . ALA A 1 87  ? -10.58412 -12.50388 21.33611  1.000 76.57000 ? 77  ALA A N   1 
ATOM   564  C CA  . ALA A 1 87  ? -11.23450 -11.20723 21.18871  1.000 77.87000 ? 77  ALA A CA  1 
ATOM   565  C C   . ALA A 1 87  ? -10.32339 -10.05160 21.58426  1.000 76.97000 ? 77  ALA A C   1 
ATOM   566  O O   . ALA A 1 87  ? -10.52635 -8.92751  21.11226  1.000 76.81000 ? 77  ALA A O   1 
ATOM   567  C CB  . ALA A 1 87  ? -12.51675 -11.16871 22.02234  1.000 75.89000 ? 77  ALA A CB  1 
ATOM   568  N N   . ASP A 1 88  ? -9.32297  -10.30407 22.42622  1.000 77.27000 ? 78  ASP A N   1 
ATOM   569  C CA  . ASP A 1 88  ? -8.39251  -9.27956  22.87940  1.000 80.52000 ? 78  ASP A CA  1 
ATOM   570  C C   . ASP A 1 88  ? -7.16862  -9.13692  21.98333  1.000 82.90000 ? 78  ASP A C   1 
ATOM   571  O O   . ASP A 1 88  ? -6.43171  -8.15406  22.12529  1.000 78.08000 ? 78  ASP A O   1 
ATOM   572  C CB  . ASP A 1 88  ? -7.94356  -9.58903  24.31306  1.000 86.61000 ? 78  ASP A CB  1 
ATOM   573  C CG  . ASP A 1 88  ? -7.51106  -11.03965 24.49297  1.000 93.34000 ? 78  ASP A CG  1 
ATOM   574  O OD1 . ASP A 1 88  ? -6.86947  -11.60328 23.58008  1.000 85.22000 ? 78  ASP A OD1 1 
ATOM   575  O OD2 . ASP A 1 88  ? -7.83257  -11.62393 25.55118  1.000 97.93000 ? 78  ASP A OD2 1 
ATOM   576  N N   . PHE A 1 89  ? -6.94037  -10.08505 21.07362  1.000 82.75000 ? 79  PHE A N   1 
ATOM   577  C CA  . PHE A 1 89  ? -5.73087  -10.08144 20.26140  1.000 76.69000 ? 79  PHE A CA  1 
ATOM   578  C C   . PHE A 1 89  ? -5.61381  -8.79234  19.45987  1.000 68.30000 ? 79  PHE A C   1 
ATOM   579  O O   . PHE A 1 89  ? -6.58499  -8.31310  18.86532  1.000 63.24000 ? 79  PHE A O   1 
ATOM   580  C CB  . PHE A 1 89  ? -5.72126  -11.28561 19.32086  1.000 69.08000 ? 79  PHE A CB  1 
ATOM   581  C CG  . PHE A 1 89  ? -4.62941  -11.24158 18.29090  1.000 74.20000 ? 79  PHE A CG  1 
ATOM   582  C CD1 . PHE A 1 89  ? -3.31469  -11.50293 18.64322  1.000 70.55000 ? 79  PHE A CD1 1 
ATOM   583  C CD2 . PHE A 1 89  ? -4.91352  -10.93615 16.96949  1.000 72.13000 ? 79  PHE A CD2 1 
ATOM   584  C CE1 . PHE A 1 89  ? -2.30779  -11.46316 17.69588  1.000 69.35000 ? 79  PHE A CE1 1 
ATOM   585  C CE2 . PHE A 1 89  ? -3.90971  -10.89571 16.02043  1.000 62.87000 ? 79  PHE A CE2 1 
ATOM   586  C CZ  . PHE A 1 89  ? -2.60755  -11.15866 16.38483  1.000 54.43000 ? 79  PHE A CZ  1 
ATOM   587  N N   . LYS A 1 90  ? -4.41202  -8.22744  19.45713  1.000 61.18000 ? 80  LYS A N   1 
ATOM   588  C CA  . LYS A 1 90  ? -4.09267  -7.03233  18.68526  1.000 67.20000 ? 80  LYS A CA  1 
ATOM   589  C C   . LYS A 1 90  ? -3.24298  -7.44552  17.48852  1.000 63.49000 ? 80  LYS A C   1 
ATOM   590  O O   . LYS A 1 90  ? -2.09306  -7.86777  17.65642  1.000 60.26000 ? 80  LYS A O   1 
ATOM   591  C CB  . LYS A 1 90  ? -3.35216  -6.00476  19.54208  1.000 64.92000 ? 80  LYS A CB  1 
ATOM   592  C CG  . LYS A 1 90  ? -4.00581  -5.56829  20.85103  1.000 75.32000 ? 80  LYS A CG  1 
ATOM   593  C CD  . LYS A 1 90  ? -4.69774  -4.22121  20.66343  1.000 70.75000 ? 80  LYS A CD  1 
ATOM   594  C CE  . LYS A 1 90  ? -5.04420  -3.56770  21.99589  1.000 80.31000 ? 80  LYS A CE  1 
ATOM   595  N NZ  . LYS A 1 90  ? -6.23757  -4.14961  22.66068  1.000 83.26000 ? 80  LYS A NZ  1 
ATOM   596  N N   . CYS A 1 91  ? -3.80574  -7.32566  16.28783  1.000 62.04000 ? 81  CYS A N   1 
ATOM   597  C CA  . CYS A 1 91  ? -3.01626  -7.52388  15.08024  1.000 51.01000 ? 81  CYS A CA  1 
ATOM   598  C C   . CYS A 1 91  ? -1.92920  -6.46251  14.99272  1.000 51.52000 ? 81  CYS A C   1 
ATOM   599  O O   . CYS A 1 91  ? -2.20014  -5.26304  15.10729  1.000 61.06000 ? 81  CYS A O   1 
ATOM   600  C CB  . CYS A 1 91  ? -3.90514  -7.46846  13.83871  1.000 48.81000 ? 81  CYS A CB  1 
ATOM   601  S SG  . CYS A 1 91  ? -2.99447  -7.69919  12.29253  1.000 44.91000 ? 81  CYS A SG  1 
ATOM   602  N N   . ARG A 1 92  ? -0.69186  -6.90668  14.79976  1.000 48.96000 ? 82  ARG A N   1 
ATOM   603  C CA  . ARG A 1 92  ? 0.44299   -6.00522  14.69624  1.000 48.26000 ? 82  ARG A CA  1 
ATOM   604  C C   . ARG A 1 92  ? 0.89980   -5.80494  13.25737  1.000 49.87000 ? 82  ARG A C   1 
ATOM   605  O O   . ARG A 1 92  ? 1.90201   -5.12043  13.02957  1.000 55.79000 ? 82  ARG A O   1 
ATOM   606  C CB  . ARG A 1 92  ? 1.60059   -6.52852  15.55364  1.000 67.69000 ? 82  ARG A CB  1 
ATOM   607  C CG  . ARG A 1 92  ? 1.29440   -6.56152  17.04911  1.000 53.14000 ? 82  ARG A CG  1 
ATOM   608  C CD  . ARG A 1 92  ? 1.57475   -5.21266  17.69631  1.000 72.58000 ? 82  ARG A CD  1 
ATOM   609  N NE  . ARG A 1 92  ? 0.79946   -4.98743  18.91230  1.000 80.12000 ? 82  ARG A NE  1 
ATOM   610  C CZ  . ARG A 1 92  ? -0.29633  -4.24130  18.97256  1.000 78.91000 ? 82  ARG A CZ  1 
ATOM   611  N NH1 . ARG A 1 92  ? -0.79902  -3.65810  17.89434  1.000 80.33000 ? 82  ARG A NH1 1 
ATOM   612  N NH2 . ARG A 1 92  ? -0.89871  -4.06591  20.14602  1.000 76.06000 ? 82  ARG A NH2 1 
ATOM   613  N N   . ASP A 1 93  ? 0.18639   -6.37452  12.28715  1.000 47.78000 ? 83  ASP A N   1 
ATOM   614  C CA  . ASP A 1 93  ? 0.56792   -6.23755  10.88845  1.000 43.01000 ? 83  ASP A CA  1 
ATOM   615  C C   . ASP A 1 93  ? 0.45804   -4.78385  10.44182  1.000 45.52000 ? 83  ASP A C   1 
ATOM   616  O O   . ASP A 1 93  ? -0.34729  -4.00900  10.96290  1.000 41.29000 ? 83  ASP A O   1 
ATOM   617  C CB  . ASP A 1 93  ? -0.31868  -7.11671  10.00835  1.000 36.28000 ? 83  ASP A CB  1 
ATOM   618  C CG  . ASP A 1 93  ? -0.23711  -8.58005  10.37825  1.000 41.78000 ? 83  ASP A CG  1 
ATOM   619  O OD1 . ASP A 1 93  ? 0.81490   -9.00390  10.89916  1.000 40.59000 ? 83  ASP A OD1 1 
ATOM   620  O OD2 . ASP A 1 93  ? -1.22777  -9.30388  10.15275  1.000 44.14000 ? 83  ASP A OD2 1 
ATOM   621  N N   . LYS A 1 94  ? 1.27543   -4.41840  9.45596   1.000 37.08000 ? 84  LYS A N   1 
ATOM   622  C CA  . LYS A 1 94  ? 1.32247   -3.04757  8.97384   1.000 48.04000 ? 84  LYS A CA  1 
ATOM   623  C C   . LYS A 1 94  ? 1.63674   -3.04296  7.48579   1.000 47.16000 ? 84  LYS A C   1 
ATOM   624  O O   . LYS A 1 94  ? 2.20284   -3.99621  6.94345   1.000 44.02000 ? 84  LYS A O   1 
ATOM   625  C CB  . LYS A 1 94  ? 2.35983   -2.21365  9.73799   1.000 52.68000 ? 84  LYS A CB  1 
ATOM   626  C CG  . LYS A 1 94  ? 1.95879   -1.85945  11.16160  1.000 60.93000 ? 84  LYS A CG  1 
ATOM   627  C CD  . LYS A 1 94  ? 3.00278   -0.99182  11.84629  1.000 66.70000 ? 84  LYS A CD  1 
ATOM   628  C CE  . LYS A 1 94  ? 3.28360   -1.48338  13.26065  1.000 65.43000 ? 84  LYS A CE  1 
ATOM   629  N NZ  . LYS A 1 94  ? 4.65630   -1.12995  13.71815  1.000 66.15000 ? 84  LYS A NZ  1 
ATOM   630  N N   . PHE A 1 95  ? 1.26376   -1.94465  6.83397   1.000 38.30000 ? 85  PHE A N   1 
ATOM   631  C CA  . PHE A 1 95  ? 1.57100   -1.69990  5.43012   1.000 40.84000 ? 85  PHE A CA  1 
ATOM   632  C C   . PHE A 1 95  ? 2.20576   -0.32499  5.31930   1.000 46.96000 ? 85  PHE A C   1 
ATOM   633  O O   . PHE A 1 95  ? 1.59958   0.67321   5.71078   1.000 42.26000 ? 85  PHE A O   1 
ATOM   634  C CB  . PHE A 1 95  ? 0.31000   -1.78214  4.56514   1.000 38.85000 ? 85  PHE A CB  1 
ATOM   635  C CG  . PHE A 1 95  ? -0.35302  -3.12259  4.60142   1.000 39.82000 ? 85  PHE A CG  1 
ATOM   636  C CD1 . PHE A 1 95  ? 0.01910   -4.11995  3.71627   1.000 43.50000 ? 85  PHE A CD1 1 
ATOM   637  C CD2 . PHE A 1 95  ? -1.32442  -3.40052  5.54493   1.000 41.18000 ? 85  PHE A CD2 1 
ATOM   638  C CE1 . PHE A 1 95  ? -0.58466  -5.36422  3.75772   1.000 45.99000 ? 85  PHE A CE1 1 
ATOM   639  C CE2 . PHE A 1 95  ? -1.92888  -4.63836  5.58841   1.000 48.75000 ? 85  PHE A CE2 1 
ATOM   640  C CZ  . PHE A 1 95  ? -1.55289  -5.62608  4.70360   1.000 45.78000 ? 85  PHE A CZ  1 
ATOM   641  N N   . LEU A 1 96  ? 3.41711   -0.26483  4.79302   1.000 39.59000 ? 86  LEU A N   1 
ATOM   642  C CA  . LEU A 1 96  ? 4.08512   1.01462   4.60966   1.000 41.70000 ? 86  LEU A CA  1 
ATOM   643  C C   . LEU A 1 96  ? 3.95698   1.42352   3.14891   1.000 46.20000 ? 86  LEU A C   1 
ATOM   644  O O   . LEU A 1 96  ? 4.44352   0.72024   2.25938   1.000 37.65000 ? 86  LEU A O   1 
ATOM   645  C CB  . LEU A 1 96  ? 5.55097   0.94890   5.03872   1.000 41.75000 ? 86  LEU A CB  1 
ATOM   646  C CG  . LEU A 1 96  ? 6.34006   2.22592   4.72716   1.000 43.13000 ? 86  LEU A CG  1 
ATOM   647  C CD1 . LEU A 1 96  ? 5.77914   3.40129   5.51652   1.000 49.67000 ? 86  LEU A CD1 1 
ATOM   648  C CD2 . LEU A 1 96  ? 7.80992   2.03602   5.04763   1.000 48.23000 ? 86  LEU A CD2 1 
ATOM   649  N N   . VAL A 1 97  ? 3.28151   2.54365   2.90779   1.000 35.87000 ? 87  VAL A N   1 
ATOM   650  C CA  . VAL A 1 97  ? 3.13524   3.10790   1.57416   1.000 35.22000 ? 87  VAL A CA  1 
ATOM   651  C C   . VAL A 1 97  ? 4.17323   4.20503   1.41754   1.000 42.30000 ? 87  VAL A C   1 
ATOM   652  O O   . VAL A 1 97  ? 4.26330   5.10421   2.26466   1.000 42.57000 ? 87  VAL A O   1 
ATOM   653  C CB  . VAL A 1 97  ? 1.71580   3.66042   1.35902   1.000 33.57000 ? 87  VAL A CB  1 
ATOM   654  C CG1 . VAL A 1 97  ? 1.54186   4.14964   -0.07538  1.000 33.51000 ? 87  VAL A CG1 1 
ATOM   655  C CG2 . VAL A 1 97  ? 0.67171   2.61472   1.71851   1.000 33.42000 ? 87  VAL A CG2 1 
ATOM   656  N N   . ILE A 1 98  ? 4.96209   4.12614   0.34774   1.000 37.43000 ? 88  ILE A N   1 
ATOM   657  C CA  . ILE A 1 98  ? 5.95521   5.13895   0.01875   1.000 38.31000 ? 88  ILE A CA  1 
ATOM   658  C C   . ILE A 1 98  ? 5.60386   5.71237   -1.34333  1.000 36.32000 ? 88  ILE A C   1 
ATOM   659  O O   . ILE A 1 98  ? 5.36283   4.95500   -2.29014  1.000 34.82000 ? 88  ILE A O   1 
ATOM   660  C CB  . ILE A 1 98  ? 7.38218   4.55970   0.00217   1.000 36.80000 ? 88  ILE A CB  1 
ATOM   661  C CG1 . ILE A 1 98  ? 7.65089   3.74166   1.26176   1.000 36.69000 ? 88  ILE A CG1 1 
ATOM   662  C CG2 . ILE A 1 98  ? 8.39846   5.67171   -0.11707  1.000 40.54000 ? 88  ILE A CG2 1 
ATOM   663  C CD1 . ILE A 1 98  ? 9.07970   3.23254   1.35505   1.000 47.44000 ? 88  ILE A CD1 1 
ATOM   664  N N   . THR A 1 99  ? 5.57684   7.04253   -1.44704  1.000 36.22000 ? 89  THR A N   1 
ATOM   665  C CA  . THR A 1 99  ? 5.35762   7.71962   -2.71411  1.000 41.11000 ? 89  THR A CA  1 
ATOM   666  C C   . THR A 1 99  ? 6.51404   8.66894   -2.99345  1.000 42.85000 ? 89  THR A C   1 
ATOM   667  O O   . THR A 1 99  ? 7.07151   9.29125   -2.08108  1.000 41.87000 ? 89  THR A O   1 
ATOM   668  C CB  . THR A 1 99  ? 4.03371   8.50221   -2.73591  1.000 37.96000 ? 89  THR A CB  1 
ATOM   669  O OG1 . THR A 1 99  ? 4.14403   9.66465   -1.90738  1.000 39.54000 ? 89  THR A OG1 1 
ATOM   670  C CG2 . THR A 1 99  ? 2.89295   7.64110   -2.23826  1.000 34.99000 ? 89  THR A CG2 1 
ATOM   671  N N   . LEU A 1 100 ? 6.84988   8.77397   -4.27074  1.000 39.31000 ? 90  LEU A N   1 
ATOM   672  C CA  . LEU A 1 100 ? 8.01261   9.48411   -4.77914  1.000 38.19000 ? 90  LEU A CA  1 
ATOM   673  C C   . LEU A 1 100 ? 7.61769   10.19167  -6.05926  1.000 39.08000 ? 90  LEU A C   1 
ATOM   674  O O   . LEU A 1 100 ? 6.66609   9.78389   -6.73278  1.000 38.02000 ? 90  LEU A O   1 
ATOM   675  C CB  . LEU A 1 100 ? 9.15585   8.50875   -5.07755  1.000 41.56000 ? 90  LEU A CB  1 
ATOM   676  C CG  . LEU A 1 100 ? 10.23137  8.13459   -4.07164  1.000 49.10000 ? 90  LEU A CG  1 
ATOM   677  C CD1 . LEU A 1 100 ? 9.65480   7.61056   -2.78810  1.000 58.97000 ? 90  LEU A CD1 1 
ATOM   678  C CD2 . LEU A 1 100 ? 11.03797  7.05671   -4.73500  1.000 51.03000 ? 90  LEU A CD2 1 
ATOM   679  N N   . PRO A 1 101 ? 8.33559   11.25130  -6.43956  1.000 39.99000 ? 91  PRO A N   1 
ATOM   680  C CA  . PRO A 1 101 ? 8.17295   11.78298  -7.79322  1.000 34.58000 ? 91  PRO A CA  1 
ATOM   681  C C   . PRO A 1 101 ? 8.61309   10.74693  -8.81609  1.000 39.22000 ? 91  PRO A C   1 
ATOM   682  O O   . PRO A 1 101 ? 9.49690   9.92673   -8.56004  1.000 38.89000 ? 91  PRO A O   1 
ATOM   683  C CB  . PRO A 1 101 ? 9.08550   13.01580  -7.80944  1.000 43.97000 ? 91  PRO A CB  1 
ATOM   684  C CG  . PRO A 1 101 ? 9.35335   13.32635  -6.36677  1.000 51.27000 ? 91  PRO A CG  1 
ATOM   685  C CD  . PRO A 1 101 ? 9.34977   12.00004  -5.67896  1.000 51.18000 ? 91  PRO A CD  1 
ATOM   686  N N   . SER A 1 102 ? 7.97490   10.77626  -9.97955  1.000 35.15000 ? 92  SER A N   1 
ATOM   687  C CA  . SER A 1 102 ? 8.30354   9.87043   -11.08062 1.000 37.68000 ? 92  SER A CA  1 
ATOM   688  C C   . SER A 1 102 ? 8.40751   10.70246  -12.35192 1.000 31.92000 ? 92  SER A C   1 
ATOM   689  O O   . SER A 1 102 ? 7.53332   10.65702  -13.22413 1.000 37.75000 ? 92  SER A O   1 
ATOM   690  C CB  . SER A 1 102 ? 7.25564   8.76285   -11.20803 1.000 34.24000 ? 92  SER A CB  1 
ATOM   691  O OG  . SER A 1 102 ? 7.69383   7.71802   -12.06279 1.000 34.31000 ? 92  SER A OG  1 
ATOM   692  N N   . PRO A 1 103 ? 9.47461   11.49562  -12.47917 1.000 34.12000 ? 93  PRO A N   1 
ATOM   693  C CA  . PRO A 1 103 ? 9.57348   12.42142  -13.61353 1.000 38.42000 ? 93  PRO A CA  1 
ATOM   694  C C   . PRO A 1 103 ? 10.11079  11.79969  -14.89319 1.000 38.13000 ? 93  PRO A C   1 
ATOM   695  O O   . PRO A 1 103 ? 10.06131  12.45773  -15.94124 1.000 38.82000 ? 93  PRO A O   1 
ATOM   696  C CB  . PRO A 1 103 ? 10.52920  13.49358  -13.08584 1.000 43.80000 ? 93  PRO A CB  1 
ATOM   697  C CG  . PRO A 1 103 ? 11.46506  12.70994  -12.20709 1.000 45.20000 ? 93  PRO A CG  1 
ATOM   698  C CD  . PRO A 1 103 ? 10.62372  11.62169  -11.56584 1.000 45.77000 ? 93  PRO A CD  1 
ATOM   699  N N   . TYR A 1 104 ? 10.60657  10.56817  -14.85351 1.000 39.48000 ? 94  TYR A N   1 
ATOM   700  C CA  . TYR A 1 104 ? 11.20934  9.93673   -16.01815 1.000 40.31000 ? 94  TYR A CA  1 
ATOM   701  C C   . TYR A 1 104 ? 10.27273  8.89800   -16.61824 1.000 35.99000 ? 94  TYR A C   1 
ATOM   702  O O   . TYR A 1 104 ? 9.62798   8.13143   -15.89742 1.000 38.06000 ? 94  TYR A O   1 
ATOM   703  C CB  . TYR A 1 104 ? 12.54226  9.28003   -15.65698 1.000 39.90000 ? 94  TYR A CB  1 
ATOM   704  C CG  . TYR A 1 104 ? 13.42637  10.16536  -14.81822 1.000 45.60000 ? 94  TYR A CG  1 
ATOM   705  C CD1 . TYR A 1 104 ? 13.79633  11.42660  -15.26487 1.000 49.70000 ? 94  TYR A CD1 1 
ATOM   706  C CD2 . TYR A 1 104 ? 13.87086  9.75220   -13.57333 1.000 50.44000 ? 94  TYR A CD2 1 
ATOM   707  C CE1 . TYR A 1 104 ? 14.59899  12.24690  -14.49824 1.000 54.74000 ? 94  TYR A CE1 1 
ATOM   708  C CE2 . TYR A 1 104 ? 14.67644  10.56359  -12.79920 1.000 55.38000 ? 94  TYR A CE2 1 
ATOM   709  C CZ  . TYR A 1 104 ? 15.03527  11.80883  -13.26585 1.000 54.01000 ? 94  TYR A CZ  1 
ATOM   710  O OH  . TYR A 1 104 ? 15.83492  12.61764  -12.49195 1.000 69.74000 ? 94  TYR A OH  1 
ATOM   711  N N   . ASP A 1 105 ? 10.19371  8.88853   -17.94353 1.000 33.58000 ? 95  ASP A N   1 
ATOM   712  C CA  . ASP A 1 105 ? 9.52235   7.80470   -18.64173 1.000 37.70000 ? 95  ASP A CA  1 
ATOM   713  C C   . ASP A 1 105 ? 10.18967  6.48609   -18.27239 1.000 37.31000 ? 95  ASP A C   1 
ATOM   714  O O   . ASP A 1 105 ? 11.41836  6.38435   -18.26107 1.000 37.40000 ? 95  ASP A O   1 
ATOM   715  C CB  . ASP A 1 105 ? 9.58148   8.04809   -20.15195 1.000 40.48000 ? 95  ASP A CB  1 
ATOM   716  C CG  . ASP A 1 105 ? 8.64656   7.15058   -20.93137 1.000 39.03000 ? 95  ASP A CG  1 
ATOM   717  O OD1 . ASP A 1 105 ? 8.85132   5.91166   -20.93773 1.000 37.32000 ? 95  ASP A OD1 1 
ATOM   718  O OD2 . ASP A 1 105 ? 7.72818   7.69091   -21.58289 1.000 37.13000 ? 95  ASP A OD2 1 
ATOM   719  N N   . LEU A 1 106 ? 9.37651   5.48486   -17.93597 1.000 33.01000 ? 96  LEU A N   1 
ATOM   720  C CA  . LEU A 1 106 ? 9.92072   4.20754   -17.49501 1.000 38.51000 ? 96  LEU A CA  1 
ATOM   721  C C   . LEU A 1 106 ? 10.52617  3.39157   -18.62801 1.000 35.34000 ? 96  LEU A C   1 
ATOM   722  O O   . LEU A 1 106 ? 11.17709  2.37713   -18.35098 1.000 41.78000 ? 96  LEU A O   1 
ATOM   723  C CB  . LEU A 1 106 ? 8.83634   3.38350   -16.79810 1.000 39.25000 ? 96  LEU A CB  1 
ATOM   724  C CG  . LEU A 1 106 ? 8.18505   4.01911   -15.56949 1.000 38.12000 ? 96  LEU A CG  1 
ATOM   725  C CD1 . LEU A 1 106 ? 7.09315   3.12179   -15.02347 1.000 38.43000 ? 96  LEU A CD1 1 
ATOM   726  C CD2 . LEU A 1 106 ? 9.23648   4.29448   -14.51150 1.000 44.92000 ? 96  LEU A CD2 1 
ATOM   727  N N   . ASN A 1 107 ? 10.33383  3.80156   -19.88027 1.000 32.85000 ? 97  ASN A N   1 
ATOM   728  C CA  . ASN A 1 107 ? 10.80765  3.04603   -21.03623 1.000 36.27000 ? 97  ASN A CA  1 
ATOM   729  C C   . ASN A 1 107 ? 10.31356  1.60349   -20.97914 1.000 35.75000 ? 97  ASN A C   1 
ATOM   730  O O   . ASN A 1 107 ? 11.06114  0.65292   -21.20274 1.000 36.74000 ? 97  ASN A O   1 
ATOM   731  C CB  . ASN A 1 107 ? 12.33398  3.10400   -21.14002 1.000 40.92000 ? 97  ASN A CB  1 
ATOM   732  C CG  . ASN A 1 107 ? 12.84389  4.52106   -21.32754 1.000 41.68000 ? 97  ASN A CG  1 
ATOM   733  O OD1 . ASN A 1 107 ? 12.23733  5.31821   -22.04356 1.000 37.00000 ? 97  ASN A OD1 1 
ATOM   734  N ND2 . ASN A 1 107 ? 13.95533  4.84383   -20.67932 1.000 42.93000 ? 97  ASN A ND2 1 
ATOM   735  N N   . GLY A 1 108 ? 9.03409   1.44932   -20.65112 1.000 34.05000 ? 98  GLY A N   1 
ATOM   736  C CA  . GLY A 1 108 ? 8.40195   0.14945   -20.61660 1.000 38.01000 ? 98  GLY A CA  1 
ATOM   737  C C   . GLY A 1 108 ? 8.73873   -0.71846  -19.42422 1.000 43.11000 ? 98  GLY A C   1 
ATOM   738  O O   . GLY A 1 108 ? 8.15321   -1.80030  -19.28869 1.000 40.20000 ? 98  GLY A O   1 
ATOM   739  N N   . LYS A 1 109 ? 9.66186   -0.30019  -18.56213 1.000 39.91000 ? 99  LYS A N   1 
ATOM   740  C CA  . LYS A 1 109 ? 9.94700   -1.07595  -17.36603 1.000 41.23000 ? 99  LYS A CA  1 
ATOM   741  C C   . LYS A 1 109 ? 8.83684   -0.87614  -16.33596 1.000 49.74000 ? 99  LYS A C   1 
ATOM   742  O O   . LYS A 1 109 ? 8.04367   0.06769   -16.41328 1.000 44.94000 ? 99  LYS A O   1 
ATOM   743  C CB  . LYS A 1 109 ? 11.29966  -0.68483  -16.75872 1.000 37.67000 ? 99  LYS A CB  1 
ATOM   744  C CG  . LYS A 1 109 ? 12.40983  -0.34744  -17.75526 1.000 42.89000 ? 99  LYS A CG  1 
ATOM   745  C CD  . LYS A 1 109 ? 13.12350  -1.58229  -18.29118 1.000 65.50000 ? 99  LYS A CD  1 
ATOM   746  C CE  . LYS A 1 109 ? 14.61165  -1.31687  -18.53339 1.000 65.49000 ? 99  LYS A CE  1 
ATOM   747  N NZ  . LYS A 1 109 ? 15.39293  -1.13624  -17.27248 1.000 58.80000 ? 99  LYS A NZ  1 
ATOM   748  N N   . ALA A 1 110 ? 8.78273   -1.78435  -15.36479 1.000 39.62000 ? 100 ALA A N   1 
ATOM   749  C CA  . ALA A 1 110 ? 7.80682   -1.70475  -14.28770 1.000 47.85000 ? 100 ALA A CA  1 
ATOM   750  C C   . ALA A 1 110 ? 8.31438   -0.78785  -13.18081 1.000 45.38000 ? 100 ALA A C   1 
ATOM   751  O O   . ALA A 1 110 ? 9.50887   -0.50251  -13.07782 1.000 45.15000 ? 100 ALA A O   1 
ATOM   752  C CB  . ALA A 1 110 ? 7.50589   -3.09480  -13.72483 1.000 45.66000 ? 100 ALA A CB  1 
ATOM   753  N N   . VAL A 1 111 ? 7.38411   -0.31479  -12.34752 1.000 40.52000 ? 101 VAL A N   1 
ATOM   754  C CA  . VAL A 1 111 ? 7.77780   0.57045   -11.25400 1.000 35.87000 ? 101 VAL A CA  1 
ATOM   755  C C   . VAL A 1 111 ? 8.71216   -0.15377  -10.29444 1.000 39.87000 ? 101 VAL A C   1 
ATOM   756  O O   . VAL A 1 111 ? 9.70766   0.41472   -9.82725  1.000 37.97000 ? 101 VAL A O   1 
ATOM   757  C CB  . VAL A 1 111 ? 6.53656   1.12604   -10.53198 1.000 34.75000 ? 101 VAL A CB  1 
ATOM   758  C CG1 . VAL A 1 111 ? 6.95087   1.83695   -9.26237  1.000 33.16000 ? 101 VAL A CG1 1 
ATOM   759  C CG2 . VAL A 1 111 ? 5.77726   2.06972   -11.44498 1.000 37.72000 ? 101 VAL A CG2 1 
ATOM   760  N N   . ALA A 1 112 ? 8.41678   -1.42606  -9.99689  1.000 48.27000 ? 102 ALA A N   1 
ATOM   761  C CA  . ALA A 1 112 ? 9.31329   -2.21260  -9.15371  1.000 50.49000 ? 102 ALA A CA  1 
ATOM   762  C C   . ALA A 1 112 ? 10.71382  -2.28889  -9.74587  1.000 50.19000 ? 102 ALA A C   1 
ATOM   763  O O   . ALA A 1 112 ? 11.69783  -2.39438  -9.00417  1.000 58.28000 ? 102 ALA A O   1 
ATOM   764  C CB  . ALA A 1 112 ? 8.74051   -3.61354  -8.93737  1.000 45.14000 ? 102 ALA A CB  1 
ATOM   765  N N   . ASP A 1 113 ? 10.82623  -2.21628  -11.07572 1.000 56.75000 ? 103 ASP A N   1 
ATOM   766  C CA  . ASP A 1 113 ? 12.13743  -2.18413  -11.71549 1.000 46.29000 ? 103 ASP A CA  1 
ATOM   767  C C   . ASP A 1 113 ? 12.92733  -0.95165  -11.29063 1.000 51.88000 ? 103 ASP A C   1 
ATOM   768  O O   . ASP A 1 113 ? 14.00533  -1.06291  -10.69776 1.000 63.14000 ? 103 ASP A O   1 
ATOM   769  C CB  . ASP A 1 113 ? 11.98443  -2.22053  -13.23925 1.000 54.70000 ? 103 ASP A CB  1 
ATOM   770  C CG  . ASP A 1 113 ? 12.38356  -3.54566  -13.83310 1.000 48.39000 ? 103 ASP A CG  1 
ATOM   771  O OD1 . ASP A 1 113 ? 13.19369  -4.24929  -13.19716 1.000 48.65000 ? 103 ASP A OD1 1 
ATOM   772  O OD2 . ASP A 1 113 ? 11.91526  -3.86884  -14.94433 1.000 62.69000 ? 103 ASP A OD2 1 
ATOM   773  N N   . VAL A 1 114 ? 12.39556  0.24061   -11.57646 1.000 51.75000 ? 104 VAL A N   1 
ATOM   774  C CA  . VAL A 1 114 ? 13.15910  1.47066   -11.38658 1.000 44.30000 ? 104 VAL A CA  1 
ATOM   775  C C   . VAL A 1 114 ? 13.11989  1.98261   -9.95655  1.000 47.57000 ? 104 VAL A C   1 
ATOM   776  O O   . VAL A 1 114 ? 13.83988  2.94384   -9.64146  1.000 48.30000 ? 104 VAL A O   1 
ATOM   777  C CB  . VAL A 1 114 ? 12.64885  2.60733   -12.29257 1.000 49.91000 ? 104 VAL A CB  1 
ATOM   778  C CG1 . VAL A 1 114 ? 12.63589  2.16284   -13.75442 1.000 52.75000 ? 104 VAL A CG1 1 
ATOM   779  C CG2 . VAL A 1 114 ? 11.28835  3.10054   -11.82015 1.000 47.92000 ? 104 VAL A CG2 1 
ATOM   780  N N   . TRP A 1 115 ? 12.30720  1.37474   -9.08767  1.000 52.32000 ? 105 TRP A N   1 
ATOM   781  C CA  . TRP A 1 115 ? 12.09851  1.91297   -7.74750  1.000 48.21000 ? 105 TRP A CA  1 
ATOM   782  C C   . TRP A 1 115 ? 13.40970  2.07123   -6.99868  1.000 57.69000 ? 105 TRP A C   1 
ATOM   783  O O   . TRP A 1 115 ? 13.56909  3.00165   -6.20295  1.000 57.60000 ? 105 TRP A O   1 
ATOM   784  C CB  . TRP A 1 115 ? 11.15221  1.01456   -6.95167  1.000 47.43000 ? 105 TRP A CB  1 
ATOM   785  C CG  . TRP A 1 115 ? 10.83628  1.57881   -5.60590  1.000 52.14000 ? 105 TRP A CG  1 
ATOM   786  C CD1 . TRP A 1 115 ? 11.38514  1.21455   -4.41154  1.000 52.17000 ? 105 TRP A CD1 1 
ATOM   787  C CD2 . TRP A 1 115 ? 9.89690   2.62081   -5.31553  1.000 43.51000 ? 105 TRP A CD2 1 
ATOM   788  N NE1 . TRP A 1 115 ? 10.84545  1.96770   -3.39442  1.000 54.70000 ? 105 TRP A NE1 1 
ATOM   789  C CE2 . TRP A 1 115 ? 9.92819   2.83636   -3.92472  1.000 48.62000 ? 105 TRP A CE2 1 
ATOM   790  C CE3 . TRP A 1 115 ? 9.03170   3.39018   -6.09740  1.000 39.36000 ? 105 TRP A CE3 1 
ATOM   791  C CZ2 . TRP A 1 115 ? 9.12881   3.78946   -3.30037  1.000 43.10000 ? 105 TRP A CZ2 1 
ATOM   792  C CZ3 . TRP A 1 115 ? 8.23857   4.33467   -5.47664  1.000 42.12000 ? 105 TRP A CZ3 1 
ATOM   793  C CH2 . TRP A 1 115 ? 8.29079   4.52527   -4.09323  1.000 39.77000 ? 105 TRP A CH2 1 
ATOM   794  N N   . SER A 1 116 ? 14.36387  1.17118   -7.24625  1.000 63.14000 ? 106 SER A N   1 
ATOM   795  C CA  . SER A 1 116 ? 15.66796  1.26252   -6.60355  1.000 61.97000 ? 106 SER A CA  1 
ATOM   796  C C   . SER A 1 116 ? 16.30729  2.62164   -6.86840  1.000 49.77000 ? 106 SER A C   1 
ATOM   797  O O   . SER A 1 116 ? 16.60803  3.37551   -5.93683  1.000 52.49000 ? 106 SER A O   1 
ATOM   798  C CB  . SER A 1 116 ? 16.56355  0.12959   -7.10341  1.000 60.03000 ? 106 SER A CB  1 
ATOM   799  O OG  . SER A 1 116 ? 16.09582  -1.11899  -6.62695  1.000 68.42000 ? 106 SER A OG  1 
ATOM   800  N N   . ASP A 1 117 ? 16.49588  2.95512   -8.14867  1.000 63.46000 ? 107 ASP A N   1 
ATOM   801  C CA  . ASP A 1 117 ? 17.10163  4.23456   -8.50896  1.000 59.85000 ? 107 ASP A CA  1 
ATOM   802  C C   . ASP A 1 117 ? 16.22256  5.40205   -8.08396  1.000 59.36000 ? 107 ASP A C   1 
ATOM   803  O O   . ASP A 1 117 ? 16.72602  6.42704   -7.60570  1.000 66.71000 ? 107 ASP A O   1 
ATOM   804  C CB  . ASP A 1 117 ? 17.35628  4.28681   -10.01744 1.000 57.26000 ? 107 ASP A CB  1 
ATOM   805  C CG  . ASP A 1 117 ? 18.00216  3.01791   -10.54596 1.000 72.28000 ? 107 ASP A CG  1 
ATOM   806  O OD1 . ASP A 1 117 ? 18.35936  2.14111   -9.72827  1.000 62.38000 ? 107 ASP A OD1 1 
ATOM   807  O OD2 . ASP A 1 117 ? 18.14568  2.89358   -11.77928 1.000 74.69000 ? 107 ASP A OD2 1 
ATOM   808  N N   . LEU A 1 118 ? 14.90455  5.26585   -8.25929  1.000 52.14000 ? 108 LEU A N   1 
ATOM   809  C CA  . LEU A 1 118 ? 13.98750  6.34589   -7.90628  1.000 60.13000 ? 108 LEU A CA  1 
ATOM   810  C C   . LEU A 1 118 ? 14.12465  6.72290   -6.43760  1.000 55.71000 ? 108 LEU A C   1 
ATOM   811  O O   . LEU A 1 118 ? 14.25080  7.90634   -6.09220  1.000 55.83000 ? 108 LEU A O   1 
ATOM   812  C CB  . LEU A 1 118 ? 12.54826  5.93261   -8.21935  1.000 51.53000 ? 108 LEU A CB  1 
ATOM   813  C CG  . LEU A 1 118 ? 11.64972  6.96157   -8.90443  1.000 52.17000 ? 108 LEU A CG  1 
ATOM   814  C CD1 . LEU A 1 118 ? 12.37965  7.68236   -10.02638 1.000 42.05000 ? 108 LEU A CD1 1 
ATOM   815  C CD2 . LEU A 1 118 ? 10.37759  6.29948   -9.41360  1.000 47.83000 ? 108 LEU A CD2 1 
ATOM   816  N N   . GLU A 1 119 ? 14.08836  5.72292   -5.55684  1.000 59.57000 ? 109 GLU A N   1 
ATOM   817  C CA  . GLU A 1 119 ? 14.20135  5.98912   -4.13085  1.000 62.88000 ? 109 GLU A CA  1 
ATOM   818  C C   . GLU A 1 119 ? 15.60833  6.43176   -3.77081  1.000 62.24000 ? 109 GLU A C   1 
ATOM   819  O O   . GLU A 1 119 ? 15.77695  7.36634   -2.98655  1.000 63.43000 ? 109 GLU A O   1 
ATOM   820  C CB  . GLU A 1 119 ? 13.78359  4.75842   -3.33020  1.000 71.98000 ? 109 GLU A CB  1 
ATOM   821  C CG  . GLU A 1 119 ? 13.40705  5.06292   -1.88717  1.000 68.64000 ? 109 GLU A CG  1 
ATOM   822  C CD  . GLU A 1 119 ? 13.30762  3.81113   -1.03750  1.000 81.69000 ? 109 GLU A CD  1 
ATOM   823  O OE1 . GLU A 1 119 ? 14.28883  3.03610   -1.00293  1.000 83.96000 ? 109 GLU A OE1 1 
ATOM   824  O OE2 . GLU A 1 119 ? 12.24444  3.59785   -0.41213  1.000 75.56000 ? 109 GLU A OE2 1 
ATOM   825  N N   . ALA A 1 120 ? 16.63022  5.81235   -4.36912  1.000 65.83000 ? 110 ALA A N   1 
ATOM   826  C CA  . ALA A 1 120 ? 17.99242  6.28175   -4.15516  1.000 66.55000 ? 110 ALA A CA  1 
ATOM   827  C C   . ALA A 1 120 ? 18.13201  7.76537   -4.47323  1.000 64.73000 ? 110 ALA A C   1 
ATOM   828  O O   . ALA A 1 120 ? 18.93417  8.46301   -3.84310  1.000 75.12000 ? 110 ALA A O   1 
ATOM   829  C CB  . ALA A 1 120 ? 18.96602  5.46192   -5.00216  1.000 55.82000 ? 110 ALA A CB  1 
ATOM   830  N N   . GLU A 1 121 ? 17.34999  8.26900   -5.42835  1.000 63.69000 ? 111 GLU A N   1 
ATOM   831  C CA  . GLU A 1 121 ? 17.44878  9.67677   -5.79711  1.000 61.68000 ? 111 GLU A CA  1 
ATOM   832  C C   . GLU A 1 121 ? 16.59399  10.58392  -4.91203  1.000 65.62000 ? 111 GLU A C   1 
ATOM   833  O O   . GLU A 1 121 ? 17.08364  11.61195  -4.43331  1.000 66.61000 ? 111 GLU A O   1 
ATOM   834  C CB  . GLU A 1 121 ? 17.06953  9.86689   -7.26961  1.000 57.53000 ? 111 GLU A CB  1 
ATOM   835  C CG  . GLU A 1 121 ? 16.90480  11.32861  -7.67190  1.000 59.13000 ? 111 GLU A CG  1 
ATOM   836  C CD  . GLU A 1 121 ? 16.86659  11.53370  -9.17728  1.000 68.41000 ? 111 GLU A CD  1 
ATOM   837  O OE1 . GLU A 1 121 ? 16.89612  10.53146  -9.92565  1.000 62.28000 ? 111 GLU A OE1 1 
ATOM   838  O OE2 . GLU A 1 121 ? 16.80289  12.70462  -9.61339  1.000 68.36000 ? 111 GLU A OE2 1 
ATOM   839  N N   . PHE A 1 122 ? 15.32312  10.23113  -4.68142  1.000 66.23000 ? 112 PHE A N   1 
ATOM   840  C CA  . PHE A 1 122 ? 14.39192  11.13580  -4.00751  1.000 64.67000 ? 112 PHE A CA  1 
ATOM   841  C C   . PHE A 1 122 ? 13.98074  10.67835  -2.60811  1.000 69.93000 ? 112 PHE A C   1 
ATOM   842  O O   . PHE A 1 122 ? 12.97037  11.16970  -2.09388  1.000 67.24000 ? 112 PHE A O   1 
ATOM   843  C CB  . PHE A 1 122 ? 13.11465  11.34792  -4.82703  1.000 65.94000 ? 112 PHE A CB  1 
ATOM   844  C CG  . PHE A 1 122 ? 13.33515  11.86601  -6.21806  1.000 62.97000 ? 112 PHE A CG  1 
ATOM   845  C CD1 . PHE A 1 122 ? 13.66266  13.19168  -6.43430  1.000 63.70000 ? 112 PHE A CD1 1 
ATOM   846  C CD2 . PHE A 1 122 ? 13.12194  11.04857  -7.31602  1.000 61.56000 ? 112 PHE A CD2 1 
ATOM   847  C CE1 . PHE A 1 122 ? 13.83769  13.67880  -7.71673  1.000 61.53000 ? 112 PHE A CE1 1 
ATOM   848  C CE2 . PHE A 1 122 ? 13.28848  11.53294  -8.60053  1.000 59.03000 ? 112 PHE A CE2 1 
ATOM   849  C CZ  . PHE A 1 122 ? 13.64630  12.85022  -8.79963  1.000 56.35000 ? 112 PHE A CZ  1 
ATOM   850  N N   . LYS A 1 123 ? 14.73267  9.77024   -1.97138  1.000 72.10000 ? 113 LYS A N   1 
ATOM   851  C CA  . LYS A 1 123 ? 14.29637  9.21001   -0.69178  1.000 75.41000 ? 113 LYS A CA  1 
ATOM   852  C C   . LYS A 1 123 ? 13.99250  10.29941  0.32144   1.000 64.30000 ? 113 LYS A C   1 
ATOM   853  O O   . LYS A 1 123 ? 13.08318  10.16187  1.14696   1.000 64.81000 ? 113 LYS A O   1 
ATOM   854  C CB  . LYS A 1 123 ? 15.36247  8.26522   -0.13614  1.000 69.41000 ? 113 LYS A CB  1 
ATOM   855  C CG  . LYS A 1 123 ? 14.83065  7.23751   0.85054   1.000 71.13000 ? 113 LYS A CG  1 
ATOM   856  C CD  . LYS A 1 123 ? 15.94730  6.33801   1.36389   1.000 70.62000 ? 113 LYS A CD  1 
ATOM   857  C CE  . LYS A 1 123 ? 16.21378  5.17287   0.41890   1.000 70.17000 ? 113 LYS A CE  1 
ATOM   858  N NZ  . LYS A 1 123 ? 17.66660  4.94263   0.16150   1.000 79.17000 ? 113 LYS A NZ  1 
ATOM   859  N N   . GLN A 1 124 ? 14.74520  11.39440  0.26000   1.000 68.12000 ? 114 GLN A N   1 
ATOM   860  C CA  . GLN A 1 124 ? 14.53068  12.50886  1.16820   1.000 77.31000 ? 114 GLN A CA  1 
ATOM   861  C C   . GLN A 1 124 ? 13.17384  13.15268  0.93456   1.000 66.25000 ? 114 GLN A C   1 
ATOM   862  O O   . GLN A 1 124 ? 12.54731  13.64372  1.88183   1.000 72.21000 ? 114 GLN A O   1 
ATOM   863  C CB  . GLN A 1 124 ? 15.65644  13.53140  0.99857   1.000 77.37000 ? 114 GLN A CB  1 
ATOM   864  C CG  . GLN A 1 124 ? 17.04643  12.98278  1.33400   1.000 78.65000 ? 114 GLN A CG  1 
ATOM   865  C CD  . GLN A 1 124 ? 17.53061  11.93628  0.33647   1.000 86.25000 ? 114 GLN A CD  1 
ATOM   866  O OE1 . GLN A 1 124 ? 17.44878  12.13076  -0.87881  1.000 84.01000 ? 114 GLN A OE1 1 
ATOM   867  N NE2 . GLN A 1 124 ? 17.99540  10.80160  0.84935   1.000 81.13000 ? 114 GLN A NE2 1 
ATOM   868  N N   . GLN A 1 125 ? 12.70037  13.14611  -0.30931  1.000 64.02000 ? 115 GLN A N   1 
ATOM   869  C CA  . GLN A 1 125 ? 11.45799  13.80128  -0.68637  1.000 63.82000 ? 115 GLN A CA  1 
ATOM   870  C C   . GLN A 1 125 ? 10.24991  12.86986  -0.63091  1.000 64.16000 ? 115 GLN A C   1 
ATOM   871  O O   . GLN A 1 125 ? 9.18866   13.22644  -1.15127  1.000 60.23000 ? 115 GLN A O   1 
ATOM   872  C CB  . GLN A 1 125 ? 11.58858  14.38479  -2.09848  1.000 67.23000 ? 115 GLN A CB  1 
ATOM   873  C CG  . GLN A 1 125 ? 12.83986  15.23626  -2.41215  1.000 68.51000 ? 115 GLN A CG  1 
ATOM   874  C CD  . GLN A 1 125 ? 13.26920  16.21476  -1.31518  1.000 75.72000 ? 115 GLN A CD  1 
ATOM   875  O OE1 . GLN A 1 125 ? 13.52788  15.83861  -0.17304  1.000 79.80000 ? 115 GLN A OE1 1 
ATOM   876  N NE2 . GLN A 1 125 ? 13.31769  17.49403  -1.66855  1.000 72.38000 ? 115 GLN A NE2 1 
ATOM   877  N N   . ALA A 1 126 ? 10.38332  11.69659  -0.01823  1.000 58.43000 ? 116 ALA A N   1 
ATOM   878  C CA  . ALA A 1 126 ? 9.30343   10.71919  -0.02967  1.000 47.99000 ? 116 ALA A CA  1 
ATOM   879  C C   . ALA A 1 126 ? 8.14470   11.16504  0.85640   1.000 61.37000 ? 116 ALA A C   1 
ATOM   880  O O   . ALA A 1 126 ? 8.33364   11.81399  1.88907   1.000 64.56000 ? 116 ALA A O   1 
ATOM   881  C CB  . ALA A 1 126 ? 9.81354   9.35521   0.43322   1.000 55.64000 ? 116 ALA A CB  1 
ATOM   882  N N   . ILE A 1 127 ? 6.92987   10.81479  0.43755   1.000 57.26000 ? 117 ILE A N   1 
ATOM   883  C CA  . ILE A 1 127 ? 5.73251   10.97715  1.25914   1.000 47.87000 ? 117 ILE A CA  1 
ATOM   884  C C   . ILE A 1 127 ? 5.21988   9.58452   1.59904   1.000 52.69000 ? 117 ILE A C   1 
ATOM   885  O O   . ILE A 1 127 ? 4.82130   8.82370   0.70711   1.000 42.95000 ? 117 ILE A O   1 
ATOM   886  C CB  . ILE A 1 127 ? 4.65512   11.81460  0.55525   1.000 45.45000 ? 117 ILE A CB  1 
ATOM   887  C CG1 . ILE A 1 127 ? 5.11469   13.26786  0.42670   1.000 50.92000 ? 117 ILE A CG1 1 
ATOM   888  C CG2 . ILE A 1 127 ? 3.33371   11.72190  1.30056   1.000 49.22000 ? 117 ILE A CG2 1 
ATOM   889  C CD1 . ILE A 1 127 ? 5.64865   13.84475  1.71821   1.000 57.24000 ? 117 ILE A CD1 1 
ATOM   890  N N   . SER A 1 128 ? 5.24438   9.24262   2.88258   1.000 45.54000 ? 118 SER A N   1 
ATOM   891  C CA  . SER A 1 128 ? 4.95227   7.89054   3.32535   1.000 45.54000 ? 118 SER A CA  1 
ATOM   892  C C   . SER A 1 128 ? 3.81479   7.88425   4.33312   1.000 46.88000 ? 118 SER A C   1 
ATOM   893  O O   . SER A 1 128 ? 3.55854   8.87752   5.01911   1.000 44.27000 ? 118 SER A O   1 
ATOM   894  C CB  . SER A 1 128 ? 6.18272   7.23582   3.95322   1.000 46.47000 ? 118 SER A CB  1 
ATOM   895  O OG  . SER A 1 128 ? 7.30309   7.35196   3.09870   1.000 55.76000 ? 118 SER A OG  1 
ATOM   896  N N   . LYS A 1 129 ? 3.14247   6.74207   4.41327   1.000 41.26000 ? 119 LYS A N   1 
ATOM   897  C CA  . LYS A 1 129 ? 2.13942   6.50132   5.44005   1.000 36.69000 ? 119 LYS A CA  1 
ATOM   898  C C   . LYS A 1 129 ? 2.28037   5.07897   5.95130   1.000 44.73000 ? 119 LYS A C   1 
ATOM   899  O O   . LYS A 1 129 ? 2.39989   4.13467   5.16557   1.000 43.57000 ? 119 LYS A O   1 
ATOM   900  C CB  . LYS A 1 129 ? 0.71072   6.70879   4.92680   1.000 34.98000 ? 119 LYS A CB  1 
ATOM   901  C CG  . LYS A 1 129 ? -0.32621  6.92577   6.03246   1.000 43.56000 ? 119 LYS A CG  1 
ATOM   902  C CD  . LYS A 1 129 ? -1.74446  6.91772   5.47521   1.000 43.65000 ? 119 LYS A CD  1 
ATOM   903  C CE  . LYS A 1 129 ? -2.74108  7.62225   6.39547   1.000 59.87000 ? 119 LYS A CE  1 
ATOM   904  N NZ  . LYS A 1 129 ? -2.20261  7.89551   7.75789   1.000 63.82000 ? 119 LYS A NZ  1 
ATOM   905  N N   . LYS A 1 130 ? 2.26359   4.93291   7.27017   1.000 37.98000 ? 120 LYS A N   1 
ATOM   906  C CA  . LYS A 1 130 ? 2.14195   3.62732   7.90013   1.000 42.48000 ? 120 LYS A CA  1 
ATOM   907  C C   . LYS A 1 130 ? 0.66247   3.35308   8.13486   1.000 47.31000 ? 120 LYS A C   1 
ATOM   908  O O   . LYS A 1 130 ? 0.00678   4.07199   8.89717   1.000 49.34000 ? 120 LYS A O   1 
ATOM   909  C CB  . LYS A 1 130 ? 2.91466   3.58228   9.21706   1.000 47.92000 ? 120 LYS A CB  1 
ATOM   910  C CG  . LYS A 1 130 ? 4.39473   3.25441   9.07270   1.000 63.84000 ? 120 LYS A CG  1 
ATOM   911  C CD  . LYS A 1 130 ? 5.24565   4.51800   9.04347   1.000 63.91000 ? 120 LYS A CD  1 
ATOM   912  C CE  . LYS A 1 130 ? 6.66082   4.24604   9.54516   1.000 61.92000 ? 120 LYS A CE  1 
ATOM   913  N NZ  . LYS A 1 130 ? 7.68489   5.04206   8.81025   1.000 61.08000 ? 120 LYS A NZ  1 
ATOM   914  N N   . ILE A 1 131 ? 0.13226   2.33807   7.46269   1.000 34.49000 ? 121 ILE A N   1 
ATOM   915  C CA  . ILE A 1 131 ? -1.25168  1.91003   7.61767   1.000 36.79000 ? 121 ILE A CA  1 
ATOM   916  C C   . ILE A 1 131 ? -1.27519  0.71974   8.56197   1.000 45.98000 ? 121 ILE A C   1 
ATOM   917  O O   . ILE A 1 131 ? -0.60653  -0.29235  8.31481   1.000 43.53000 ? 121 ILE A O   1 
ATOM   918  C CB  . ILE A 1 131 ? -1.87937  1.54981   6.25941   1.000 37.23000 ? 121 ILE A CB  1 
ATOM   919  C CG1 . ILE A 1 131 ? -1.94998  2.78280   5.35197   1.000 40.58000 ? 121 ILE A CG1 1 
ATOM   920  C CG2 . ILE A 1 131 ? -3.25696  0.93444   6.44822   1.000 35.17000 ? 121 ILE A CG2 1 
ATOM   921  C CD1 . ILE A 1 131 ? -2.50696  2.49412   3.96619   1.000 37.01000 ? 121 ILE A CD1 1 
ATOM   922  N N   . LYS A 1 132 ? -2.02835  0.84031   9.65025   1.000 41.04000 ? 122 LYS A N   1 
ATOM   923  C CA  . LYS A 1 132 ? -2.15820  -0.25750  10.59337  1.000 40.51000 ? 122 LYS A CA  1 
ATOM   924  C C   . LYS A 1 132 ? -3.27650  -1.20197  10.16625  1.000 36.89000 ? 122 LYS A C   1 
ATOM   925  O O   . LYS A 1 132 ? -4.04642  -0.92832  9.24220   1.000 40.44000 ? 122 LYS A O   1 
ATOM   926  C CB  . LYS A 1 132 ? -2.42813  0.25735   12.00606  1.000 43.61000 ? 122 LYS A CB  1 
ATOM   927  C CG  . LYS A 1 132 ? -1.75438  1.56490   12.36375  1.000 56.39000 ? 122 LYS A CG  1 
ATOM   928  C CD  . LYS A 1 132 ? -0.30414  1.35050   12.77384  1.000 59.36000 ? 122 LYS A CD  1 
ATOM   929  C CE  . LYS A 1 132 ? 0.11971   2.41804   13.77162  1.000 68.83000 ? 122 LYS A CE  1 
ATOM   930  N NZ  . LYS A 1 132 ? 0.21208   3.75690   13.13074  1.000 68.62000 ? 122 LYS A NZ  1 
ATOM   931  N N   . VAL A 1 133 ? -3.36106  -2.33122  10.86420  1.000 39.84000 ? 123 VAL A N   1 
ATOM   932  C CA  . VAL A 1 133 ? -4.39237  -3.33355  10.63274  1.000 42.21000 ? 123 VAL A CA  1 
ATOM   933  C C   . VAL A 1 133 ? -5.04103  -3.67413  11.96497  1.000 40.97000 ? 123 VAL A C   1 
ATOM   934  O O   . VAL A 1 133 ? -4.35722  -3.80398  12.98684  1.000 39.45000 ? 123 VAL A O   1 
ATOM   935  C CB  . VAL A 1 133 ? -3.82120  -4.60058  9.96322   1.000 41.04000 ? 123 VAL A CB  1 
ATOM   936  C CG1 . VAL A 1 133 ? -4.92758  -5.60632  9.67538   1.000 39.39000 ? 123 VAL A CG1 1 
ATOM   937  C CG2 . VAL A 1 133 ? -3.09814  -4.23086  8.68884   1.000 42.35000 ? 123 VAL A CG2 1 
ATOM   938  N N   . LYS A 1 134 ? -6.36198  -3.81293  11.95267  1.000 44.86000 ? 124 LYS A N   1 
ATOM   939  C CA  . LYS A 1 134 ? -7.12396  -4.16406  13.14104  1.000 49.62000 ? 124 LYS A CA  1 
ATOM   940  C C   . LYS A 1 134 ? -8.02505  -5.34403  12.81088  1.000 43.13000 ? 124 LYS A C   1 
ATOM   941  O O   . LYS A 1 134 ? -8.69504  -5.34675  11.77288  1.000 43.96000 ? 124 LYS A O   1 
ATOM   942  C CB  . LYS A 1 134 ? -7.94802  -2.96928  13.63248  1.000 38.97000 ? 124 LYS A CB  1 
ATOM   943  C CG  . LYS A 1 134 ? -8.98383  -3.30310  14.68907  1.000 53.59000 ? 124 LYS A CG  1 
ATOM   944  C CD  . LYS A 1 134 ? -9.86906  -2.09380  14.98464  1.000 45.13000 ? 124 LYS A CD  1 
ATOM   945  C CE  . LYS A 1 134 ? -10.70042 -2.30497  16.24208  1.000 50.76000 ? 124 LYS A CE  1 
ATOM   946  N NZ  . LYS A 1 134 ? -9.85554  -2.40620  17.46507  1.000 55.29000 ? 124 LYS A NZ  1 
ATOM   947  N N   . TYR A 1 135 ? -8.02757  -6.34730  13.68306  1.000 43.77000 ? 125 TYR A N   1 
ATOM   948  C CA  . TYR A 1 135 ? -8.90053  -7.49903  13.52336  1.000 46.42000 ? 125 TYR A CA  1 
ATOM   949  C C   . TYR A 1 135 ? -10.19323 -7.27365  14.29431  1.000 48.43000 ? 125 TYR A C   1 
ATOM   950  O O   . TYR A 1 135 ? -10.16390 -6.96464  15.48942  1.000 59.75000 ? 125 TYR A O   1 
ATOM   951  C CB  . TYR A 1 135 ? -8.20762  -8.77155  14.00849  1.000 47.91000 ? 125 TYR A CB  1 
ATOM   952  C CG  . TYR A 1 135 ? -7.15013  -9.28230  13.05980  1.000 51.15000 ? 125 TYR A CG  1 
ATOM   953  C CD1 . TYR A 1 135 ? -7.11199  -8.85350  11.74025  1.000 48.92000 ? 125 TYR A CD1 1 
ATOM   954  C CD2 . TYR A 1 135 ? -6.18800  -10.19010 13.48224  1.000 52.20000 ? 125 TYR A CD2 1 
ATOM   955  C CE1 . TYR A 1 135 ? -6.14331  -9.31689  10.86604  1.000 48.52000 ? 125 TYR A CE1 1 
ATOM   956  C CE2 . TYR A 1 135 ? -5.21485  -10.65559 12.61661  1.000 50.10000 ? 125 TYR A CE2 1 
ATOM   957  C CZ  . TYR A 1 135 ? -5.19796  -10.21750 11.31107  1.000 48.62000 ? 125 TYR A CZ  1 
ATOM   958  O OH  . TYR A 1 135 ? -4.23335  -10.67690 10.44052  1.000 50.64000 ? 125 TYR A OH  1 
ATOM   959  N N   . LEU A 1 136 ? -11.31895 -7.42698  13.60958  1.000 45.64000 ? 126 LEU A N   1 
ATOM   960  C CA  . LEU A 1 136 ? -12.61735 -7.28998  14.24891  1.000 52.96000 ? 126 LEU A CA  1 
ATOM   961  C C   . LEU A 1 136 ? -13.43293 -8.56898  14.08047  1.000 55.21000 ? 126 LEU A C   1 
ATOM   962  O O   . LEU A 1 136 ? -14.46524 -8.57539  13.40889  1.000 58.38000 ? 126 LEU A O   1 
ATOM   963  C CB  . LEU A 1 136 ? -13.37423 -6.09142  13.67527  1.000 56.19000 ? 126 LEU A CB  1 
ATOM   964  C CG  . LEU A 1 136 ? -14.38514 -5.45049  14.62056  1.000 59.52000 ? 126 LEU A CG  1 
ATOM   965  C CD1 . LEU A 1 136 ? -13.67889 -4.96700  15.87676  1.000 61.18000 ? 126 LEU A CD1 1 
ATOM   966  C CD2 . LEU A 1 136 ? -15.10967 -4.30336  13.93525  1.000 54.08000 ? 126 LEU A CD2 1 
HETATM 967  O O   . HOH B 2 .   ? -7.86497  -20.54171 7.34473   1.000 57.64000 ? 201 HOH A O   1 
HETATM 968  O O   . HOH B 2 .   ? -14.66004 -5.88133  -2.07711  1.000 52.22000 ? 202 HOH A O   1 
HETATM 969  O O   . HOH B 2 .   ? 6.57248   -3.51352  -3.09717  1.000 48.45000 ? 203 HOH A O   1 
HETATM 970  O O   . HOH B 2 .   ? -6.78815  -18.15062 2.18095   1.000 51.02000 ? 204 HOH A O   1 
HETATM 971  O O   . HOH B 2 .   ? 13.59306  -1.99972  -7.48796  1.000 45.97000 ? 205 HOH A O   1 
HETATM 972  O O   . HOH B 2 .   ? 6.30715   -2.64930  -10.35628 1.000 54.42000 ? 206 HOH A O   1 
HETATM 973  O O   . HOH B 2 .   ? -10.33189 -9.44179  -3.66721  1.000 46.10000 ? 207 HOH A O   1 
HETATM 974  O O   . HOH B 2 .   ? -11.45940 -11.91199 6.83956   1.000 42.70000 ? 208 HOH A O   1 
HETATM 975  O O   . HOH B 2 .   ? -3.23367  13.66217  -15.40618 1.000 37.75000 ? 209 HOH A O   1 
HETATM 976  O O   . HOH B 2 .   ? 3.57842   -5.10891  -9.25353  1.000 58.22000 ? 210 HOH A O   1 
HETATM 977  O O   . HOH B 2 .   ? -12.96942 -7.64358  5.74452   1.000 42.64000 ? 211 HOH A O   1 
HETATM 978  O O   . HOH B 2 .   ? 16.29773  8.10401   -10.57387 1.000 65.73000 ? 212 HOH A O   1 
HETATM 979  O O   . HOH B 2 .   ? -9.02022  8.01510   10.88875  1.000 59.91000 ? 213 HOH A O   1 
HETATM 980  O O   . HOH B 2 .   ? -6.63268  13.03026  -7.31725  1.000 57.34000 ? 214 HOH A O   1 
HETATM 981  O O   . HOH B 2 .   ? -8.42380  11.57531  -7.96293  1.000 42.59000 ? 215 HOH A O   1 
HETATM 982  O O   . HOH B 2 .   ? 8.74375   14.67847  -16.35403 1.000 49.08000 ? 216 HOH A O   1 
HETATM 983  O O   . HOH B 2 .   ? 10.11197  7.90110   -13.11321 1.000 36.57000 ? 217 HOH A O   1 
HETATM 984  O O   . HOH B 2 .   ? 3.44315   -5.49598  -0.83653  1.000 47.16000 ? 218 HOH A O   1 
HETATM 985  O O   . HOH B 2 .   ? -9.59757  -1.75858  -6.66468  1.000 52.59000 ? 219 HOH A O   1 
HETATM 986  O O   . HOH B 2 .   ? -8.98782  -9.30929  -6.36028  1.000 48.31000 ? 220 HOH A O   1 
HETATM 987  O O   . HOH B 2 .   ? -1.79729  -2.98460  13.19727  1.000 44.05000 ? 221 HOH A O   1 
HETATM 988  O O   . HOH B 2 .   ? -11.57533 -11.16873 -0.61588  1.000 44.77000 ? 222 HOH A O   1 
HETATM 989  O O   . HOH B 2 .   ? -11.46480 -6.19513  -5.21703  1.000 45.87000 ? 223 HOH A O   1 
HETATM 990  O O   . HOH B 2 .   ? -10.90170 -1.13826  5.83735   1.000 48.92000 ? 224 HOH A O   1 
HETATM 991  O O   . HOH B 2 .   ? 5.31189   6.45332   -21.80413 1.000 41.60000 ? 225 HOH A O   1 
HETATM 992  O O   . HOH B 2 .   ? -0.95688  3.14924   -12.73037 1.000 48.87000 ? 226 HOH A O   1 
HETATM 993  O O   . HOH B 2 .   ? 7.22652   10.32361  -22.31381 1.000 37.78000 ? 227 HOH A O   1 
HETATM 994  O O   . HOH B 2 .   ? -10.84911 1.94106   7.58654   1.000 57.66000 ? 228 HOH A O   1 
HETATM 995  O O   . HOH B 2 .   ? -14.71695 -5.54396  1.07394   1.000 53.25000 ? 229 HOH A O   1 
HETATM 996  O O   . HOH B 2 .   ? 3.46516   -8.16726  11.25389  1.000 48.20000 ? 230 HOH A O   1 
HETATM 997  O O   . HOH B 2 .   ? 12.64361  -6.75658  -14.36283 1.000 52.64000 ? 231 HOH A O   1 
HETATM 998  O O   . HOH B 2 .   ? -8.92921  -9.40791  17.71347  1.000 60.92000 ? 232 HOH A O   1 
HETATM 999  O O   . HOH B 2 .   ? 2.54579   -10.74550 -0.06768  1.000 42.29000 ? 233 HOH A O   1 
HETATM 1000 O O   . HOH B 2 .   ? 6.59536   5.61248   -18.46936 1.000 37.01000 ? 234 HOH A O   1 
HETATM 1001 O O   . HOH B 2 .   ? -3.75700  17.55546  -10.13422 1.000 57.90000 ? 235 HOH A O   1 
HETATM 1002 O O   . HOH B 2 .   ? 6.63858   -6.28315  0.76858   1.000 55.31000 ? 236 HOH A O   1 
HETATM 1003 O O   . HOH B 2 .   ? -7.63317  1.93804   -9.05862  1.000 49.17000 ? 237 HOH A O   1 
HETATM 1004 O O   . HOH B 2 .   ? -5.66573  -0.30614  -9.13297  1.000 55.95000 ? 238 HOH A O   1 
HETATM 1005 O O   . HOH B 2 .   ? 5.79310   0.90346   -18.07240 1.000 51.91000 ? 239 HOH A O   1 
HETATM 1006 O O   . HOH B 2 .   ? 6.75301   3.13183   -19.93844 1.000 44.09000 ? 240 HOH A O   1 
HETATM 1007 O O   . HOH B 2 .   ? 6.15258   10.81182  5.18729   1.000 51.63000 ? 241 HOH A O   1 
HETATM 1008 O O   . HOH B 2 .   ? -7.37481  -18.23714 19.13847  1.000 62.19000 ? 242 HOH A O   1 
HETATM 1009 O O   . HOH B 2 .   ? -6.44118  -5.95943  16.14923  1.000 42.57000 ? 243 HOH A O   1 
HETATM 1010 O O   . HOH B 2 .   ? -9.10939  -5.50169  17.85516  1.000 54.07000 ? 244 HOH A O   1 
HETATM 1011 O O   . HOH B 2 .   ? -14.19034 -8.98950  1.03190   1.000 41.24000 ? 245 HOH A O   1 
HETATM 1012 O O   . HOH B 2 .   ? 2.33011   7.39781   9.11284   1.000 45.39000 ? 246 HOH A O   1 
HETATM 1013 O O   . HOH B 2 .   ? 12.36799  7.89253   3.12272   1.000 54.37000 ? 247 HOH A O   1 
HETATM 1014 O O   . HOH B 2 .   ? 0.09614   7.00380   9.93395   1.000 58.53000 ? 248 HOH A O   1 
HETATM 1015 O O   . HOH B 2 .   ? 4.33813   -13.08345 7.00854   1.000 39.10000 ? 249 HOH A O   1 
HETATM 1016 O O   . HOH B 2 .   ? 13.18850  5.27148   -15.92322 1.000 41.37000 ? 250 HOH A O   1 
HETATM 1017 O O   . HOH B 2 .   ? -2.97707  11.56392  3.41522   1.000 57.87000 ? 251 HOH A O   1 
HETATM 1018 O O   . HOH B 2 .   ? 1.71132   -8.83642  -2.66195  1.000 48.41000 ? 252 HOH A O   1 
HETATM 1019 O O   . HOH B 2 .   ? -1.24727  15.57806  2.04414   1.000 56.66000 ? 253 HOH A O   1 
HETATM 1020 O O   . HOH B 2 .   ? 1.46044   1.63543   -13.04596 1.000 47.86000 ? 254 HOH A O   1 
HETATM 1021 O O   . HOH B 2 .   ? 0.96892   -9.60366  -4.93746  1.000 55.86000 ? 255 HOH A O   1 
HETATM 1022 O O   . HOH B 2 .   ? 4.50448   9.26527   -22.08597 1.000 38.31000 ? 256 HOH A O   1 
HETATM 1023 O O   . HOH B 2 .   ? -10.60929 3.21895   -0.34013  1.000 59.90000 ? 257 HOH A O   1 
HETATM 1024 O O   . HOH B 2 .   ? 7.68909   -8.24066  1.41770   1.000 51.86000 ? 258 HOH A O   1 
HETATM 1025 O O   . HOH B 2 .   ? 18.46006  10.01350  -13.84942 1.000 55.72000 ? 259 HOH A O   1 
HETATM 1026 O O   . HOH B 2 .   ? -4.71841  -18.95629 1.52846   1.000 54.29000 ? 260 HOH A O   1 
HETATM 1027 O O   . HOH B 2 .   ? 12.42427  6.26359   -13.58226 1.000 40.99000 ? 261 HOH A O   1 
HETATM 1028 O O   . HOH B 2 .   ? 12.52929  -2.76444  -4.84600  1.000 52.97000 ? 262 HOH A O   1 
HETATM 1029 O O   . HOH B 2 .   ? -15.56776 -9.08036  5.26059   1.000 60.82000 ? 263 HOH A O   1 
HETATM 1030 O O   . HOH B 2 .   ? 3.98106   -12.66335 9.48690   1.000 48.14000 ? 264 HOH A O   1 
HETATM 1031 O O   . HOH B 2 .   ? -13.77170 0.39542   1.66369   1.000 45.77000 ? 265 HOH A O   1 
HETATM 1032 O O   . HOH B 2 .   ? 17.17204  7.84049   -14.95271 1.000 55.53000 ? 266 HOH A O   1 
# 
